data_1DO1
# 
_entry.id   1DO1 
# 
_audit_conform.dict_name       mmcif_pdbx.dic 
_audit_conform.dict_version    5.398 
_audit_conform.dict_location   http://mmcif.pdb.org/dictionaries/ascii/mmcif_pdbx.dic 
# 
loop_
_database_2.database_id 
_database_2.database_code 
_database_2.pdbx_database_accession 
_database_2.pdbx_DOI 
PDB   1DO1         pdb_00001do1 10.2210/pdb1do1/pdb 
RCSB  RCSB010237   ?            ?                   
WWPDB D_1000010237 ?            ?                   
# 
loop_
_pdbx_audit_revision_history.ordinal 
_pdbx_audit_revision_history.data_content_type 
_pdbx_audit_revision_history.major_revision 
_pdbx_audit_revision_history.minor_revision 
_pdbx_audit_revision_history.revision_date 
1 'Structure model' 1 0 2000-01-05 
2 'Structure model' 1 1 2008-04-27 
3 'Structure model' 1 2 2011-07-13 
4 'Structure model' 1 3 2017-10-04 
5 'Structure model' 2 0 2020-07-29 
6 'Structure model' 2 1 2021-11-03 
7 'Structure model' 2 2 2022-12-21 
8 'Structure model' 2 3 2023-09-20 
9 'Structure model' 2 4 2024-11-06 
# 
loop_
_pdbx_audit_revision_details.ordinal 
_pdbx_audit_revision_details.revision_ordinal 
_pdbx_audit_revision_details.data_content_type 
_pdbx_audit_revision_details.provider 
_pdbx_audit_revision_details.type 
_pdbx_audit_revision_details.description 
_pdbx_audit_revision_details.details 
1 1 'Structure model' repository 'Initial release' ?                          ? 
2 5 'Structure model' repository Remediation       'Carbohydrate remediation' ? 
# 
loop_
_pdbx_audit_revision_group.ordinal 
_pdbx_audit_revision_group.revision_ordinal 
_pdbx_audit_revision_group.data_content_type 
_pdbx_audit_revision_group.group 
1  2 'Structure model' 'Version format compliance' 
2  3 'Structure model' 'Version format compliance' 
3  4 'Structure model' 'Refinement description'    
4  5 'Structure model' 'Atomic model'              
5  5 'Structure model' 'Data collection'           
6  5 'Structure model' 'Derived calculations'      
7  5 'Structure model' 'Structure summary'         
8  6 'Structure model' 'Database references'       
9  6 'Structure model' 'Structure summary'         
10 7 'Structure model' 'Database references'       
11 8 'Structure model' 'Data collection'           
12 8 'Structure model' 'Refinement description'    
13 9 'Structure model' 'Structure summary'         
# 
loop_
_pdbx_audit_revision_category.ordinal 
_pdbx_audit_revision_category.revision_ordinal 
_pdbx_audit_revision_category.data_content_type 
_pdbx_audit_revision_category.category 
1  4 'Structure model' software                      
2  5 'Structure model' atom_site                     
3  5 'Structure model' chem_comp                     
4  5 'Structure model' entity                        
5  5 'Structure model' entity_name_com               
6  5 'Structure model' pdbx_branch_scheme            
7  5 'Structure model' pdbx_chem_comp_identifier     
8  5 'Structure model' pdbx_entity_branch            
9  5 'Structure model' pdbx_entity_branch_descriptor 
10 5 'Structure model' pdbx_entity_branch_link       
11 5 'Structure model' pdbx_entity_branch_list       
12 5 'Structure model' pdbx_entity_nonpoly           
13 5 'Structure model' pdbx_molecule_features        
14 5 'Structure model' pdbx_nonpoly_scheme           
15 5 'Structure model' pdbx_struct_assembly_gen      
16 5 'Structure model' pdbx_struct_conn_angle        
17 5 'Structure model' pdbx_struct_special_symmetry  
18 5 'Structure model' struct_asym                   
19 5 'Structure model' struct_conn                   
20 5 'Structure model' struct_site                   
21 5 'Structure model' struct_site_gen               
22 6 'Structure model' chem_comp                     
23 6 'Structure model' database_2                    
24 6 'Structure model' struct_ref_seq_dif            
25 7 'Structure model' struct_ref_seq_dif            
26 8 'Structure model' chem_comp_atom                
27 8 'Structure model' chem_comp_bond                
28 8 'Structure model' pdbx_initial_refinement_model 
29 9 'Structure model' pdbx_entry_details            
# 
loop_
_pdbx_audit_revision_item.ordinal 
_pdbx_audit_revision_item.revision_ordinal 
_pdbx_audit_revision_item.data_content_type 
_pdbx_audit_revision_item.item 
1  4 'Structure model' '_software.name'                              
2  5 'Structure model' '_atom_site.auth_asym_id'                     
3  5 'Structure model' '_atom_site.auth_seq_id'                      
4  5 'Structure model' '_atom_site.label_asym_id'                    
5  5 'Structure model' '_chem_comp.name'                             
6  5 'Structure model' '_chem_comp.type'                             
7  5 'Structure model' '_entity.formula_weight'                      
8  5 'Structure model' '_entity.pdbx_description'                    
9  5 'Structure model' '_entity.pdbx_number_of_molecules'            
10 5 'Structure model' '_entity.type'                                
11 5 'Structure model' '_pdbx_struct_assembly_gen.asym_id_list'      
12 5 'Structure model' '_pdbx_struct_conn_angle.ptnr1_auth_comp_id'  
13 5 'Structure model' '_pdbx_struct_conn_angle.ptnr1_auth_seq_id'   
14 5 'Structure model' '_pdbx_struct_conn_angle.ptnr1_label_asym_id' 
15 5 'Structure model' '_pdbx_struct_conn_angle.ptnr1_label_atom_id' 
16 5 'Structure model' '_pdbx_struct_conn_angle.ptnr1_label_comp_id' 
17 5 'Structure model' '_pdbx_struct_conn_angle.ptnr1_label_seq_id'  
18 5 'Structure model' '_pdbx_struct_conn_angle.ptnr2_label_asym_id' 
19 5 'Structure model' '_pdbx_struct_conn_angle.ptnr3_auth_comp_id'  
20 5 'Structure model' '_pdbx_struct_conn_angle.ptnr3_auth_seq_id'   
21 5 'Structure model' '_pdbx_struct_conn_angle.ptnr3_label_asym_id' 
22 5 'Structure model' '_pdbx_struct_conn_angle.ptnr3_label_atom_id' 
23 5 'Structure model' '_pdbx_struct_conn_angle.ptnr3_label_comp_id' 
24 5 'Structure model' '_pdbx_struct_conn_angle.ptnr3_label_seq_id'  
25 5 'Structure model' '_pdbx_struct_conn_angle.value'               
26 5 'Structure model' '_pdbx_struct_special_symmetry.label_asym_id' 
27 5 'Structure model' '_struct_conn.pdbx_dist_value'                
28 5 'Structure model' '_struct_conn.pdbx_leaving_atom_flag'         
29 5 'Structure model' '_struct_conn.ptnr1_auth_asym_id'             
30 5 'Structure model' '_struct_conn.ptnr1_auth_comp_id'             
31 5 'Structure model' '_struct_conn.ptnr1_auth_seq_id'              
32 5 'Structure model' '_struct_conn.ptnr1_label_asym_id'            
33 5 'Structure model' '_struct_conn.ptnr1_label_atom_id'            
34 5 'Structure model' '_struct_conn.ptnr1_label_comp_id'            
35 5 'Structure model' '_struct_conn.ptnr1_label_seq_id'             
36 5 'Structure model' '_struct_conn.ptnr2_auth_asym_id'             
37 5 'Structure model' '_struct_conn.ptnr2_auth_comp_id'             
38 5 'Structure model' '_struct_conn.ptnr2_auth_seq_id'              
39 5 'Structure model' '_struct_conn.ptnr2_label_asym_id'            
40 5 'Structure model' '_struct_conn.ptnr2_label_atom_id'            
41 5 'Structure model' '_struct_conn.ptnr2_label_comp_id'            
42 5 'Structure model' '_struct_conn.ptnr2_label_seq_id'             
43 6 'Structure model' '_chem_comp.pdbx_synonyms'                    
44 6 'Structure model' '_database_2.pdbx_DOI'                        
45 6 'Structure model' '_database_2.pdbx_database_accession'         
46 6 'Structure model' '_struct_ref_seq_dif.details'                 
47 7 'Structure model' '_struct_ref_seq_dif.details'                 
# 
_pdbx_database_status.status_code                     REL 
_pdbx_database_status.entry_id                        1DO1 
_pdbx_database_status.recvd_initial_deposition_date   1999-12-18 
_pdbx_database_status.deposit_site                    RCSB 
_pdbx_database_status.process_site                    RCSB 
_pdbx_database_status.SG_entry                        . 
_pdbx_database_status.pdb_format_compatible           Y 
_pdbx_database_status.status_code_mr                  ? 
_pdbx_database_status.status_code_sf                  ? 
_pdbx_database_status.status_code_cs                  ? 
_pdbx_database_status.methods_development_category    ? 
_pdbx_database_status.status_code_nmr_data            ? 
# 
loop_
_pdbx_database_related.db_name 
_pdbx_database_related.db_id 
_pdbx_database_related.details 
_pdbx_database_related.content_type 
PDB 1DO1 'CARBONMONOXY-MYOGLOBIN MUTANT L29W AT 105K'                                            unspecified 
PDB 1DO3 'CARBONMONOXY-MYOGLOBIN (MUTANT L29W) AFTER PHOTOLYSIS AT T>180K'                       unspecified 
PDB 1DO4 'CARBONMONOXY-MYOGLOBIN (MUTANT L29W) AFTER PHOTOLYSIS AT T<180K'                       unspecified 
PDB 1DO7 
;CARBONMONOXY-MYOGLOBIN (MUTANT L29W) REBINDING STRUCTURE AFTER PHOTOLYSIS AT T<
 180K
;
unspecified 
# 
loop_
_audit_author.name 
_audit_author.pdbx_ordinal 
'Ostermann, A.'  1 
'Waschipky, R.'  2 
'Parak, F.G.'    3 
'Nienhaus, G.U.' 4 
# 
_citation.id                        primary 
_citation.title                     'Ligand binding and conformational motions in myoglobin.' 
_citation.journal_abbrev            Nature 
_citation.journal_volume            404 
_citation.page_first                205 
_citation.page_last                 208 
_citation.year                      2000 
_citation.journal_id_ASTM           NATUAS 
_citation.country                   UK 
_citation.journal_id_ISSN           0028-0836 
_citation.journal_id_CSD            0006 
_citation.book_publisher            ? 
_citation.pdbx_database_id_PubMed   10724176 
_citation.pdbx_database_id_DOI      10.1038/35004622 
# 
loop_
_citation_author.citation_id 
_citation_author.name 
_citation_author.ordinal 
_citation_author.identifier_ORCID 
primary 'Ostermann, A.'  1 ? 
primary 'Waschipky, R.'  2 ? 
primary 'Parak, F.G.'    3 ? 
primary 'Nienhaus, G.U.' 4 ? 
# 
loop_
_entity.id 
_entity.type 
_entity.src_method 
_entity.pdbx_description 
_entity.formula_weight 
_entity.pdbx_number_of_molecules 
_entity.pdbx_ec 
_entity.pdbx_mutation 
_entity.pdbx_fragment 
_entity.details 
1 polymer     man MYOGLOBIN                                           17466.225 1   ? 'M0(FME), L29W, D122N' ? ? 
2 branched    man 'alpha-D-glucopyranose-(1-1)-alpha-D-glucopyranose' 342.297   1   ? ?                      ? ? 
3 non-polymer syn 'SULFATE ION'                                       96.063    2   ? ?                      ? ? 
4 non-polymer syn 'PROTOPORPHYRIN IX CONTAINING FE'                   616.487   1   ? ?                      ? ? 
5 non-polymer syn 'CARBON MONOXIDE'                                   28.010    1   ? ?                      ? ? 
6 water       nat water                                               18.015    191 ? ?                      ? ? 
# 
_entity_name_com.entity_id   2 
_entity_name_com.name        trehalose 
# 
_entity_poly.entity_id                      1 
_entity_poly.type                           'polypeptide(L)' 
_entity_poly.nstd_linkage                   no 
_entity_poly.nstd_monomer                   yes 
_entity_poly.pdbx_seq_one_letter_code       
;(FME)VLSEGEWQLVLHVWAKVEADVAGHGQDIWIRLFKSHPETLEKFDRFKHLKTEAEMKASEDLKKHGVTVLTALGAI
LKKKGHHEAELKPLAQSHATKHKIPIKYLEFISEAIIHVLHSRHPGNFGADAQGAMNKALELFRKDIAAKYKELGYQG
;
_entity_poly.pdbx_seq_one_letter_code_can   
;MVLSEGEWQLVLHVWAKVEADVAGHGQDIWIRLFKSHPETLEKFDRFKHLKTEAEMKASEDLKKHGVTVLTALGAILKKK
GHHEAELKPLAQSHATKHKIPIKYLEFISEAIIHVLHSRHPGNFGADAQGAMNKALELFRKDIAAKYKELGYQG
;
_entity_poly.pdbx_strand_id                 A 
_entity_poly.pdbx_target_identifier         ? 
# 
loop_
_pdbx_entity_nonpoly.entity_id 
_pdbx_entity_nonpoly.name 
_pdbx_entity_nonpoly.comp_id 
3 'SULFATE ION'                     SO4 
4 'PROTOPORPHYRIN IX CONTAINING FE' HEM 
5 'CARBON MONOXIDE'                 CMO 
6 water                             HOH 
# 
loop_
_entity_poly_seq.entity_id 
_entity_poly_seq.num 
_entity_poly_seq.mon_id 
_entity_poly_seq.hetero 
1 1   FME n 
1 2   VAL n 
1 3   LEU n 
1 4   SER n 
1 5   GLU n 
1 6   GLY n 
1 7   GLU n 
1 8   TRP n 
1 9   GLN n 
1 10  LEU n 
1 11  VAL n 
1 12  LEU n 
1 13  HIS n 
1 14  VAL n 
1 15  TRP n 
1 16  ALA n 
1 17  LYS n 
1 18  VAL n 
1 19  GLU n 
1 20  ALA n 
1 21  ASP n 
1 22  VAL n 
1 23  ALA n 
1 24  GLY n 
1 25  HIS n 
1 26  GLY n 
1 27  GLN n 
1 28  ASP n 
1 29  ILE n 
1 30  TRP n 
1 31  ILE n 
1 32  ARG n 
1 33  LEU n 
1 34  PHE n 
1 35  LYS n 
1 36  SER n 
1 37  HIS n 
1 38  PRO n 
1 39  GLU n 
1 40  THR n 
1 41  LEU n 
1 42  GLU n 
1 43  LYS n 
1 44  PHE n 
1 45  ASP n 
1 46  ARG n 
1 47  PHE n 
1 48  LYS n 
1 49  HIS n 
1 50  LEU n 
1 51  LYS n 
1 52  THR n 
1 53  GLU n 
1 54  ALA n 
1 55  GLU n 
1 56  MET n 
1 57  LYS n 
1 58  ALA n 
1 59  SER n 
1 60  GLU n 
1 61  ASP n 
1 62  LEU n 
1 63  LYS n 
1 64  LYS n 
1 65  HIS n 
1 66  GLY n 
1 67  VAL n 
1 68  THR n 
1 69  VAL n 
1 70  LEU n 
1 71  THR n 
1 72  ALA n 
1 73  LEU n 
1 74  GLY n 
1 75  ALA n 
1 76  ILE n 
1 77  LEU n 
1 78  LYS n 
1 79  LYS n 
1 80  LYS n 
1 81  GLY n 
1 82  HIS n 
1 83  HIS n 
1 84  GLU n 
1 85  ALA n 
1 86  GLU n 
1 87  LEU n 
1 88  LYS n 
1 89  PRO n 
1 90  LEU n 
1 91  ALA n 
1 92  GLN n 
1 93  SER n 
1 94  HIS n 
1 95  ALA n 
1 96  THR n 
1 97  LYS n 
1 98  HIS n 
1 99  LYS n 
1 100 ILE n 
1 101 PRO n 
1 102 ILE n 
1 103 LYS n 
1 104 TYR n 
1 105 LEU n 
1 106 GLU n 
1 107 PHE n 
1 108 ILE n 
1 109 SER n 
1 110 GLU n 
1 111 ALA n 
1 112 ILE n 
1 113 ILE n 
1 114 HIS n 
1 115 VAL n 
1 116 LEU n 
1 117 HIS n 
1 118 SER n 
1 119 ARG n 
1 120 HIS n 
1 121 PRO n 
1 122 GLY n 
1 123 ASN n 
1 124 PHE n 
1 125 GLY n 
1 126 ALA n 
1 127 ASP n 
1 128 ALA n 
1 129 GLN n 
1 130 GLY n 
1 131 ALA n 
1 132 MET n 
1 133 ASN n 
1 134 LYS n 
1 135 ALA n 
1 136 LEU n 
1 137 GLU n 
1 138 LEU n 
1 139 PHE n 
1 140 ARG n 
1 141 LYS n 
1 142 ASP n 
1 143 ILE n 
1 144 ALA n 
1 145 ALA n 
1 146 LYS n 
1 147 TYR n 
1 148 LYS n 
1 149 GLU n 
1 150 LEU n 
1 151 GLY n 
1 152 TYR n 
1 153 GLN n 
1 154 GLY n 
# 
_entity_src_gen.entity_id                          1 
_entity_src_gen.pdbx_src_id                        1 
_entity_src_gen.pdbx_alt_source_flag               sample 
_entity_src_gen.pdbx_seq_type                      ? 
_entity_src_gen.pdbx_beg_seq_num                   ? 
_entity_src_gen.pdbx_end_seq_num                   ? 
_entity_src_gen.gene_src_common_name               'sperm whale' 
_entity_src_gen.gene_src_genus                     Physeter 
_entity_src_gen.pdbx_gene_src_gene                 ? 
_entity_src_gen.gene_src_species                   ? 
_entity_src_gen.gene_src_strain                    ? 
_entity_src_gen.gene_src_tissue                    ? 
_entity_src_gen.gene_src_tissue_fraction           ? 
_entity_src_gen.gene_src_details                   ? 
_entity_src_gen.pdbx_gene_src_fragment             ? 
_entity_src_gen.pdbx_gene_src_scientific_name      'Physeter catodon' 
_entity_src_gen.pdbx_gene_src_ncbi_taxonomy_id     9755 
_entity_src_gen.pdbx_gene_src_variant              ? 
_entity_src_gen.pdbx_gene_src_cell_line            ? 
_entity_src_gen.pdbx_gene_src_atcc                 ? 
_entity_src_gen.pdbx_gene_src_organ                ? 
_entity_src_gen.pdbx_gene_src_organelle            ? 
_entity_src_gen.pdbx_gene_src_cell                 ? 
_entity_src_gen.pdbx_gene_src_cellular_location    ? 
_entity_src_gen.host_org_common_name               ? 
_entity_src_gen.pdbx_host_org_scientific_name      'Escherichia coli' 
_entity_src_gen.pdbx_host_org_ncbi_taxonomy_id     562 
_entity_src_gen.host_org_genus                     Escherichia 
_entity_src_gen.pdbx_host_org_gene                 ? 
_entity_src_gen.pdbx_host_org_organ                ? 
_entity_src_gen.host_org_species                   ? 
_entity_src_gen.pdbx_host_org_tissue               ? 
_entity_src_gen.pdbx_host_org_tissue_fraction      ? 
_entity_src_gen.pdbx_host_org_strain               ? 
_entity_src_gen.pdbx_host_org_variant              ? 
_entity_src_gen.pdbx_host_org_cell_line            ? 
_entity_src_gen.pdbx_host_org_atcc                 ? 
_entity_src_gen.pdbx_host_org_culture_collection   ? 
_entity_src_gen.pdbx_host_org_cell                 ? 
_entity_src_gen.pdbx_host_org_organelle            ? 
_entity_src_gen.pdbx_host_org_cellular_location    ? 
_entity_src_gen.pdbx_host_org_vector_type          ? 
_entity_src_gen.pdbx_host_org_vector               ? 
_entity_src_gen.host_org_details                   ? 
_entity_src_gen.expression_system_id               ? 
_entity_src_gen.plasmid_name                       ? 
_entity_src_gen.plasmid_details                    ? 
_entity_src_gen.pdbx_description                   ? 
# 
_pdbx_entity_branch.entity_id   2 
_pdbx_entity_branch.type        oligosaccharide 
# 
loop_
_pdbx_entity_branch_descriptor.ordinal 
_pdbx_entity_branch_descriptor.entity_id 
_pdbx_entity_branch_descriptor.descriptor 
_pdbx_entity_branch_descriptor.type 
_pdbx_entity_branch_descriptor.program 
_pdbx_entity_branch_descriptor.program_version 
1 2 DGlcpa1-1DGlcpa                             'Glycam Condensed Sequence' GMML       1.0   
2 2 'WURCS=2.0/1,2,1/[a2122h-1a_1-5]/1-1/a1-b1' WURCS                       PDB2Glycan 1.1.0 
3 2 '[][a-D-Glcp]{[(1+1)][a-D-Glcp]{}}'         LINUCS                      PDB-CARE   ?     
# 
_pdbx_entity_branch_link.link_id                    1 
_pdbx_entity_branch_link.entity_id                  2 
_pdbx_entity_branch_link.entity_branch_list_num_1   1 
_pdbx_entity_branch_link.comp_id_1                  GLC 
_pdbx_entity_branch_link.atom_id_1                  C1 
_pdbx_entity_branch_link.leaving_atom_id_1          O1 
_pdbx_entity_branch_link.entity_branch_list_num_2   2 
_pdbx_entity_branch_link.comp_id_2                  GLC 
_pdbx_entity_branch_link.atom_id_2                  O1 
_pdbx_entity_branch_link.leaving_atom_id_2          HO1 
_pdbx_entity_branch_link.value_order                sing 
_pdbx_entity_branch_link.details                    ? 
# 
loop_
_chem_comp.id 
_chem_comp.type 
_chem_comp.mon_nstd_flag 
_chem_comp.name 
_chem_comp.pdbx_synonyms 
_chem_comp.formula 
_chem_comp.formula_weight 
ALA 'L-peptide linking'           y ALANINE                           ?                                     'C3 H7 N O2'       
89.093  
ARG 'L-peptide linking'           y ARGININE                          ?                                     'C6 H15 N4 O2 1'   
175.209 
ASN 'L-peptide linking'           y ASPARAGINE                        ?                                     'C4 H8 N2 O3'      
132.118 
ASP 'L-peptide linking'           y 'ASPARTIC ACID'                   ?                                     'C4 H7 N O4'       
133.103 
CMO non-polymer                   . 'CARBON MONOXIDE'                 ?                                     'C O'              
28.010  
FME 'L-peptide linking'           n N-FORMYLMETHIONINE                ?                                     'C6 H11 N O3 S'    
177.221 
GLC 'D-saccharide, alpha linking' . alpha-D-glucopyranose             'alpha-D-glucose; D-glucose; glucose' 'C6 H12 O6'        
180.156 
GLN 'L-peptide linking'           y GLUTAMINE                         ?                                     'C5 H10 N2 O3'     
146.144 
GLU 'L-peptide linking'           y 'GLUTAMIC ACID'                   ?                                     'C5 H9 N O4'       
147.129 
GLY 'peptide linking'             y GLYCINE                           ?                                     'C2 H5 N O2'       
75.067  
HEM non-polymer                   . 'PROTOPORPHYRIN IX CONTAINING FE' HEME                                  'C34 H32 Fe N4 O4' 
616.487 
HIS 'L-peptide linking'           y HISTIDINE                         ?                                     'C6 H10 N3 O2 1'   
156.162 
HOH non-polymer                   . WATER                             ?                                     'H2 O'             
18.015  
ILE 'L-peptide linking'           y ISOLEUCINE                        ?                                     'C6 H13 N O2'      
131.173 
LEU 'L-peptide linking'           y LEUCINE                           ?                                     'C6 H13 N O2'      
131.173 
LYS 'L-peptide linking'           y LYSINE                            ?                                     'C6 H15 N2 O2 1'   
147.195 
MET 'L-peptide linking'           y METHIONINE                        ?                                     'C5 H11 N O2 S'    
149.211 
PHE 'L-peptide linking'           y PHENYLALANINE                     ?                                     'C9 H11 N O2'      
165.189 
PRO 'L-peptide linking'           y PROLINE                           ?                                     'C5 H9 N O2'       
115.130 
SER 'L-peptide linking'           y SERINE                            ?                                     'C3 H7 N O3'       
105.093 
SO4 non-polymer                   . 'SULFATE ION'                     ?                                     'O4 S -2'          
96.063  
THR 'L-peptide linking'           y THREONINE                         ?                                     'C4 H9 N O3'       
119.119 
TRP 'L-peptide linking'           y TRYPTOPHAN                        ?                                     'C11 H12 N2 O2'    
204.225 
TYR 'L-peptide linking'           y TYROSINE                          ?                                     'C9 H11 N O3'      
181.189 
VAL 'L-peptide linking'           y VALINE                            ?                                     'C5 H11 N O2'      
117.146 
# 
loop_
_pdbx_chem_comp_identifier.comp_id 
_pdbx_chem_comp_identifier.type 
_pdbx_chem_comp_identifier.program 
_pdbx_chem_comp_identifier.program_version 
_pdbx_chem_comp_identifier.identifier 
GLC 'CONDENSED IUPAC CARBOHYDRATE SYMBOL' GMML     1.0 DGlcpa            
GLC 'COMMON NAME'                         GMML     1.0 a-D-glucopyranose 
GLC 'IUPAC CARBOHYDRATE SYMBOL'           PDB-CARE 1.0 a-D-Glcp          
GLC 'SNFG CARBOHYDRATE SYMBOL'            GMML     1.0 Glc               
# 
loop_
_pdbx_poly_seq_scheme.asym_id 
_pdbx_poly_seq_scheme.entity_id 
_pdbx_poly_seq_scheme.seq_id 
_pdbx_poly_seq_scheme.mon_id 
_pdbx_poly_seq_scheme.ndb_seq_num 
_pdbx_poly_seq_scheme.pdb_seq_num 
_pdbx_poly_seq_scheme.auth_seq_num 
_pdbx_poly_seq_scheme.pdb_mon_id 
_pdbx_poly_seq_scheme.auth_mon_id 
_pdbx_poly_seq_scheme.pdb_strand_id 
_pdbx_poly_seq_scheme.pdb_ins_code 
_pdbx_poly_seq_scheme.hetero 
A 1 1   FME 1   0   ?   ?   ?   A . n 
A 1 2   VAL 2   1   1   VAL VAL A . n 
A 1 3   LEU 3   2   2   LEU LEU A . n 
A 1 4   SER 4   3   3   SER SER A . n 
A 1 5   GLU 5   4   4   GLU GLU A . n 
A 1 6   GLY 6   5   5   GLY GLY A . n 
A 1 7   GLU 7   6   6   GLU GLU A . n 
A 1 8   TRP 8   7   7   TRP TRP A . n 
A 1 9   GLN 9   8   8   GLN GLN A . n 
A 1 10  LEU 10  9   9   LEU LEU A . n 
A 1 11  VAL 11  10  10  VAL VAL A . n 
A 1 12  LEU 12  11  11  LEU LEU A . n 
A 1 13  HIS 13  12  12  HIS HIS A . n 
A 1 14  VAL 14  13  13  VAL VAL A . n 
A 1 15  TRP 15  14  14  TRP TRP A . n 
A 1 16  ALA 16  15  15  ALA ALA A . n 
A 1 17  LYS 17  16  16  LYS LYS A . n 
A 1 18  VAL 18  17  17  VAL VAL A . n 
A 1 19  GLU 19  18  18  GLU GLU A . n 
A 1 20  ALA 20  19  19  ALA ALA A . n 
A 1 21  ASP 21  20  20  ASP ASP A . n 
A 1 22  VAL 22  21  21  VAL VAL A . n 
A 1 23  ALA 23  22  22  ALA ALA A . n 
A 1 24  GLY 24  23  23  GLY GLY A . n 
A 1 25  HIS 25  24  24  HIS HIS A . n 
A 1 26  GLY 26  25  25  GLY GLY A . n 
A 1 27  GLN 27  26  26  GLN GLN A . n 
A 1 28  ASP 28  27  27  ASP ASP A . n 
A 1 29  ILE 29  28  28  ILE ILE A . n 
A 1 30  TRP 30  29  29  TRP TRP A . n 
A 1 31  ILE 31  30  30  ILE ILE A . n 
A 1 32  ARG 32  31  31  ARG ARG A . n 
A 1 33  LEU 33  32  32  LEU LEU A . n 
A 1 34  PHE 34  33  33  PHE PHE A . n 
A 1 35  LYS 35  34  34  LYS LYS A . n 
A 1 36  SER 36  35  35  SER SER A . n 
A 1 37  HIS 37  36  36  HIS HIS A . n 
A 1 38  PRO 38  37  37  PRO PRO A . n 
A 1 39  GLU 39  38  38  GLU GLU A . n 
A 1 40  THR 40  39  39  THR THR A . n 
A 1 41  LEU 41  40  40  LEU LEU A . n 
A 1 42  GLU 42  41  41  GLU GLU A . n 
A 1 43  LYS 43  42  42  LYS LYS A . n 
A 1 44  PHE 44  43  43  PHE PHE A . n 
A 1 45  ASP 45  44  44  ASP ASP A . n 
A 1 46  ARG 46  45  45  ARG ARG A . n 
A 1 47  PHE 47  46  46  PHE PHE A . n 
A 1 48  LYS 48  47  47  LYS LYS A . n 
A 1 49  HIS 49  48  48  HIS HIS A . n 
A 1 50  LEU 50  49  49  LEU LEU A . n 
A 1 51  LYS 51  50  50  LYS LYS A . n 
A 1 52  THR 52  51  51  THR THR A . n 
A 1 53  GLU 53  52  52  GLU GLU A . n 
A 1 54  ALA 54  53  53  ALA ALA A . n 
A 1 55  GLU 55  54  54  GLU GLU A . n 
A 1 56  MET 56  55  55  MET MET A . n 
A 1 57  LYS 57  56  56  LYS LYS A . n 
A 1 58  ALA 58  57  57  ALA ALA A . n 
A 1 59  SER 59  58  58  SER SER A . n 
A 1 60  GLU 60  59  59  GLU GLU A . n 
A 1 61  ASP 61  60  60  ASP ASP A . n 
A 1 62  LEU 62  61  61  LEU LEU A . n 
A 1 63  LYS 63  62  62  LYS LYS A . n 
A 1 64  LYS 64  63  63  LYS LYS A . n 
A 1 65  HIS 65  64  64  HIS HIS A . n 
A 1 66  GLY 66  65  65  GLY GLY A . n 
A 1 67  VAL 67  66  66  VAL VAL A . n 
A 1 68  THR 68  67  67  THR THR A . n 
A 1 69  VAL 69  68  68  VAL VAL A . n 
A 1 70  LEU 70  69  69  LEU LEU A . n 
A 1 71  THR 71  70  70  THR THR A . n 
A 1 72  ALA 72  71  71  ALA ALA A . n 
A 1 73  LEU 73  72  72  LEU LEU A . n 
A 1 74  GLY 74  73  73  GLY GLY A . n 
A 1 75  ALA 75  74  74  ALA ALA A . n 
A 1 76  ILE 76  75  75  ILE ILE A . n 
A 1 77  LEU 77  76  76  LEU LEU A . n 
A 1 78  LYS 78  77  77  LYS LYS A . n 
A 1 79  LYS 79  78  78  LYS LYS A . n 
A 1 80  LYS 80  79  79  LYS LYS A . n 
A 1 81  GLY 81  80  80  GLY GLY A . n 
A 1 82  HIS 82  81  81  HIS HIS A . n 
A 1 83  HIS 83  82  82  HIS HIS A . n 
A 1 84  GLU 84  83  83  GLU GLU A . n 
A 1 85  ALA 85  84  84  ALA ALA A . n 
A 1 86  GLU 86  85  85  GLU GLU A . n 
A 1 87  LEU 87  86  86  LEU LEU A . n 
A 1 88  LYS 88  87  87  LYS LYS A . n 
A 1 89  PRO 89  88  88  PRO PRO A . n 
A 1 90  LEU 90  89  89  LEU LEU A . n 
A 1 91  ALA 91  90  90  ALA ALA A . n 
A 1 92  GLN 92  91  91  GLN GLN A . n 
A 1 93  SER 93  92  92  SER SER A . n 
A 1 94  HIS 94  93  93  HIS HIS A . n 
A 1 95  ALA 95  94  94  ALA ALA A . n 
A 1 96  THR 96  95  95  THR THR A . n 
A 1 97  LYS 97  96  96  LYS LYS A . n 
A 1 98  HIS 98  97  97  HIS HIS A . n 
A 1 99  LYS 99  98  98  LYS LYS A . n 
A 1 100 ILE 100 99  99  ILE ILE A . n 
A 1 101 PRO 101 100 100 PRO PRO A . n 
A 1 102 ILE 102 101 101 ILE ILE A . n 
A 1 103 LYS 103 102 102 LYS LYS A . n 
A 1 104 TYR 104 103 103 TYR TYR A . n 
A 1 105 LEU 105 104 104 LEU LEU A . n 
A 1 106 GLU 106 105 105 GLU GLU A . n 
A 1 107 PHE 107 106 106 PHE PHE A . n 
A 1 108 ILE 108 107 107 ILE ILE A . n 
A 1 109 SER 109 108 108 SER SER A . n 
A 1 110 GLU 110 109 109 GLU GLU A . n 
A 1 111 ALA 111 110 110 ALA ALA A . n 
A 1 112 ILE 112 111 111 ILE ILE A . n 
A 1 113 ILE 113 112 112 ILE ILE A . n 
A 1 114 HIS 114 113 113 HIS HIS A . n 
A 1 115 VAL 115 114 114 VAL VAL A . n 
A 1 116 LEU 116 115 115 LEU LEU A . n 
A 1 117 HIS 117 116 116 HIS HIS A . n 
A 1 118 SER 118 117 117 SER SER A . n 
A 1 119 ARG 119 118 118 ARG ARG A . n 
A 1 120 HIS 120 119 119 HIS HIS A . n 
A 1 121 PRO 121 120 120 PRO PRO A . n 
A 1 122 GLY 122 121 121 GLY GLY A . n 
A 1 123 ASN 123 122 122 ASN ASN A . n 
A 1 124 PHE 124 123 123 PHE PHE A . n 
A 1 125 GLY 125 124 124 GLY GLY A . n 
A 1 126 ALA 126 125 125 ALA ALA A . n 
A 1 127 ASP 127 126 126 ASP ASP A . n 
A 1 128 ALA 128 127 127 ALA ALA A . n 
A 1 129 GLN 129 128 128 GLN GLN A . n 
A 1 130 GLY 130 129 129 GLY GLY A . n 
A 1 131 ALA 131 130 130 ALA ALA A . n 
A 1 132 MET 132 131 131 MET MET A . n 
A 1 133 ASN 133 132 132 ASN ASN A . n 
A 1 134 LYS 134 133 133 LYS LYS A . n 
A 1 135 ALA 135 134 134 ALA ALA A . n 
A 1 136 LEU 136 135 135 LEU LEU A . n 
A 1 137 GLU 137 136 136 GLU GLU A . n 
A 1 138 LEU 138 137 137 LEU LEU A . n 
A 1 139 PHE 139 138 138 PHE PHE A . n 
A 1 140 ARG 140 139 139 ARG ARG A . n 
A 1 141 LYS 141 140 140 LYS LYS A . n 
A 1 142 ASP 142 141 141 ASP ASP A . n 
A 1 143 ILE 143 142 142 ILE ILE A . n 
A 1 144 ALA 144 143 143 ALA ALA A . n 
A 1 145 ALA 145 144 144 ALA ALA A . n 
A 1 146 LYS 146 145 145 LYS LYS A . n 
A 1 147 TYR 147 146 146 TYR TYR A . n 
A 1 148 LYS 148 147 147 LYS LYS A . n 
A 1 149 GLU 149 148 148 GLU GLU A . n 
A 1 150 LEU 150 149 149 LEU LEU A . n 
A 1 151 GLY 151 150 150 GLY GLY A . n 
A 1 152 TYR 152 151 151 TYR TYR A . n 
A 1 153 GLN 153 152 152 GLN GLN A . n 
A 1 154 GLY 154 153 153 GLY GLY A . n 
# 
loop_
_pdbx_branch_scheme.asym_id 
_pdbx_branch_scheme.entity_id 
_pdbx_branch_scheme.mon_id 
_pdbx_branch_scheme.num 
_pdbx_branch_scheme.pdb_asym_id 
_pdbx_branch_scheme.pdb_mon_id 
_pdbx_branch_scheme.pdb_seq_num 
_pdbx_branch_scheme.auth_asym_id 
_pdbx_branch_scheme.auth_mon_id 
_pdbx_branch_scheme.auth_seq_num 
_pdbx_branch_scheme.hetero 
B 2 GLC 1 B GLC 1 ? GLC 349 n 
B 2 GLC 2 B GLC 2 ? GLC 350 n 
# 
loop_
_pdbx_nonpoly_scheme.asym_id 
_pdbx_nonpoly_scheme.entity_id 
_pdbx_nonpoly_scheme.mon_id 
_pdbx_nonpoly_scheme.ndb_seq_num 
_pdbx_nonpoly_scheme.pdb_seq_num 
_pdbx_nonpoly_scheme.auth_seq_num 
_pdbx_nonpoly_scheme.pdb_mon_id 
_pdbx_nonpoly_scheme.auth_mon_id 
_pdbx_nonpoly_scheme.pdb_strand_id 
_pdbx_nonpoly_scheme.pdb_ins_code 
C 3 SO4 1   347 347 SO4 SO4 A . 
D 3 SO4 1   348 348 SO4 SO4 A . 
E 4 HEM 1   154 154 HEM HEM A . 
F 5 CMO 1   155 155 CMO CMO A . 
G 6 HOH 1   156 156 HOH HOH A . 
G 6 HOH 2   157 157 HOH HOH A . 
G 6 HOH 3   158 158 HOH HOH A . 
G 6 HOH 4   159 159 HOH HOH A . 
G 6 HOH 5   160 160 HOH HOH A . 
G 6 HOH 6   161 161 HOH HOH A . 
G 6 HOH 7   162 162 HOH HOH A . 
G 6 HOH 8   163 163 HOH HOH A . 
G 6 HOH 9   164 164 HOH HOH A . 
G 6 HOH 10  165 165 HOH HOH A . 
G 6 HOH 11  166 166 HOH HOH A . 
G 6 HOH 12  167 167 HOH HOH A . 
G 6 HOH 13  168 168 HOH HOH A . 
G 6 HOH 14  169 169 HOH HOH A . 
G 6 HOH 15  170 170 HOH HOH A . 
G 6 HOH 16  171 171 HOH HOH A . 
G 6 HOH 17  172 172 HOH HOH A . 
G 6 HOH 18  173 173 HOH HOH A . 
G 6 HOH 19  174 174 HOH HOH A . 
G 6 HOH 20  175 175 HOH HOH A . 
G 6 HOH 21  176 176 HOH HOH A . 
G 6 HOH 22  177 177 HOH HOH A . 
G 6 HOH 23  178 178 HOH HOH A . 
G 6 HOH 24  179 179 HOH HOH A . 
G 6 HOH 25  180 180 HOH HOH A . 
G 6 HOH 26  181 181 HOH HOH A . 
G 6 HOH 27  182 182 HOH HOH A . 
G 6 HOH 28  183 183 HOH HOH A . 
G 6 HOH 29  184 184 HOH HOH A . 
G 6 HOH 30  185 185 HOH HOH A . 
G 6 HOH 31  186 186 HOH HOH A . 
G 6 HOH 32  187 187 HOH HOH A . 
G 6 HOH 33  188 188 HOH HOH A . 
G 6 HOH 34  189 189 HOH HOH A . 
G 6 HOH 35  190 190 HOH HOH A . 
G 6 HOH 36  191 191 HOH HOH A . 
G 6 HOH 37  192 192 HOH HOH A . 
G 6 HOH 38  193 193 HOH HOH A . 
G 6 HOH 39  194 194 HOH HOH A . 
G 6 HOH 40  195 195 HOH HOH A . 
G 6 HOH 41  196 196 HOH HOH A . 
G 6 HOH 42  197 197 HOH HOH A . 
G 6 HOH 43  198 198 HOH HOH A . 
G 6 HOH 44  199 199 HOH HOH A . 
G 6 HOH 45  200 200 HOH HOH A . 
G 6 HOH 46  201 201 HOH HOH A . 
G 6 HOH 47  202 202 HOH HOH A . 
G 6 HOH 48  203 203 HOH HOH A . 
G 6 HOH 49  204 204 HOH HOH A . 
G 6 HOH 50  205 205 HOH HOH A . 
G 6 HOH 51  206 206 HOH HOH A . 
G 6 HOH 52  207 207 HOH HOH A . 
G 6 HOH 53  208 208 HOH HOH A . 
G 6 HOH 54  209 209 HOH HOH A . 
G 6 HOH 55  210 210 HOH HOH A . 
G 6 HOH 56  211 211 HOH HOH A . 
G 6 HOH 57  212 212 HOH HOH A . 
G 6 HOH 58  213 213 HOH HOH A . 
G 6 HOH 59  214 214 HOH HOH A . 
G 6 HOH 60  215 215 HOH HOH A . 
G 6 HOH 61  216 216 HOH HOH A . 
G 6 HOH 62  217 217 HOH HOH A . 
G 6 HOH 63  218 218 HOH HOH A . 
G 6 HOH 64  219 219 HOH HOH A . 
G 6 HOH 65  220 220 HOH HOH A . 
G 6 HOH 66  221 221 HOH HOH A . 
G 6 HOH 67  222 222 HOH HOH A . 
G 6 HOH 68  223 223 HOH HOH A . 
G 6 HOH 69  224 224 HOH HOH A . 
G 6 HOH 70  225 225 HOH HOH A . 
G 6 HOH 71  226 226 HOH HOH A . 
G 6 HOH 72  227 227 HOH HOH A . 
G 6 HOH 73  228 228 HOH HOH A . 
G 6 HOH 74  229 229 HOH HOH A . 
G 6 HOH 75  230 230 HOH HOH A . 
G 6 HOH 76  231 231 HOH HOH A . 
G 6 HOH 77  232 232 HOH HOH A . 
G 6 HOH 78  233 233 HOH HOH A . 
G 6 HOH 79  234 234 HOH HOH A . 
G 6 HOH 80  235 235 HOH HOH A . 
G 6 HOH 81  236 236 HOH HOH A . 
G 6 HOH 82  237 237 HOH HOH A . 
G 6 HOH 83  238 238 HOH HOH A . 
G 6 HOH 84  239 239 HOH HOH A . 
G 6 HOH 85  240 240 HOH HOH A . 
G 6 HOH 86  241 241 HOH HOH A . 
G 6 HOH 87  242 242 HOH HOH A . 
G 6 HOH 88  243 243 HOH HOH A . 
G 6 HOH 89  244 244 HOH HOH A . 
G 6 HOH 90  245 245 HOH HOH A . 
G 6 HOH 91  246 246 HOH HOH A . 
G 6 HOH 92  247 247 HOH HOH A . 
G 6 HOH 93  248 248 HOH HOH A . 
G 6 HOH 94  249 249 HOH HOH A . 
G 6 HOH 95  250 250 HOH HOH A . 
G 6 HOH 96  251 251 HOH HOH A . 
G 6 HOH 97  252 252 HOH HOH A . 
G 6 HOH 98  253 253 HOH HOH A . 
G 6 HOH 99  254 254 HOH HOH A . 
G 6 HOH 100 255 255 HOH HOH A . 
G 6 HOH 101 256 256 HOH HOH A . 
G 6 HOH 102 257 257 HOH HOH A . 
G 6 HOH 103 258 258 HOH HOH A . 
G 6 HOH 104 259 259 HOH HOH A . 
G 6 HOH 105 260 260 HOH HOH A . 
G 6 HOH 106 261 261 HOH HOH A . 
G 6 HOH 107 262 262 HOH HOH A . 
G 6 HOH 108 263 263 HOH HOH A . 
G 6 HOH 109 264 264 HOH HOH A . 
G 6 HOH 110 265 265 HOH HOH A . 
G 6 HOH 111 266 266 HOH HOH A . 
G 6 HOH 112 267 267 HOH HOH A . 
G 6 HOH 113 268 268 HOH HOH A . 
G 6 HOH 114 269 269 HOH HOH A . 
G 6 HOH 115 270 270 HOH HOH A . 
G 6 HOH 116 271 271 HOH HOH A . 
G 6 HOH 117 272 272 HOH HOH A . 
G 6 HOH 118 273 273 HOH HOH A . 
G 6 HOH 119 274 274 HOH HOH A . 
G 6 HOH 120 275 275 HOH HOH A . 
G 6 HOH 121 276 276 HOH HOH A . 
G 6 HOH 122 277 277 HOH HOH A . 
G 6 HOH 123 278 278 HOH HOH A . 
G 6 HOH 124 279 279 HOH HOH A . 
G 6 HOH 125 280 280 HOH HOH A . 
G 6 HOH 126 281 281 HOH HOH A . 
G 6 HOH 127 282 282 HOH HOH A . 
G 6 HOH 128 283 283 HOH HOH A . 
G 6 HOH 129 284 284 HOH HOH A . 
G 6 HOH 130 285 285 HOH HOH A . 
G 6 HOH 131 286 286 HOH HOH A . 
G 6 HOH 132 287 287 HOH HOH A . 
G 6 HOH 133 288 288 HOH HOH A . 
G 6 HOH 134 289 289 HOH HOH A . 
G 6 HOH 135 290 290 HOH HOH A . 
G 6 HOH 136 291 291 HOH HOH A . 
G 6 HOH 137 292 292 HOH HOH A . 
G 6 HOH 138 293 293 HOH HOH A . 
G 6 HOH 139 294 294 HOH HOH A . 
G 6 HOH 140 295 295 HOH HOH A . 
G 6 HOH 141 296 296 HOH HOH A . 
G 6 HOH 142 297 297 HOH HOH A . 
G 6 HOH 143 298 298 HOH HOH A . 
G 6 HOH 144 299 299 HOH HOH A . 
G 6 HOH 145 300 300 HOH HOH A . 
G 6 HOH 146 301 301 HOH HOH A . 
G 6 HOH 147 302 302 HOH HOH A . 
G 6 HOH 148 303 303 HOH HOH A . 
G 6 HOH 149 304 304 HOH HOH A . 
G 6 HOH 150 305 305 HOH HOH A . 
G 6 HOH 151 306 306 HOH HOH A . 
G 6 HOH 152 307 307 HOH HOH A . 
G 6 HOH 153 308 308 HOH HOH A . 
G 6 HOH 154 309 309 HOH HOH A . 
G 6 HOH 155 310 310 HOH HOH A . 
G 6 HOH 156 311 311 HOH HOH A . 
G 6 HOH 157 312 312 HOH HOH A . 
G 6 HOH 158 313 313 HOH HOH A . 
G 6 HOH 159 314 314 HOH HOH A . 
G 6 HOH 160 315 315 HOH HOH A . 
G 6 HOH 161 316 316 HOH HOH A . 
G 6 HOH 162 317 317 HOH HOH A . 
G 6 HOH 163 318 318 HOH HOH A . 
G 6 HOH 164 319 319 HOH HOH A . 
G 6 HOH 165 320 320 HOH HOH A . 
G 6 HOH 166 321 321 HOH HOH A . 
G 6 HOH 167 322 322 HOH HOH A . 
G 6 HOH 168 323 323 HOH HOH A . 
G 6 HOH 169 324 324 HOH HOH A . 
G 6 HOH 170 325 325 HOH HOH A . 
G 6 HOH 171 326 326 HOH HOH A . 
G 6 HOH 172 327 327 HOH HOH A . 
G 6 HOH 173 328 328 HOH HOH A . 
G 6 HOH 174 329 329 HOH HOH A . 
G 6 HOH 175 330 330 HOH HOH A . 
G 6 HOH 176 331 331 HOH HOH A . 
G 6 HOH 177 332 332 HOH HOH A . 
G 6 HOH 178 333 333 HOH HOH A . 
G 6 HOH 179 334 334 HOH HOH A . 
G 6 HOH 180 335 335 HOH HOH A . 
G 6 HOH 181 336 336 HOH HOH A . 
G 6 HOH 182 337 337 HOH HOH A . 
G 6 HOH 183 338 338 HOH HOH A . 
G 6 HOH 184 339 339 HOH HOH A . 
G 6 HOH 185 340 340 HOH HOH A . 
G 6 HOH 186 341 341 HOH HOH A . 
G 6 HOH 187 342 342 HOH HOH A . 
G 6 HOH 188 343 343 HOH HOH A . 
G 6 HOH 189 344 344 HOH HOH A . 
G 6 HOH 190 345 345 HOH HOH A . 
G 6 HOH 191 346 346 HOH HOH A . 
# 
loop_
_software.name 
_software.classification 
_software.version 
_software.citation_id 
_software.pdbx_ordinal 
X-PLOR   refinement       3.1         ? 1 
SAINT    'data reduction' '(SIEMENS)' ? 2 
SAINT    'data scaling'   '(SIEMENS)' ? 3 
CCP4     'data scaling'   '(AGROVATA' ? 4 
TRUNCATE 'data scaling'   .           ? 5 
# 
_cell.entry_id           1DO1 
_cell.length_a           90.460 
_cell.length_b           90.460 
_cell.length_c           45.260 
_cell.angle_alpha        90.00 
_cell.angle_beta         90.00 
_cell.angle_gamma        120.00 
_cell.Z_PDB              6 
_cell.pdbx_unique_axis   ? 
# 
_symmetry.entry_id                         1DO1 
_symmetry.space_group_name_H-M             'P 6' 
_symmetry.pdbx_full_space_group_name_H-M   ? 
_symmetry.cell_setting                     ? 
_symmetry.Int_Tables_number                168 
# 
_exptl.entry_id          1DO1 
_exptl.method            'X-RAY DIFFRACTION' 
_exptl.crystals_number   1 
# 
_exptl_crystal.id                    1 
_exptl_crystal.density_meas          ? 
_exptl_crystal.density_Matthews      3.06 
_exptl_crystal.density_percent_sol   59.80 
_exptl_crystal.description           ? 
# 
_exptl_crystal_grow.crystal_id      1 
_exptl_crystal_grow.method          ? 
_exptl_crystal_grow.temp            292 
_exptl_crystal_grow.temp_details    ? 
_exptl_crystal_grow.pH              8.5 
_exptl_crystal_grow.pdbx_details    
;CRYSTALS WERE GROWN IN 2.5M AMMONIUM SULFATE SOLUTION, BUFFERED WITH 20MM TRIS/ 
 HCL TO PH 8.5. THE CRYSTALLIZATION SOLUTION WAS REPLACED IN STEPS AGAINST A  
SOLUTION CONTAINING 2.5M AMMONIUM SULFATE, 20MM TRIS, 300MG/ML TREHALOSE AT PH  
8.5., temperature 292K
;
_exptl_crystal_grow.pdbx_pH_range   . 
# 
_diffrn.id                     1 
_diffrn.ambient_temp           105.0 
_diffrn.ambient_temp_details   ? 
_diffrn.crystal_id             1 
# 
_diffrn_detector.diffrn_id              1 
_diffrn_detector.detector               'AREA DETECTOR' 
_diffrn_detector.type                   'SIEMENS HI-STAR' 
_diffrn_detector.pdbx_collection_date   1998-11-03 
_diffrn_detector.details                graphite 
# 
_diffrn_radiation.diffrn_id                        1 
_diffrn_radiation.wavelength_id                    1 
_diffrn_radiation.pdbx_monochromatic_or_laue_m_l   M 
_diffrn_radiation.monochromator                    ? 
_diffrn_radiation.pdbx_diffrn_protocol             'SINGLE WAVELENGTH' 
_diffrn_radiation.pdbx_scattering_type             x-ray 
# 
_diffrn_radiation_wavelength.id           1 
_diffrn_radiation_wavelength.wavelength   1.54 
_diffrn_radiation_wavelength.wt           1.0 
# 
_diffrn_source.diffrn_id                   1 
_diffrn_source.source                      'ROTATING ANODE' 
_diffrn_source.type                        'ENRAF-NONIUS FR591' 
_diffrn_source.pdbx_synchrotron_site       ? 
_diffrn_source.pdbx_synchrotron_beamline   ? 
_diffrn_source.pdbx_wavelength             1.54 
_diffrn_source.pdbx_wavelength_list        ? 
# 
_reflns.entry_id                     1DO1 
_reflns.observed_criterion_sigma_I   2.0 
_reflns.observed_criterion_sigma_F   ? 
_reflns.d_resolution_low             10.0 
_reflns.d_resolution_high            1.5 
_reflns.number_obs                   32053 
_reflns.number_all                   ? 
_reflns.percent_possible_obs         94.5 
_reflns.pdbx_Rmerge_I_obs            0.0430000 
_reflns.pdbx_Rsym_value              ? 
_reflns.pdbx_netI_over_sigmaI        14.6 
_reflns.B_iso_Wilson_estimate        9.7 
_reflns.pdbx_redundancy              5.5 
_reflns.R_free_details               ? 
_reflns.limit_h_max                  ? 
_reflns.limit_h_min                  ? 
_reflns.limit_k_max                  ? 
_reflns.limit_k_min                  ? 
_reflns.limit_l_max                  ? 
_reflns.limit_l_min                  ? 
_reflns.observed_criterion_F_max     ? 
_reflns.observed_criterion_F_min     ? 
_reflns.pdbx_diffrn_id               1 
_reflns.pdbx_ordinal                 1 
# 
_reflns_shell.d_res_high             1.50 
_reflns_shell.d_res_low              1.55 
_reflns_shell.percent_possible_all   82.3 
_reflns_shell.Rmerge_I_obs           0.1390000 
_reflns_shell.pdbx_Rsym_value        ? 
_reflns_shell.meanI_over_sigI_obs    5.1 
_reflns_shell.pdbx_redundancy        3.1 
_reflns_shell.percent_possible_obs   ? 
_reflns_shell.number_unique_all      ? 
_reflns_shell.pdbx_diffrn_id         ? 
_reflns_shell.pdbx_ordinal           1 
# 
_refine.entry_id                                 1DO1 
_refine.ls_number_reflns_obs                     31820 
_refine.ls_number_reflns_all                     31820 
_refine.pdbx_ls_sigma_I                          ? 
_refine.pdbx_ls_sigma_F                          0.0 
_refine.pdbx_data_cutoff_high_absF               10000000.0 
_refine.pdbx_data_cutoff_low_absF                0.0 
_refine.pdbx_data_cutoff_high_rms_absF           ? 
_refine.ls_d_res_low                             7.0 
_refine.ls_d_res_high                            1.5 
_refine.ls_percent_reflns_obs                    94.5 
_refine.ls_R_factor_obs                          0.1920000 
_refine.ls_R_factor_all                          0.1920000 
_refine.ls_R_factor_R_work                       0.1890000 
_refine.ls_R_factor_R_free                       0.2150000 
_refine.ls_R_factor_R_free_error                 ? 
_refine.ls_R_factor_R_free_error_details         ? 
_refine.ls_percent_reflns_R_free                 ? 
_refine.ls_number_reflns_R_free                  3190 
_refine.ls_number_parameters                     ? 
_refine.ls_number_restraints                     ? 
_refine.occupancy_min                            ? 
_refine.occupancy_max                            ? 
_refine.B_iso_mean                               ? 
_refine.aniso_B[1][1]                            ? 
_refine.aniso_B[2][2]                            ? 
_refine.aniso_B[3][3]                            ? 
_refine.aniso_B[1][2]                            ? 
_refine.aniso_B[1][3]                            ? 
_refine.aniso_B[2][3]                            ? 
_refine.solvent_model_details                    ? 
_refine.solvent_model_param_ksol                 ? 
_refine.solvent_model_param_bsol                 ? 
_refine.pdbx_ls_cross_valid_method               'free r' 
_refine.details                                  
;NO ANGLE RESTRAINTS WERE USED FOR THE CO MOLECULE AND THE HIS 93 WITH RESPECT 
TO THE IRON ATOM. BOND RESTRAINTS FOR THE CO MOLECULE, HIS 93 AND FOR THE 
PYRROLE NITROGEN TO THE IRON ATOM WERE WEAKENED FROM THE STANDARD X-PLOR 
VALUES (PARAM19X.HEME).
THERE IS NEARLY NO ELECTRON DENSITY FOR THE N-FORMYL-MET.
THIS RESIDUE WAS NOT INCLUDED INTO THE MODEL. ELECTRON
DENSITY FEATURES CLOSE TO THIS SITE WERE MODELED BY WATER
MOLECULES. ONE TREHALOSE MOLECULE IS BOUND TO THE SURFACE
OF THE MYOGLOBIN MOLECULE. THE WATER MOLECULES NUMBER 246
AND 252 ARE ON OR CLOSE TO SPECIAL POSITIONS.
;
_refine.pdbx_starting_model                      2MBW 
_refine.pdbx_method_to_determine_struct          ? 
_refine.pdbx_isotropic_thermal_model             ? 
_refine.pdbx_stereochemistry_target_values       'ENGH AND HUBER' 
_refine.pdbx_stereochem_target_val_spec_case     ? 
_refine.pdbx_R_Free_selection_details            RANDOM 
_refine.pdbx_overall_ESU_R                       ? 
_refine.pdbx_overall_ESU_R_Free                  ? 
_refine.overall_SU_ML                            ? 
_refine.overall_SU_B                             ? 
_refine.ls_redundancy_reflns_obs                 ? 
_refine.B_iso_min                                ? 
_refine.B_iso_max                                ? 
_refine.pdbx_refine_id                           'X-RAY DIFFRACTION' 
_refine.pdbx_diffrn_id                           1 
_refine.pdbx_TLS_residual_ADP_flag               ? 
_refine.correlation_coeff_Fo_to_Fc               ? 
_refine.correlation_coeff_Fo_to_Fc_free          ? 
_refine.pdbx_solvent_vdw_probe_radii             ? 
_refine.pdbx_solvent_ion_probe_radii             ? 
_refine.pdbx_solvent_shrinkage_radii             ? 
_refine.pdbx_overall_phase_error                 ? 
_refine.overall_SU_R_Cruickshank_DPI             ? 
_refine.pdbx_overall_SU_R_free_Cruickshank_DPI   ? 
_refine.pdbx_overall_SU_R_Blow_DPI               ? 
_refine.pdbx_overall_SU_R_free_Blow_DPI          ? 
# 
_refine_analyze.entry_id                        1DO1 
_refine_analyze.Luzzati_coordinate_error_obs    ? 
_refine_analyze.Luzzati_sigma_a_obs             0.14 
_refine_analyze.Luzzati_d_res_low_obs           7.0 
_refine_analyze.Luzzati_coordinate_error_free   ? 
_refine_analyze.Luzzati_sigma_a_free            ? 
_refine_analyze.Luzzati_d_res_low_free          ? 
_refine_analyze.number_disordered_residues      ? 
_refine_analyze.occupancy_sum_hydrogen          ? 
_refine_analyze.occupancy_sum_non_hydrogen      ? 
_refine_analyze.pdbx_Luzzati_d_res_high_obs     ? 
_refine_analyze.pdbx_refine_id                  'X-RAY DIFFRACTION' 
# 
_refine_hist.pdbx_refine_id                   'X-RAY DIFFRACTION' 
_refine_hist.cycle_id                         LAST 
_refine_hist.pdbx_number_atoms_protein        1223 
_refine_hist.pdbx_number_atoms_nucleic_acid   0 
_refine_hist.pdbx_number_atoms_ligand         78 
_refine_hist.number_atoms_solvent             191 
_refine_hist.number_atoms_total               1492 
_refine_hist.d_res_high                       1.5 
_refine_hist.d_res_low                        7.0 
# 
loop_
_refine_ls_restr.type 
_refine_ls_restr.dev_ideal 
_refine_ls_restr.dev_ideal_target 
_refine_ls_restr.weight 
_refine_ls_restr.number 
_refine_ls_restr.pdbx_refine_id 
_refine_ls_restr.pdbx_restraint_function 
x_bond_d                0.007 ?   ? ? 'X-RAY DIFFRACTION' ? 
x_bond_d_na             ?     ?   ? ? 'X-RAY DIFFRACTION' ? 
x_bond_d_prot           ?     ?   ? ? 'X-RAY DIFFRACTION' ? 
x_angle_d               ?     ?   ? ? 'X-RAY DIFFRACTION' ? 
x_angle_d_na            ?     ?   ? ? 'X-RAY DIFFRACTION' ? 
x_angle_d_prot          ?     ?   ? ? 'X-RAY DIFFRACTION' ? 
x_angle_deg             1.1   ?   ? ? 'X-RAY DIFFRACTION' ? 
x_angle_deg_na          ?     ?   ? ? 'X-RAY DIFFRACTION' ? 
x_angle_deg_prot        ?     ?   ? ? 'X-RAY DIFFRACTION' ? 
x_dihedral_angle_d      17.9  ?   ? ? 'X-RAY DIFFRACTION' ? 
x_dihedral_angle_d_na   ?     ?   ? ? 'X-RAY DIFFRACTION' ? 
x_dihedral_angle_d_prot ?     ?   ? ? 'X-RAY DIFFRACTION' ? 
x_improper_angle_d      1.27  ?   ? ? 'X-RAY DIFFRACTION' ? 
x_improper_angle_d_na   ?     ?   ? ? 'X-RAY DIFFRACTION' ? 
x_improper_angle_d_prot ?     ?   ? ? 'X-RAY DIFFRACTION' ? 
x_mcbond_it             ?     1.5 ? ? 'X-RAY DIFFRACTION' ? 
x_mcangle_it            ?     2.0 ? ? 'X-RAY DIFFRACTION' ? 
x_scbond_it             ?     2.0 ? ? 'X-RAY DIFFRACTION' ? 
x_scangle_it            ?     2.5 ? ? 'X-RAY DIFFRACTION' ? 
# 
_refine_ls_shell.pdbx_total_number_of_bins_used   8 
_refine_ls_shell.d_res_high                       1.50 
_refine_ls_shell.d_res_low                        1.57 
_refine_ls_shell.number_reflns_R_work             3093 
_refine_ls_shell.R_factor_R_work                  0.2360000 
_refine_ls_shell.percent_reflns_obs               81.9 
_refine_ls_shell.R_factor_R_free                  0.2570000 
_refine_ls_shell.R_factor_R_free_error            ? 
_refine_ls_shell.percent_reflns_R_free            ? 
_refine_ls_shell.number_reflns_R_free             337 
_refine_ls_shell.redundancy_reflns_obs            ? 
_refine_ls_shell.number_reflns_all                ? 
_refine_ls_shell.number_reflns_obs                ? 
_refine_ls_shell.pdbx_refine_id                   'X-RAY DIFFRACTION' 
_refine_ls_shell.R_factor_all                     ? 
# 
loop_
_pdbx_xplor_file.serial_no 
_pdbx_xplor_file.param_file 
_pdbx_xplor_file.topol_file 
_pdbx_xplor_file.pdbx_refine_id 
1 PARHCSDX.PRO  tophcsdx.pro 'X-RAY DIFFRACTION' 
2 PARAM19X.HEME toph19x.heme 'X-RAY DIFFRACTION' 
# 
_struct.entry_id                  1DO1 
_struct.title                     'CARBONMONOXY-MYOGLOBIN MUTANT L29W AT 105K' 
_struct.pdbx_model_details        ? 
_struct.pdbx_CASP_flag            ? 
_struct.pdbx_model_type_details   ? 
# 
_struct_keywords.entry_id        1DO1 
_struct_keywords.pdbx_keywords   'OXYGEN STORAGE/TRANSPORT' 
_struct_keywords.text            'HEME, RESPIRATORY PROTEIN, OXYGEN STORAGE-TRANSPORT COMPLEX' 
# 
loop_
_struct_asym.id 
_struct_asym.pdbx_blank_PDB_chainid_flag 
_struct_asym.pdbx_modified 
_struct_asym.entity_id 
_struct_asym.details 
A N N 1 ? 
B N N 2 ? 
C N N 3 ? 
D N N 3 ? 
E N N 4 ? 
F N N 5 ? 
G N N 6 ? 
# 
_struct_ref.id                         1 
_struct_ref.db_name                    UNP 
_struct_ref.db_code                    MYG_PHYCA 
_struct_ref.entity_id                  1 
_struct_ref.pdbx_db_accession          P02185 
_struct_ref.pdbx_align_begin           ? 
_struct_ref.pdbx_seq_one_letter_code   ? 
_struct_ref.pdbx_db_isoform            ? 
# 
_struct_ref_seq.align_id                      1 
_struct_ref_seq.ref_id                        1 
_struct_ref_seq.pdbx_PDB_id_code              1DO1 
_struct_ref_seq.pdbx_strand_id                A 
_struct_ref_seq.seq_align_beg                 2 
_struct_ref_seq.pdbx_seq_align_beg_ins_code   ? 
_struct_ref_seq.seq_align_end                 154 
_struct_ref_seq.pdbx_seq_align_end_ins_code   ? 
_struct_ref_seq.pdbx_db_accession             P02185 
_struct_ref_seq.db_align_beg                  1 
_struct_ref_seq.pdbx_db_align_beg_ins_code    ? 
_struct_ref_seq.db_align_end                  153 
_struct_ref_seq.pdbx_db_align_end_ins_code    ? 
_struct_ref_seq.pdbx_auth_seq_align_beg       1 
_struct_ref_seq.pdbx_auth_seq_align_end       153 
# 
loop_
_struct_ref_seq_dif.align_id 
_struct_ref_seq_dif.pdbx_pdb_id_code 
_struct_ref_seq_dif.mon_id 
_struct_ref_seq_dif.pdbx_pdb_strand_id 
_struct_ref_seq_dif.seq_num 
_struct_ref_seq_dif.pdbx_pdb_ins_code 
_struct_ref_seq_dif.pdbx_seq_db_name 
_struct_ref_seq_dif.pdbx_seq_db_accession_code 
_struct_ref_seq_dif.db_mon_id 
_struct_ref_seq_dif.pdbx_seq_db_seq_num 
_struct_ref_seq_dif.details 
_struct_ref_seq_dif.pdbx_auth_seq_num 
_struct_ref_seq_dif.pdbx_ordinal 
1 1DO1 FME A 1   ? UNP P02185 MET ?   'modified residue'    0   1 
1 1DO1 TRP A 30  ? UNP P02185 LEU 29  'engineered mutation' 29  2 
1 1DO1 ASN A 123 ? UNP P02185 ASP 122 'engineered mutation' 122 3 
# 
_pdbx_struct_assembly.id                   1 
_pdbx_struct_assembly.details              author_defined_assembly 
_pdbx_struct_assembly.method_details       ? 
_pdbx_struct_assembly.oligomeric_details   monomeric 
_pdbx_struct_assembly.oligomeric_count     1 
# 
_pdbx_struct_assembly_gen.assembly_id       1 
_pdbx_struct_assembly_gen.oper_expression   1 
_pdbx_struct_assembly_gen.asym_id_list      A,B,C,D,E,F,G 
# 
_pdbx_struct_oper_list.id                   1 
_pdbx_struct_oper_list.type                 'identity operation' 
_pdbx_struct_oper_list.name                 1_555 
_pdbx_struct_oper_list.symmetry_operation   x,y,z 
_pdbx_struct_oper_list.matrix[1][1]         1.0000000000 
_pdbx_struct_oper_list.matrix[1][2]         0.0000000000 
_pdbx_struct_oper_list.matrix[1][3]         0.0000000000 
_pdbx_struct_oper_list.vector[1]            0.0000000000 
_pdbx_struct_oper_list.matrix[2][1]         0.0000000000 
_pdbx_struct_oper_list.matrix[2][2]         1.0000000000 
_pdbx_struct_oper_list.matrix[2][3]         0.0000000000 
_pdbx_struct_oper_list.vector[2]            0.0000000000 
_pdbx_struct_oper_list.matrix[3][1]         0.0000000000 
_pdbx_struct_oper_list.matrix[3][2]         0.0000000000 
_pdbx_struct_oper_list.matrix[3][3]         1.0000000000 
_pdbx_struct_oper_list.vector[3]            0.0000000000 
# 
_struct_biol.id   1 
# 
loop_
_struct_conf.conf_type_id 
_struct_conf.id 
_struct_conf.pdbx_PDB_helix_id 
_struct_conf.beg_label_comp_id 
_struct_conf.beg_label_asym_id 
_struct_conf.beg_label_seq_id 
_struct_conf.pdbx_beg_PDB_ins_code 
_struct_conf.end_label_comp_id 
_struct_conf.end_label_asym_id 
_struct_conf.end_label_seq_id 
_struct_conf.pdbx_end_PDB_ins_code 
_struct_conf.beg_auth_comp_id 
_struct_conf.beg_auth_asym_id 
_struct_conf.beg_auth_seq_id 
_struct_conf.end_auth_comp_id 
_struct_conf.end_auth_asym_id 
_struct_conf.end_auth_seq_id 
_struct_conf.pdbx_PDB_helix_class 
_struct_conf.details 
_struct_conf.pdbx_PDB_helix_length 
HELX_P HELX_P1 1 SER A 4   ? GLU A 19  ? SER A 3   GLU A 18  1 ? 16 
HELX_P HELX_P2 2 ASP A 21  ? HIS A 37  ? ASP A 20  HIS A 36  1 ? 17 
HELX_P HELX_P3 3 PRO A 38  ? PHE A 44  ? PRO A 37  PHE A 43  5 ? 7  
HELX_P HELX_P4 4 THR A 52  ? SER A 59  ? THR A 51  SER A 58  1 ? 8  
HELX_P HELX_P5 5 SER A 59  ? LYS A 79  ? SER A 58  LYS A 78  1 ? 21 
HELX_P HELX_P6 6 HIS A 83  ? LYS A 97  ? HIS A 82  LYS A 96  1 ? 15 
HELX_P HELX_P7 7 PRO A 101 ? HIS A 120 ? PRO A 100 HIS A 119 1 ? 20 
HELX_P HELX_P8 8 GLY A 125 ? GLY A 151 ? GLY A 124 GLY A 150 1 ? 27 
# 
_struct_conf_type.id          HELX_P 
_struct_conf_type.criteria    ? 
_struct_conf_type.reference   ? 
# 
loop_
_struct_conn.id 
_struct_conn.conn_type_id 
_struct_conn.pdbx_leaving_atom_flag 
_struct_conn.pdbx_PDB_id 
_struct_conn.ptnr1_label_asym_id 
_struct_conn.ptnr1_label_comp_id 
_struct_conn.ptnr1_label_seq_id 
_struct_conn.ptnr1_label_atom_id 
_struct_conn.pdbx_ptnr1_label_alt_id 
_struct_conn.pdbx_ptnr1_PDB_ins_code 
_struct_conn.pdbx_ptnr1_standard_comp_id 
_struct_conn.ptnr1_symmetry 
_struct_conn.ptnr2_label_asym_id 
_struct_conn.ptnr2_label_comp_id 
_struct_conn.ptnr2_label_seq_id 
_struct_conn.ptnr2_label_atom_id 
_struct_conn.pdbx_ptnr2_label_alt_id 
_struct_conn.pdbx_ptnr2_PDB_ins_code 
_struct_conn.ptnr1_auth_asym_id 
_struct_conn.ptnr1_auth_comp_id 
_struct_conn.ptnr1_auth_seq_id 
_struct_conn.ptnr2_auth_asym_id 
_struct_conn.ptnr2_auth_comp_id 
_struct_conn.ptnr2_auth_seq_id 
_struct_conn.ptnr2_symmetry 
_struct_conn.pdbx_ptnr3_label_atom_id 
_struct_conn.pdbx_ptnr3_label_seq_id 
_struct_conn.pdbx_ptnr3_label_comp_id 
_struct_conn.pdbx_ptnr3_label_asym_id 
_struct_conn.pdbx_ptnr3_label_alt_id 
_struct_conn.pdbx_ptnr3_PDB_ins_code 
_struct_conn.details 
_struct_conn.pdbx_dist_value 
_struct_conn.pdbx_value_order 
_struct_conn.pdbx_role 
covale1 covale both ? B GLC .  C1  ? ? ? 1_555 B GLC . O1 ? ? B GLC 1   B GLC 2   1_555 ? ? ? ? ? ? ? 1.441 ? ? 
metalc1 metalc ?    ? A HIS 94 NE2 ? ? ? 1_555 E HEM . FE ? ? A HIS 93  A HEM 154 1_555 ? ? ? ? ? ? ? 2.137 ? ? 
metalc2 metalc ?    ? E HEM .  FE  ? ? ? 1_555 F CMO . C  ? ? A HEM 154 A CMO 155 1_555 ? ? ? ? ? ? ? 1.850 ? ? 
metalc3 metalc ?    ? E HEM .  FE  ? ? ? 1_555 F CMO . O  ? ? A HEM 154 A CMO 155 1_555 ? ? ? ? ? ? ? 2.954 ? ? 
# 
loop_
_struct_conn_type.id 
_struct_conn_type.criteria 
_struct_conn_type.reference 
covale ? ? 
metalc ? ? 
# 
loop_
_pdbx_struct_conn_angle.id 
_pdbx_struct_conn_angle.ptnr1_label_atom_id 
_pdbx_struct_conn_angle.ptnr1_label_alt_id 
_pdbx_struct_conn_angle.ptnr1_label_asym_id 
_pdbx_struct_conn_angle.ptnr1_label_comp_id 
_pdbx_struct_conn_angle.ptnr1_label_seq_id 
_pdbx_struct_conn_angle.ptnr1_auth_atom_id 
_pdbx_struct_conn_angle.ptnr1_auth_asym_id 
_pdbx_struct_conn_angle.ptnr1_auth_comp_id 
_pdbx_struct_conn_angle.ptnr1_auth_seq_id 
_pdbx_struct_conn_angle.ptnr1_PDB_ins_code 
_pdbx_struct_conn_angle.ptnr1_symmetry 
_pdbx_struct_conn_angle.ptnr2_label_atom_id 
_pdbx_struct_conn_angle.ptnr2_label_alt_id 
_pdbx_struct_conn_angle.ptnr2_label_asym_id 
_pdbx_struct_conn_angle.ptnr2_label_comp_id 
_pdbx_struct_conn_angle.ptnr2_label_seq_id 
_pdbx_struct_conn_angle.ptnr2_auth_atom_id 
_pdbx_struct_conn_angle.ptnr2_auth_asym_id 
_pdbx_struct_conn_angle.ptnr2_auth_comp_id 
_pdbx_struct_conn_angle.ptnr2_auth_seq_id 
_pdbx_struct_conn_angle.ptnr2_PDB_ins_code 
_pdbx_struct_conn_angle.ptnr2_symmetry 
_pdbx_struct_conn_angle.ptnr3_label_atom_id 
_pdbx_struct_conn_angle.ptnr3_label_alt_id 
_pdbx_struct_conn_angle.ptnr3_label_asym_id 
_pdbx_struct_conn_angle.ptnr3_label_comp_id 
_pdbx_struct_conn_angle.ptnr3_label_seq_id 
_pdbx_struct_conn_angle.ptnr3_auth_atom_id 
_pdbx_struct_conn_angle.ptnr3_auth_asym_id 
_pdbx_struct_conn_angle.ptnr3_auth_comp_id 
_pdbx_struct_conn_angle.ptnr3_auth_seq_id 
_pdbx_struct_conn_angle.ptnr3_PDB_ins_code 
_pdbx_struct_conn_angle.ptnr3_symmetry 
_pdbx_struct_conn_angle.value 
_pdbx_struct_conn_angle.value_esd 
1  NE2 ? A HIS 94 ? A HIS 93  ? 1_555 FE ? E HEM . ? A HEM 154 ? 1_555 NA ? E HEM . ? A HEM 154 ? 1_555 88.9  ? 
2  NE2 ? A HIS 94 ? A HIS 93  ? 1_555 FE ? E HEM . ? A HEM 154 ? 1_555 NB ? E HEM . ? A HEM 154 ? 1_555 84.1  ? 
3  NA  ? E HEM .  ? A HEM 154 ? 1_555 FE ? E HEM . ? A HEM 154 ? 1_555 NB ? E HEM . ? A HEM 154 ? 1_555 88.7  ? 
4  NE2 ? A HIS 94 ? A HIS 93  ? 1_555 FE ? E HEM . ? A HEM 154 ? 1_555 NC ? E HEM . ? A HEM 154 ? 1_555 93.1  ? 
5  NA  ? E HEM .  ? A HEM 154 ? 1_555 FE ? E HEM . ? A HEM 154 ? 1_555 NC ? E HEM . ? A HEM 154 ? 1_555 177.4 ? 
6  NB  ? E HEM .  ? A HEM 154 ? 1_555 FE ? E HEM . ? A HEM 154 ? 1_555 NC ? E HEM . ? A HEM 154 ? 1_555 89.8  ? 
7  NE2 ? A HIS 94 ? A HIS 93  ? 1_555 FE ? E HEM . ? A HEM 154 ? 1_555 ND ? E HEM . ? A HEM 154 ? 1_555 94.5  ? 
8  NA  ? E HEM .  ? A HEM 154 ? 1_555 FE ? E HEM . ? A HEM 154 ? 1_555 ND ? E HEM . ? A HEM 154 ? 1_555 90.1  ? 
9  NB  ? E HEM .  ? A HEM 154 ? 1_555 FE ? E HEM . ? A HEM 154 ? 1_555 ND ? E HEM . ? A HEM 154 ? 1_555 178.2 ? 
10 NC  ? E HEM .  ? A HEM 154 ? 1_555 FE ? E HEM . ? A HEM 154 ? 1_555 ND ? E HEM . ? A HEM 154 ? 1_555 91.4  ? 
11 NE2 ? A HIS 94 ? A HIS 93  ? 1_555 FE ? E HEM . ? A HEM 154 ? 1_555 C  ? F CMO . ? A CMO 155 ? 1_555 175.8 ? 
12 NA  ? E HEM .  ? A HEM 154 ? 1_555 FE ? E HEM . ? A HEM 154 ? 1_555 C  ? F CMO . ? A CMO 155 ? 1_555 94.6  ? 
13 NB  ? E HEM .  ? A HEM 154 ? 1_555 FE ? E HEM . ? A HEM 154 ? 1_555 C  ? F CMO . ? A CMO 155 ? 1_555 93.6  ? 
14 NC  ? E HEM .  ? A HEM 154 ? 1_555 FE ? E HEM . ? A HEM 154 ? 1_555 C  ? F CMO . ? A CMO 155 ? 1_555 83.3  ? 
15 ND  ? E HEM .  ? A HEM 154 ? 1_555 FE ? E HEM . ? A HEM 154 ? 1_555 C  ? F CMO . ? A CMO 155 ? 1_555 87.8  ? 
16 NE2 ? A HIS 94 ? A HIS 93  ? 1_555 FE ? E HEM . ? A HEM 154 ? 1_555 O  ? F CMO . ? A CMO 155 ? 1_555 176.2 ? 
17 NA  ? E HEM .  ? A HEM 154 ? 1_555 FE ? E HEM . ? A HEM 154 ? 1_555 O  ? F CMO . ? A CMO 155 ? 1_555 93.6  ? 
18 NB  ? E HEM .  ? A HEM 154 ? 1_555 FE ? E HEM . ? A HEM 154 ? 1_555 O  ? F CMO . ? A CMO 155 ? 1_555 98.8  ? 
19 NC  ? E HEM .  ? A HEM 154 ? 1_555 FE ? E HEM . ? A HEM 154 ? 1_555 O  ? F CMO . ? A CMO 155 ? 1_555 84.5  ? 
20 ND  ? E HEM .  ? A HEM 154 ? 1_555 FE ? E HEM . ? A HEM 154 ? 1_555 O  ? F CMO . ? A CMO 155 ? 1_555 82.6  ? 
21 C   ? F CMO .  ? A CMO 155 ? 1_555 FE ? E HEM . ? A HEM 154 ? 1_555 O  ? F CMO . ? A CMO 155 ? 1_555 5.3   ? 
# 
_pdbx_entry_details.entry_id                   1DO1 
_pdbx_entry_details.compound_details           ? 
_pdbx_entry_details.source_details             ? 
_pdbx_entry_details.nonpolymer_details         ? 
_pdbx_entry_details.sequence_details           ? 
_pdbx_entry_details.has_ligand_of_interest     ? 
_pdbx_entry_details.has_protein_modification   N 
# 
loop_
_pdbx_validate_torsion.id 
_pdbx_validate_torsion.PDB_model_num 
_pdbx_validate_torsion.auth_comp_id 
_pdbx_validate_torsion.auth_asym_id 
_pdbx_validate_torsion.auth_seq_id 
_pdbx_validate_torsion.PDB_ins_code 
_pdbx_validate_torsion.label_alt_id 
_pdbx_validate_torsion.phi 
_pdbx_validate_torsion.psi 
1 1 ASP A 20 ? ? -160.80 75.02 
2 1 HIS A 81 ? ? -90.13  58.70 
# 
_pdbx_molecule_features.prd_id    PRD_900006 
_pdbx_molecule_features.name      trehalose 
_pdbx_molecule_features.type      Oligosaccharide 
_pdbx_molecule_features.class     Nutrient 
_pdbx_molecule_features.details   'oligosaccharide with reducing-end-to-reducing-end glycosidic bond' 
# 
_pdbx_molecule.instance_id   1 
_pdbx_molecule.prd_id        PRD_900006 
_pdbx_molecule.asym_id       B 
# 
loop_
_pdbx_struct_special_symmetry.id 
_pdbx_struct_special_symmetry.PDB_model_num 
_pdbx_struct_special_symmetry.auth_asym_id 
_pdbx_struct_special_symmetry.auth_comp_id 
_pdbx_struct_special_symmetry.auth_seq_id 
_pdbx_struct_special_symmetry.PDB_ins_code 
_pdbx_struct_special_symmetry.label_asym_id 
_pdbx_struct_special_symmetry.label_comp_id 
_pdbx_struct_special_symmetry.label_seq_id 
1 1 A HOH 246 ? G HOH . 
2 1 A HOH 252 ? G HOH . 
# 
_pdbx_unobs_or_zero_occ_residues.id               1 
_pdbx_unobs_or_zero_occ_residues.PDB_model_num    1 
_pdbx_unobs_or_zero_occ_residues.polymer_flag     Y 
_pdbx_unobs_or_zero_occ_residues.occupancy_flag   1 
_pdbx_unobs_or_zero_occ_residues.auth_asym_id     A 
_pdbx_unobs_or_zero_occ_residues.auth_comp_id     FME 
_pdbx_unobs_or_zero_occ_residues.auth_seq_id      0 
_pdbx_unobs_or_zero_occ_residues.PDB_ins_code     ? 
_pdbx_unobs_or_zero_occ_residues.label_asym_id    A 
_pdbx_unobs_or_zero_occ_residues.label_comp_id    FME 
_pdbx_unobs_or_zero_occ_residues.label_seq_id     1 
# 
loop_
_chem_comp_atom.comp_id 
_chem_comp_atom.atom_id 
_chem_comp_atom.type_symbol 
_chem_comp_atom.pdbx_aromatic_flag 
_chem_comp_atom.pdbx_stereo_config 
_chem_comp_atom.pdbx_ordinal 
ALA N    N  N N 1   
ALA CA   C  N S 2   
ALA C    C  N N 3   
ALA O    O  N N 4   
ALA CB   C  N N 5   
ALA OXT  O  N N 6   
ALA H    H  N N 7   
ALA H2   H  N N 8   
ALA HA   H  N N 9   
ALA HB1  H  N N 10  
ALA HB2  H  N N 11  
ALA HB3  H  N N 12  
ALA HXT  H  N N 13  
ARG N    N  N N 14  
ARG CA   C  N S 15  
ARG C    C  N N 16  
ARG O    O  N N 17  
ARG CB   C  N N 18  
ARG CG   C  N N 19  
ARG CD   C  N N 20  
ARG NE   N  N N 21  
ARG CZ   C  N N 22  
ARG NH1  N  N N 23  
ARG NH2  N  N N 24  
ARG OXT  O  N N 25  
ARG H    H  N N 26  
ARG H2   H  N N 27  
ARG HA   H  N N 28  
ARG HB2  H  N N 29  
ARG HB3  H  N N 30  
ARG HG2  H  N N 31  
ARG HG3  H  N N 32  
ARG HD2  H  N N 33  
ARG HD3  H  N N 34  
ARG HE   H  N N 35  
ARG HH11 H  N N 36  
ARG HH12 H  N N 37  
ARG HH21 H  N N 38  
ARG HH22 H  N N 39  
ARG HXT  H  N N 40  
ASN N    N  N N 41  
ASN CA   C  N S 42  
ASN C    C  N N 43  
ASN O    O  N N 44  
ASN CB   C  N N 45  
ASN CG   C  N N 46  
ASN OD1  O  N N 47  
ASN ND2  N  N N 48  
ASN OXT  O  N N 49  
ASN H    H  N N 50  
ASN H2   H  N N 51  
ASN HA   H  N N 52  
ASN HB2  H  N N 53  
ASN HB3  H  N N 54  
ASN HD21 H  N N 55  
ASN HD22 H  N N 56  
ASN HXT  H  N N 57  
ASP N    N  N N 58  
ASP CA   C  N S 59  
ASP C    C  N N 60  
ASP O    O  N N 61  
ASP CB   C  N N 62  
ASP CG   C  N N 63  
ASP OD1  O  N N 64  
ASP OD2  O  N N 65  
ASP OXT  O  N N 66  
ASP H    H  N N 67  
ASP H2   H  N N 68  
ASP HA   H  N N 69  
ASP HB2  H  N N 70  
ASP HB3  H  N N 71  
ASP HD2  H  N N 72  
ASP HXT  H  N N 73  
CMO C    C  N N 74  
CMO O    O  N N 75  
FME N    N  N N 76  
FME CN   C  N N 77  
FME O1   O  N N 78  
FME CA   C  N S 79  
FME CB   C  N N 80  
FME CG   C  N N 81  
FME SD   S  N N 82  
FME CE   C  N N 83  
FME C    C  N N 84  
FME O    O  N N 85  
FME OXT  O  N N 86  
FME H    H  N N 87  
FME HCN  H  N N 88  
FME HA   H  N N 89  
FME HB2  H  N N 90  
FME HB3  H  N N 91  
FME HG2  H  N N 92  
FME HG3  H  N N 93  
FME HE1  H  N N 94  
FME HE2  H  N N 95  
FME HE3  H  N N 96  
FME HXT  H  N N 97  
GLC C1   C  N S 98  
GLC C2   C  N R 99  
GLC C3   C  N S 100 
GLC C4   C  N S 101 
GLC C5   C  N R 102 
GLC C6   C  N N 103 
GLC O1   O  N N 104 
GLC O2   O  N N 105 
GLC O3   O  N N 106 
GLC O4   O  N N 107 
GLC O5   O  N N 108 
GLC O6   O  N N 109 
GLC H1   H  N N 110 
GLC H2   H  N N 111 
GLC H3   H  N N 112 
GLC H4   H  N N 113 
GLC H5   H  N N 114 
GLC H61  H  N N 115 
GLC H62  H  N N 116 
GLC HO1  H  N N 117 
GLC HO2  H  N N 118 
GLC HO3  H  N N 119 
GLC HO4  H  N N 120 
GLC HO6  H  N N 121 
GLN N    N  N N 122 
GLN CA   C  N S 123 
GLN C    C  N N 124 
GLN O    O  N N 125 
GLN CB   C  N N 126 
GLN CG   C  N N 127 
GLN CD   C  N N 128 
GLN OE1  O  N N 129 
GLN NE2  N  N N 130 
GLN OXT  O  N N 131 
GLN H    H  N N 132 
GLN H2   H  N N 133 
GLN HA   H  N N 134 
GLN HB2  H  N N 135 
GLN HB3  H  N N 136 
GLN HG2  H  N N 137 
GLN HG3  H  N N 138 
GLN HE21 H  N N 139 
GLN HE22 H  N N 140 
GLN HXT  H  N N 141 
GLU N    N  N N 142 
GLU CA   C  N S 143 
GLU C    C  N N 144 
GLU O    O  N N 145 
GLU CB   C  N N 146 
GLU CG   C  N N 147 
GLU CD   C  N N 148 
GLU OE1  O  N N 149 
GLU OE2  O  N N 150 
GLU OXT  O  N N 151 
GLU H    H  N N 152 
GLU H2   H  N N 153 
GLU HA   H  N N 154 
GLU HB2  H  N N 155 
GLU HB3  H  N N 156 
GLU HG2  H  N N 157 
GLU HG3  H  N N 158 
GLU HE2  H  N N 159 
GLU HXT  H  N N 160 
GLY N    N  N N 161 
GLY CA   C  N N 162 
GLY C    C  N N 163 
GLY O    O  N N 164 
GLY OXT  O  N N 165 
GLY H    H  N N 166 
GLY H2   H  N N 167 
GLY HA2  H  N N 168 
GLY HA3  H  N N 169 
GLY HXT  H  N N 170 
HEM CHA  C  N N 171 
HEM CHB  C  N N 172 
HEM CHC  C  N N 173 
HEM CHD  C  N N 174 
HEM C1A  C  Y N 175 
HEM C2A  C  Y N 176 
HEM C3A  C  Y N 177 
HEM C4A  C  Y N 178 
HEM CMA  C  N N 179 
HEM CAA  C  N N 180 
HEM CBA  C  N N 181 
HEM CGA  C  N N 182 
HEM O1A  O  N N 183 
HEM O2A  O  N N 184 
HEM C1B  C  N N 185 
HEM C2B  C  N N 186 
HEM C3B  C  N N 187 
HEM C4B  C  N N 188 
HEM CMB  C  N N 189 
HEM CAB  C  N N 190 
HEM CBB  C  N N 191 
HEM C1C  C  Y N 192 
HEM C2C  C  Y N 193 
HEM C3C  C  Y N 194 
HEM C4C  C  Y N 195 
HEM CMC  C  N N 196 
HEM CAC  C  N N 197 
HEM CBC  C  N N 198 
HEM C1D  C  N N 199 
HEM C2D  C  N N 200 
HEM C3D  C  N N 201 
HEM C4D  C  N N 202 
HEM CMD  C  N N 203 
HEM CAD  C  N N 204 
HEM CBD  C  N N 205 
HEM CGD  C  N N 206 
HEM O1D  O  N N 207 
HEM O2D  O  N N 208 
HEM NA   N  Y N 209 
HEM NB   N  N N 210 
HEM NC   N  Y N 211 
HEM ND   N  N N 212 
HEM FE   FE N N 213 
HEM HHB  H  N N 214 
HEM HHC  H  N N 215 
HEM HHD  H  N N 216 
HEM HMA  H  N N 217 
HEM HMAA H  N N 218 
HEM HMAB H  N N 219 
HEM HAA  H  N N 220 
HEM HAAA H  N N 221 
HEM HBA  H  N N 222 
HEM HBAA H  N N 223 
HEM HMB  H  N N 224 
HEM HMBA H  N N 225 
HEM HMBB H  N N 226 
HEM HAB  H  N N 227 
HEM HBB  H  N N 228 
HEM HBBA H  N N 229 
HEM HMC  H  N N 230 
HEM HMCA H  N N 231 
HEM HMCB H  N N 232 
HEM HAC  H  N N 233 
HEM HBC  H  N N 234 
HEM HBCA H  N N 235 
HEM HMD  H  N N 236 
HEM HMDA H  N N 237 
HEM HMDB H  N N 238 
HEM HAD  H  N N 239 
HEM HADA H  N N 240 
HEM HBD  H  N N 241 
HEM HBDA H  N N 242 
HEM H2A  H  N N 243 
HEM H2D  H  N N 244 
HEM HHA  H  N N 245 
HIS N    N  N N 246 
HIS CA   C  N S 247 
HIS C    C  N N 248 
HIS O    O  N N 249 
HIS CB   C  N N 250 
HIS CG   C  Y N 251 
HIS ND1  N  Y N 252 
HIS CD2  C  Y N 253 
HIS CE1  C  Y N 254 
HIS NE2  N  Y N 255 
HIS OXT  O  N N 256 
HIS H    H  N N 257 
HIS H2   H  N N 258 
HIS HA   H  N N 259 
HIS HB2  H  N N 260 
HIS HB3  H  N N 261 
HIS HD1  H  N N 262 
HIS HD2  H  N N 263 
HIS HE1  H  N N 264 
HIS HE2  H  N N 265 
HIS HXT  H  N N 266 
HOH O    O  N N 267 
HOH H1   H  N N 268 
HOH H2   H  N N 269 
ILE N    N  N N 270 
ILE CA   C  N S 271 
ILE C    C  N N 272 
ILE O    O  N N 273 
ILE CB   C  N S 274 
ILE CG1  C  N N 275 
ILE CG2  C  N N 276 
ILE CD1  C  N N 277 
ILE OXT  O  N N 278 
ILE H    H  N N 279 
ILE H2   H  N N 280 
ILE HA   H  N N 281 
ILE HB   H  N N 282 
ILE HG12 H  N N 283 
ILE HG13 H  N N 284 
ILE HG21 H  N N 285 
ILE HG22 H  N N 286 
ILE HG23 H  N N 287 
ILE HD11 H  N N 288 
ILE HD12 H  N N 289 
ILE HD13 H  N N 290 
ILE HXT  H  N N 291 
LEU N    N  N N 292 
LEU CA   C  N S 293 
LEU C    C  N N 294 
LEU O    O  N N 295 
LEU CB   C  N N 296 
LEU CG   C  N N 297 
LEU CD1  C  N N 298 
LEU CD2  C  N N 299 
LEU OXT  O  N N 300 
LEU H    H  N N 301 
LEU H2   H  N N 302 
LEU HA   H  N N 303 
LEU HB2  H  N N 304 
LEU HB3  H  N N 305 
LEU HG   H  N N 306 
LEU HD11 H  N N 307 
LEU HD12 H  N N 308 
LEU HD13 H  N N 309 
LEU HD21 H  N N 310 
LEU HD22 H  N N 311 
LEU HD23 H  N N 312 
LEU HXT  H  N N 313 
LYS N    N  N N 314 
LYS CA   C  N S 315 
LYS C    C  N N 316 
LYS O    O  N N 317 
LYS CB   C  N N 318 
LYS CG   C  N N 319 
LYS CD   C  N N 320 
LYS CE   C  N N 321 
LYS NZ   N  N N 322 
LYS OXT  O  N N 323 
LYS H    H  N N 324 
LYS H2   H  N N 325 
LYS HA   H  N N 326 
LYS HB2  H  N N 327 
LYS HB3  H  N N 328 
LYS HG2  H  N N 329 
LYS HG3  H  N N 330 
LYS HD2  H  N N 331 
LYS HD3  H  N N 332 
LYS HE2  H  N N 333 
LYS HE3  H  N N 334 
LYS HZ1  H  N N 335 
LYS HZ2  H  N N 336 
LYS HZ3  H  N N 337 
LYS HXT  H  N N 338 
MET N    N  N N 339 
MET CA   C  N S 340 
MET C    C  N N 341 
MET O    O  N N 342 
MET CB   C  N N 343 
MET CG   C  N N 344 
MET SD   S  N N 345 
MET CE   C  N N 346 
MET OXT  O  N N 347 
MET H    H  N N 348 
MET H2   H  N N 349 
MET HA   H  N N 350 
MET HB2  H  N N 351 
MET HB3  H  N N 352 
MET HG2  H  N N 353 
MET HG3  H  N N 354 
MET HE1  H  N N 355 
MET HE2  H  N N 356 
MET HE3  H  N N 357 
MET HXT  H  N N 358 
PHE N    N  N N 359 
PHE CA   C  N S 360 
PHE C    C  N N 361 
PHE O    O  N N 362 
PHE CB   C  N N 363 
PHE CG   C  Y N 364 
PHE CD1  C  Y N 365 
PHE CD2  C  Y N 366 
PHE CE1  C  Y N 367 
PHE CE2  C  Y N 368 
PHE CZ   C  Y N 369 
PHE OXT  O  N N 370 
PHE H    H  N N 371 
PHE H2   H  N N 372 
PHE HA   H  N N 373 
PHE HB2  H  N N 374 
PHE HB3  H  N N 375 
PHE HD1  H  N N 376 
PHE HD2  H  N N 377 
PHE HE1  H  N N 378 
PHE HE2  H  N N 379 
PHE HZ   H  N N 380 
PHE HXT  H  N N 381 
PRO N    N  N N 382 
PRO CA   C  N S 383 
PRO C    C  N N 384 
PRO O    O  N N 385 
PRO CB   C  N N 386 
PRO CG   C  N N 387 
PRO CD   C  N N 388 
PRO OXT  O  N N 389 
PRO H    H  N N 390 
PRO HA   H  N N 391 
PRO HB2  H  N N 392 
PRO HB3  H  N N 393 
PRO HG2  H  N N 394 
PRO HG3  H  N N 395 
PRO HD2  H  N N 396 
PRO HD3  H  N N 397 
PRO HXT  H  N N 398 
SER N    N  N N 399 
SER CA   C  N S 400 
SER C    C  N N 401 
SER O    O  N N 402 
SER CB   C  N N 403 
SER OG   O  N N 404 
SER OXT  O  N N 405 
SER H    H  N N 406 
SER H2   H  N N 407 
SER HA   H  N N 408 
SER HB2  H  N N 409 
SER HB3  H  N N 410 
SER HG   H  N N 411 
SER HXT  H  N N 412 
SO4 S    S  N N 413 
SO4 O1   O  N N 414 
SO4 O2   O  N N 415 
SO4 O3   O  N N 416 
SO4 O4   O  N N 417 
THR N    N  N N 418 
THR CA   C  N S 419 
THR C    C  N N 420 
THR O    O  N N 421 
THR CB   C  N R 422 
THR OG1  O  N N 423 
THR CG2  C  N N 424 
THR OXT  O  N N 425 
THR H    H  N N 426 
THR H2   H  N N 427 
THR HA   H  N N 428 
THR HB   H  N N 429 
THR HG1  H  N N 430 
THR HG21 H  N N 431 
THR HG22 H  N N 432 
THR HG23 H  N N 433 
THR HXT  H  N N 434 
TRP N    N  N N 435 
TRP CA   C  N S 436 
TRP C    C  N N 437 
TRP O    O  N N 438 
TRP CB   C  N N 439 
TRP CG   C  Y N 440 
TRP CD1  C  Y N 441 
TRP CD2  C  Y N 442 
TRP NE1  N  Y N 443 
TRP CE2  C  Y N 444 
TRP CE3  C  Y N 445 
TRP CZ2  C  Y N 446 
TRP CZ3  C  Y N 447 
TRP CH2  C  Y N 448 
TRP OXT  O  N N 449 
TRP H    H  N N 450 
TRP H2   H  N N 451 
TRP HA   H  N N 452 
TRP HB2  H  N N 453 
TRP HB3  H  N N 454 
TRP HD1  H  N N 455 
TRP HE1  H  N N 456 
TRP HE3  H  N N 457 
TRP HZ2  H  N N 458 
TRP HZ3  H  N N 459 
TRP HH2  H  N N 460 
TRP HXT  H  N N 461 
TYR N    N  N N 462 
TYR CA   C  N S 463 
TYR C    C  N N 464 
TYR O    O  N N 465 
TYR CB   C  N N 466 
TYR CG   C  Y N 467 
TYR CD1  C  Y N 468 
TYR CD2  C  Y N 469 
TYR CE1  C  Y N 470 
TYR CE2  C  Y N 471 
TYR CZ   C  Y N 472 
TYR OH   O  N N 473 
TYR OXT  O  N N 474 
TYR H    H  N N 475 
TYR H2   H  N N 476 
TYR HA   H  N N 477 
TYR HB2  H  N N 478 
TYR HB3  H  N N 479 
TYR HD1  H  N N 480 
TYR HD2  H  N N 481 
TYR HE1  H  N N 482 
TYR HE2  H  N N 483 
TYR HH   H  N N 484 
TYR HXT  H  N N 485 
VAL N    N  N N 486 
VAL CA   C  N S 487 
VAL C    C  N N 488 
VAL O    O  N N 489 
VAL CB   C  N N 490 
VAL CG1  C  N N 491 
VAL CG2  C  N N 492 
VAL OXT  O  N N 493 
VAL H    H  N N 494 
VAL H2   H  N N 495 
VAL HA   H  N N 496 
VAL HB   H  N N 497 
VAL HG11 H  N N 498 
VAL HG12 H  N N 499 
VAL HG13 H  N N 500 
VAL HG21 H  N N 501 
VAL HG22 H  N N 502 
VAL HG23 H  N N 503 
VAL HXT  H  N N 504 
# 
loop_
_chem_comp_bond.comp_id 
_chem_comp_bond.atom_id_1 
_chem_comp_bond.atom_id_2 
_chem_comp_bond.value_order 
_chem_comp_bond.pdbx_aromatic_flag 
_chem_comp_bond.pdbx_stereo_config 
_chem_comp_bond.pdbx_ordinal 
ALA N   CA   sing N N 1   
ALA N   H    sing N N 2   
ALA N   H2   sing N N 3   
ALA CA  C    sing N N 4   
ALA CA  CB   sing N N 5   
ALA CA  HA   sing N N 6   
ALA C   O    doub N N 7   
ALA C   OXT  sing N N 8   
ALA CB  HB1  sing N N 9   
ALA CB  HB2  sing N N 10  
ALA CB  HB3  sing N N 11  
ALA OXT HXT  sing N N 12  
ARG N   CA   sing N N 13  
ARG N   H    sing N N 14  
ARG N   H2   sing N N 15  
ARG CA  C    sing N N 16  
ARG CA  CB   sing N N 17  
ARG CA  HA   sing N N 18  
ARG C   O    doub N N 19  
ARG C   OXT  sing N N 20  
ARG CB  CG   sing N N 21  
ARG CB  HB2  sing N N 22  
ARG CB  HB3  sing N N 23  
ARG CG  CD   sing N N 24  
ARG CG  HG2  sing N N 25  
ARG CG  HG3  sing N N 26  
ARG CD  NE   sing N N 27  
ARG CD  HD2  sing N N 28  
ARG CD  HD3  sing N N 29  
ARG NE  CZ   sing N N 30  
ARG NE  HE   sing N N 31  
ARG CZ  NH1  sing N N 32  
ARG CZ  NH2  doub N N 33  
ARG NH1 HH11 sing N N 34  
ARG NH1 HH12 sing N N 35  
ARG NH2 HH21 sing N N 36  
ARG NH2 HH22 sing N N 37  
ARG OXT HXT  sing N N 38  
ASN N   CA   sing N N 39  
ASN N   H    sing N N 40  
ASN N   H2   sing N N 41  
ASN CA  C    sing N N 42  
ASN CA  CB   sing N N 43  
ASN CA  HA   sing N N 44  
ASN C   O    doub N N 45  
ASN C   OXT  sing N N 46  
ASN CB  CG   sing N N 47  
ASN CB  HB2  sing N N 48  
ASN CB  HB3  sing N N 49  
ASN CG  OD1  doub N N 50  
ASN CG  ND2  sing N N 51  
ASN ND2 HD21 sing N N 52  
ASN ND2 HD22 sing N N 53  
ASN OXT HXT  sing N N 54  
ASP N   CA   sing N N 55  
ASP N   H    sing N N 56  
ASP N   H2   sing N N 57  
ASP CA  C    sing N N 58  
ASP CA  CB   sing N N 59  
ASP CA  HA   sing N N 60  
ASP C   O    doub N N 61  
ASP C   OXT  sing N N 62  
ASP CB  CG   sing N N 63  
ASP CB  HB2  sing N N 64  
ASP CB  HB3  sing N N 65  
ASP CG  OD1  doub N N 66  
ASP CG  OD2  sing N N 67  
ASP OD2 HD2  sing N N 68  
ASP OXT HXT  sing N N 69  
CMO C   O    trip N N 70  
FME N   CN   sing N N 71  
FME N   CA   sing N N 72  
FME N   H    sing N N 73  
FME CN  O1   doub N N 74  
FME CN  HCN  sing N N 75  
FME CA  CB   sing N N 76  
FME CA  C    sing N N 77  
FME CA  HA   sing N N 78  
FME CB  CG   sing N N 79  
FME CB  HB2  sing N N 80  
FME CB  HB3  sing N N 81  
FME CG  SD   sing N N 82  
FME CG  HG2  sing N N 83  
FME CG  HG3  sing N N 84  
FME SD  CE   sing N N 85  
FME CE  HE1  sing N N 86  
FME CE  HE2  sing N N 87  
FME CE  HE3  sing N N 88  
FME C   O    doub N N 89  
FME C   OXT  sing N N 90  
FME OXT HXT  sing N N 91  
GLC C1  C2   sing N N 92  
GLC C1  O1   sing N N 93  
GLC C1  O5   sing N N 94  
GLC C1  H1   sing N N 95  
GLC C2  C3   sing N N 96  
GLC C2  O2   sing N N 97  
GLC C2  H2   sing N N 98  
GLC C3  C4   sing N N 99  
GLC C3  O3   sing N N 100 
GLC C3  H3   sing N N 101 
GLC C4  C5   sing N N 102 
GLC C4  O4   sing N N 103 
GLC C4  H4   sing N N 104 
GLC C5  C6   sing N N 105 
GLC C5  O5   sing N N 106 
GLC C5  H5   sing N N 107 
GLC C6  O6   sing N N 108 
GLC C6  H61  sing N N 109 
GLC C6  H62  sing N N 110 
GLC O1  HO1  sing N N 111 
GLC O2  HO2  sing N N 112 
GLC O3  HO3  sing N N 113 
GLC O4  HO4  sing N N 114 
GLC O6  HO6  sing N N 115 
GLN N   CA   sing N N 116 
GLN N   H    sing N N 117 
GLN N   H2   sing N N 118 
GLN CA  C    sing N N 119 
GLN CA  CB   sing N N 120 
GLN CA  HA   sing N N 121 
GLN C   O    doub N N 122 
GLN C   OXT  sing N N 123 
GLN CB  CG   sing N N 124 
GLN CB  HB2  sing N N 125 
GLN CB  HB3  sing N N 126 
GLN CG  CD   sing N N 127 
GLN CG  HG2  sing N N 128 
GLN CG  HG3  sing N N 129 
GLN CD  OE1  doub N N 130 
GLN CD  NE2  sing N N 131 
GLN NE2 HE21 sing N N 132 
GLN NE2 HE22 sing N N 133 
GLN OXT HXT  sing N N 134 
GLU N   CA   sing N N 135 
GLU N   H    sing N N 136 
GLU N   H2   sing N N 137 
GLU CA  C    sing N N 138 
GLU CA  CB   sing N N 139 
GLU CA  HA   sing N N 140 
GLU C   O    doub N N 141 
GLU C   OXT  sing N N 142 
GLU CB  CG   sing N N 143 
GLU CB  HB2  sing N N 144 
GLU CB  HB3  sing N N 145 
GLU CG  CD   sing N N 146 
GLU CG  HG2  sing N N 147 
GLU CG  HG3  sing N N 148 
GLU CD  OE1  doub N N 149 
GLU CD  OE2  sing N N 150 
GLU OE2 HE2  sing N N 151 
GLU OXT HXT  sing N N 152 
GLY N   CA   sing N N 153 
GLY N   H    sing N N 154 
GLY N   H2   sing N N 155 
GLY CA  C    sing N N 156 
GLY CA  HA2  sing N N 157 
GLY CA  HA3  sing N N 158 
GLY C   O    doub N N 159 
GLY C   OXT  sing N N 160 
GLY OXT HXT  sing N N 161 
HEM CHA C1A  sing N N 162 
HEM CHA C4D  doub N N 163 
HEM CHA HHA  sing N N 164 
HEM CHB C4A  sing N N 165 
HEM CHB C1B  doub N N 166 
HEM CHB HHB  sing N N 167 
HEM CHC C4B  sing N N 168 
HEM CHC C1C  doub N N 169 
HEM CHC HHC  sing N N 170 
HEM CHD C4C  doub N N 171 
HEM CHD C1D  sing N N 172 
HEM CHD HHD  sing N N 173 
HEM C1A C2A  doub Y N 174 
HEM C1A NA   sing Y N 175 
HEM C2A C3A  sing Y N 176 
HEM C2A CAA  sing N N 177 
HEM C3A C4A  doub Y N 178 
HEM C3A CMA  sing N N 179 
HEM C4A NA   sing Y N 180 
HEM CMA HMA  sing N N 181 
HEM CMA HMAA sing N N 182 
HEM CMA HMAB sing N N 183 
HEM CAA CBA  sing N N 184 
HEM CAA HAA  sing N N 185 
HEM CAA HAAA sing N N 186 
HEM CBA CGA  sing N N 187 
HEM CBA HBA  sing N N 188 
HEM CBA HBAA sing N N 189 
HEM CGA O1A  doub N N 190 
HEM CGA O2A  sing N N 191 
HEM C1B C2B  sing N N 192 
HEM C1B NB   sing N N 193 
HEM C2B C3B  doub N N 194 
HEM C2B CMB  sing N N 195 
HEM C3B C4B  sing N N 196 
HEM C3B CAB  sing N N 197 
HEM C4B NB   doub N N 198 
HEM CMB HMB  sing N N 199 
HEM CMB HMBA sing N N 200 
HEM CMB HMBB sing N N 201 
HEM CAB CBB  doub N N 202 
HEM CAB HAB  sing N N 203 
HEM CBB HBB  sing N N 204 
HEM CBB HBBA sing N N 205 
HEM C1C C2C  sing Y N 206 
HEM C1C NC   sing Y N 207 
HEM C2C C3C  doub Y N 208 
HEM C2C CMC  sing N N 209 
HEM C3C C4C  sing Y N 210 
HEM C3C CAC  sing N N 211 
HEM C4C NC   sing Y N 212 
HEM CMC HMC  sing N N 213 
HEM CMC HMCA sing N N 214 
HEM CMC HMCB sing N N 215 
HEM CAC CBC  doub N N 216 
HEM CAC HAC  sing N N 217 
HEM CBC HBC  sing N N 218 
HEM CBC HBCA sing N N 219 
HEM C1D C2D  sing N N 220 
HEM C1D ND   doub N N 221 
HEM C2D C3D  doub N N 222 
HEM C2D CMD  sing N N 223 
HEM C3D C4D  sing N N 224 
HEM C3D CAD  sing N N 225 
HEM C4D ND   sing N N 226 
HEM CMD HMD  sing N N 227 
HEM CMD HMDA sing N N 228 
HEM CMD HMDB sing N N 229 
HEM CAD CBD  sing N N 230 
HEM CAD HAD  sing N N 231 
HEM CAD HADA sing N N 232 
HEM CBD CGD  sing N N 233 
HEM CBD HBD  sing N N 234 
HEM CBD HBDA sing N N 235 
HEM CGD O1D  doub N N 236 
HEM CGD O2D  sing N N 237 
HEM O2A H2A  sing N N 238 
HEM O2D H2D  sing N N 239 
HEM FE  NA   sing N N 240 
HEM FE  NB   sing N N 241 
HEM FE  NC   sing N N 242 
HEM FE  ND   sing N N 243 
HIS N   CA   sing N N 244 
HIS N   H    sing N N 245 
HIS N   H2   sing N N 246 
HIS CA  C    sing N N 247 
HIS CA  CB   sing N N 248 
HIS CA  HA   sing N N 249 
HIS C   O    doub N N 250 
HIS C   OXT  sing N N 251 
HIS CB  CG   sing N N 252 
HIS CB  HB2  sing N N 253 
HIS CB  HB3  sing N N 254 
HIS CG  ND1  sing Y N 255 
HIS CG  CD2  doub Y N 256 
HIS ND1 CE1  doub Y N 257 
HIS ND1 HD1  sing N N 258 
HIS CD2 NE2  sing Y N 259 
HIS CD2 HD2  sing N N 260 
HIS CE1 NE2  sing Y N 261 
HIS CE1 HE1  sing N N 262 
HIS NE2 HE2  sing N N 263 
HIS OXT HXT  sing N N 264 
HOH O   H1   sing N N 265 
HOH O   H2   sing N N 266 
ILE N   CA   sing N N 267 
ILE N   H    sing N N 268 
ILE N   H2   sing N N 269 
ILE CA  C    sing N N 270 
ILE CA  CB   sing N N 271 
ILE CA  HA   sing N N 272 
ILE C   O    doub N N 273 
ILE C   OXT  sing N N 274 
ILE CB  CG1  sing N N 275 
ILE CB  CG2  sing N N 276 
ILE CB  HB   sing N N 277 
ILE CG1 CD1  sing N N 278 
ILE CG1 HG12 sing N N 279 
ILE CG1 HG13 sing N N 280 
ILE CG2 HG21 sing N N 281 
ILE CG2 HG22 sing N N 282 
ILE CG2 HG23 sing N N 283 
ILE CD1 HD11 sing N N 284 
ILE CD1 HD12 sing N N 285 
ILE CD1 HD13 sing N N 286 
ILE OXT HXT  sing N N 287 
LEU N   CA   sing N N 288 
LEU N   H    sing N N 289 
LEU N   H2   sing N N 290 
LEU CA  C    sing N N 291 
LEU CA  CB   sing N N 292 
LEU CA  HA   sing N N 293 
LEU C   O    doub N N 294 
LEU C   OXT  sing N N 295 
LEU CB  CG   sing N N 296 
LEU CB  HB2  sing N N 297 
LEU CB  HB3  sing N N 298 
LEU CG  CD1  sing N N 299 
LEU CG  CD2  sing N N 300 
LEU CG  HG   sing N N 301 
LEU CD1 HD11 sing N N 302 
LEU CD1 HD12 sing N N 303 
LEU CD1 HD13 sing N N 304 
LEU CD2 HD21 sing N N 305 
LEU CD2 HD22 sing N N 306 
LEU CD2 HD23 sing N N 307 
LEU OXT HXT  sing N N 308 
LYS N   CA   sing N N 309 
LYS N   H    sing N N 310 
LYS N   H2   sing N N 311 
LYS CA  C    sing N N 312 
LYS CA  CB   sing N N 313 
LYS CA  HA   sing N N 314 
LYS C   O    doub N N 315 
LYS C   OXT  sing N N 316 
LYS CB  CG   sing N N 317 
LYS CB  HB2  sing N N 318 
LYS CB  HB3  sing N N 319 
LYS CG  CD   sing N N 320 
LYS CG  HG2  sing N N 321 
LYS CG  HG3  sing N N 322 
LYS CD  CE   sing N N 323 
LYS CD  HD2  sing N N 324 
LYS CD  HD3  sing N N 325 
LYS CE  NZ   sing N N 326 
LYS CE  HE2  sing N N 327 
LYS CE  HE3  sing N N 328 
LYS NZ  HZ1  sing N N 329 
LYS NZ  HZ2  sing N N 330 
LYS NZ  HZ3  sing N N 331 
LYS OXT HXT  sing N N 332 
MET N   CA   sing N N 333 
MET N   H    sing N N 334 
MET N   H2   sing N N 335 
MET CA  C    sing N N 336 
MET CA  CB   sing N N 337 
MET CA  HA   sing N N 338 
MET C   O    doub N N 339 
MET C   OXT  sing N N 340 
MET CB  CG   sing N N 341 
MET CB  HB2  sing N N 342 
MET CB  HB3  sing N N 343 
MET CG  SD   sing N N 344 
MET CG  HG2  sing N N 345 
MET CG  HG3  sing N N 346 
MET SD  CE   sing N N 347 
MET CE  HE1  sing N N 348 
MET CE  HE2  sing N N 349 
MET CE  HE3  sing N N 350 
MET OXT HXT  sing N N 351 
PHE N   CA   sing N N 352 
PHE N   H    sing N N 353 
PHE N   H2   sing N N 354 
PHE CA  C    sing N N 355 
PHE CA  CB   sing N N 356 
PHE CA  HA   sing N N 357 
PHE C   O    doub N N 358 
PHE C   OXT  sing N N 359 
PHE CB  CG   sing N N 360 
PHE CB  HB2  sing N N 361 
PHE CB  HB3  sing N N 362 
PHE CG  CD1  doub Y N 363 
PHE CG  CD2  sing Y N 364 
PHE CD1 CE1  sing Y N 365 
PHE CD1 HD1  sing N N 366 
PHE CD2 CE2  doub Y N 367 
PHE CD2 HD2  sing N N 368 
PHE CE1 CZ   doub Y N 369 
PHE CE1 HE1  sing N N 370 
PHE CE2 CZ   sing Y N 371 
PHE CE2 HE2  sing N N 372 
PHE CZ  HZ   sing N N 373 
PHE OXT HXT  sing N N 374 
PRO N   CA   sing N N 375 
PRO N   CD   sing N N 376 
PRO N   H    sing N N 377 
PRO CA  C    sing N N 378 
PRO CA  CB   sing N N 379 
PRO CA  HA   sing N N 380 
PRO C   O    doub N N 381 
PRO C   OXT  sing N N 382 
PRO CB  CG   sing N N 383 
PRO CB  HB2  sing N N 384 
PRO CB  HB3  sing N N 385 
PRO CG  CD   sing N N 386 
PRO CG  HG2  sing N N 387 
PRO CG  HG3  sing N N 388 
PRO CD  HD2  sing N N 389 
PRO CD  HD3  sing N N 390 
PRO OXT HXT  sing N N 391 
SER N   CA   sing N N 392 
SER N   H    sing N N 393 
SER N   H2   sing N N 394 
SER CA  C    sing N N 395 
SER CA  CB   sing N N 396 
SER CA  HA   sing N N 397 
SER C   O    doub N N 398 
SER C   OXT  sing N N 399 
SER CB  OG   sing N N 400 
SER CB  HB2  sing N N 401 
SER CB  HB3  sing N N 402 
SER OG  HG   sing N N 403 
SER OXT HXT  sing N N 404 
SO4 S   O1   doub N N 405 
SO4 S   O2   doub N N 406 
SO4 S   O3   sing N N 407 
SO4 S   O4   sing N N 408 
THR N   CA   sing N N 409 
THR N   H    sing N N 410 
THR N   H2   sing N N 411 
THR CA  C    sing N N 412 
THR CA  CB   sing N N 413 
THR CA  HA   sing N N 414 
THR C   O    doub N N 415 
THR C   OXT  sing N N 416 
THR CB  OG1  sing N N 417 
THR CB  CG2  sing N N 418 
THR CB  HB   sing N N 419 
THR OG1 HG1  sing N N 420 
THR CG2 HG21 sing N N 421 
THR CG2 HG22 sing N N 422 
THR CG2 HG23 sing N N 423 
THR OXT HXT  sing N N 424 
TRP N   CA   sing N N 425 
TRP N   H    sing N N 426 
TRP N   H2   sing N N 427 
TRP CA  C    sing N N 428 
TRP CA  CB   sing N N 429 
TRP CA  HA   sing N N 430 
TRP C   O    doub N N 431 
TRP C   OXT  sing N N 432 
TRP CB  CG   sing N N 433 
TRP CB  HB2  sing N N 434 
TRP CB  HB3  sing N N 435 
TRP CG  CD1  doub Y N 436 
TRP CG  CD2  sing Y N 437 
TRP CD1 NE1  sing Y N 438 
TRP CD1 HD1  sing N N 439 
TRP CD2 CE2  doub Y N 440 
TRP CD2 CE3  sing Y N 441 
TRP NE1 CE2  sing Y N 442 
TRP NE1 HE1  sing N N 443 
TRP CE2 CZ2  sing Y N 444 
TRP CE3 CZ3  doub Y N 445 
TRP CE3 HE3  sing N N 446 
TRP CZ2 CH2  doub Y N 447 
TRP CZ2 HZ2  sing N N 448 
TRP CZ3 CH2  sing Y N 449 
TRP CZ3 HZ3  sing N N 450 
TRP CH2 HH2  sing N N 451 
TRP OXT HXT  sing N N 452 
TYR N   CA   sing N N 453 
TYR N   H    sing N N 454 
TYR N   H2   sing N N 455 
TYR CA  C    sing N N 456 
TYR CA  CB   sing N N 457 
TYR CA  HA   sing N N 458 
TYR C   O    doub N N 459 
TYR C   OXT  sing N N 460 
TYR CB  CG   sing N N 461 
TYR CB  HB2  sing N N 462 
TYR CB  HB3  sing N N 463 
TYR CG  CD1  doub Y N 464 
TYR CG  CD2  sing Y N 465 
TYR CD1 CE1  sing Y N 466 
TYR CD1 HD1  sing N N 467 
TYR CD2 CE2  doub Y N 468 
TYR CD2 HD2  sing N N 469 
TYR CE1 CZ   doub Y N 470 
TYR CE1 HE1  sing N N 471 
TYR CE2 CZ   sing Y N 472 
TYR CE2 HE2  sing N N 473 
TYR CZ  OH   sing N N 474 
TYR OH  HH   sing N N 475 
TYR OXT HXT  sing N N 476 
VAL N   CA   sing N N 477 
VAL N   H    sing N N 478 
VAL N   H2   sing N N 479 
VAL CA  C    sing N N 480 
VAL CA  CB   sing N N 481 
VAL CA  HA   sing N N 482 
VAL C   O    doub N N 483 
VAL C   OXT  sing N N 484 
VAL CB  CG1  sing N N 485 
VAL CB  CG2  sing N N 486 
VAL CB  HB   sing N N 487 
VAL CG1 HG11 sing N N 488 
VAL CG1 HG12 sing N N 489 
VAL CG1 HG13 sing N N 490 
VAL CG2 HG21 sing N N 491 
VAL CG2 HG22 sing N N 492 
VAL CG2 HG23 sing N N 493 
VAL OXT HXT  sing N N 494 
# 
loop_
_pdbx_entity_branch_list.entity_id 
_pdbx_entity_branch_list.comp_id 
_pdbx_entity_branch_list.num 
_pdbx_entity_branch_list.hetero 
2 GLC 1 n 
2 GLC 2 n 
# 
_pdbx_initial_refinement_model.id               1 
_pdbx_initial_refinement_model.entity_id_list   ? 
_pdbx_initial_refinement_model.type             'experimental model' 
_pdbx_initial_refinement_model.source_name      PDB 
_pdbx_initial_refinement_model.accession_code   2MBW 
_pdbx_initial_refinement_model.details          ? 
# 
_atom_sites.entry_id                    1DO1 
_atom_sites.fract_transf_matrix[1][1]   0.00521734 
_atom_sites.fract_transf_matrix[1][2]   0.01032411 
_atom_sites.fract_transf_matrix[1][3]   0.00539770 
_atom_sites.fract_transf_matrix[2][1]   0.00762987 
_atom_sites.fract_transf_matrix[2][2]   0.00761155 
_atom_sites.fract_transf_matrix[2][3]   -0.00684066 
_atom_sites.fract_transf_matrix[3][1]   -0.01749044 
_atom_sites.fract_transf_matrix[3][2]   0.01203629 
_atom_sites.fract_transf_matrix[3][3]   -0.00611565 
_atom_sites.fract_transf_vector[1]      0.433272 
_atom_sites.fract_transf_vector[2]      0.141385 
_atom_sites.fract_transf_vector[3]      0.152138 
# 
loop_
_atom_type.symbol 
C  
FE 
N  
O  
S  
# 
loop_
_atom_site.group_PDB 
_atom_site.id 
_atom_site.type_symbol 
_atom_site.label_atom_id 
_atom_site.label_alt_id 
_atom_site.label_comp_id 
_atom_site.label_asym_id 
_atom_site.label_entity_id 
_atom_site.label_seq_id 
_atom_site.pdbx_PDB_ins_code 
_atom_site.Cartn_x 
_atom_site.Cartn_y 
_atom_site.Cartn_z 
_atom_site.occupancy 
_atom_site.B_iso_or_equiv 
_atom_site.pdbx_formal_charge 
_atom_site.auth_seq_id 
_atom_site.auth_comp_id 
_atom_site.auth_asym_id 
_atom_site.auth_atom_id 
_atom_site.pdbx_PDB_model_num 
ATOM   1    N  N   . VAL A 1 2   ? 13.046  -13.820 -0.977  1.00 16.98 ? 1   VAL A N   1 
ATOM   2    C  CA  . VAL A 1 2   ? 13.878  -13.070 0.014   1.00 15.44 ? 1   VAL A CA  1 
ATOM   3    C  C   . VAL A 1 2   ? 14.678  -11.958 -0.659  1.00 13.25 ? 1   VAL A C   1 
ATOM   4    O  O   . VAL A 1 2   ? 15.467  -12.210 -1.569  1.00 14.73 ? 1   VAL A O   1 
ATOM   5    C  CB  . VAL A 1 2   ? 14.866  -14.009 0.759   1.00 17.10 ? 1   VAL A CB  1 
ATOM   6    C  CG1 . VAL A 1 2   ? 15.639  -13.234 1.819   1.00 15.70 ? 1   VAL A CG1 1 
ATOM   7    C  CG2 . VAL A 1 2   ? 14.115  -15.165 1.399   1.00 19.14 ? 1   VAL A CG2 1 
ATOM   8    N  N   . LEU A 1 3   ? 14.472  -10.728 -0.200  1.00 9.45  ? 2   LEU A N   1 
ATOM   9    C  CA  . LEU A 1 3   ? 15.182  -9.582  -0.750  1.00 8.20  ? 2   LEU A CA  1 
ATOM   10   C  C   . LEU A 1 3   ? 16.587  -9.470  -0.173  1.00 8.55  ? 2   LEU A C   1 
ATOM   11   O  O   . LEU A 1 3   ? 16.842  -9.876  0.965   1.00 8.80  ? 2   LEU A O   1 
ATOM   12   C  CB  . LEU A 1 3   ? 14.433  -8.281  -0.457  1.00 7.64  ? 2   LEU A CB  1 
ATOM   13   C  CG  . LEU A 1 3   ? 13.220  -7.897  -1.310  1.00 7.14  ? 2   LEU A CG  1 
ATOM   14   C  CD1 . LEU A 1 3   ? 12.032  -8.799  -1.004  1.00 7.61  ? 2   LEU A CD1 1 
ATOM   15   C  CD2 . LEU A 1 3   ? 12.882  -6.439  -1.050  1.00 7.69  ? 2   LEU A CD2 1 
ATOM   16   N  N   . SER A 1 4   ? 17.501  -8.932  -0.971  1.00 7.47  ? 3   SER A N   1 
ATOM   17   C  CA  . SER A 1 4   ? 18.870  -8.726  -0.525  1.00 7.24  ? 3   SER A CA  1 
ATOM   18   C  C   . SER A 1 4   ? 18.873  -7.410  0.249   1.00 6.59  ? 3   SER A C   1 
ATOM   19   O  O   . SER A 1 4   ? 17.930  -6.621  0.143   1.00 6.96  ? 3   SER A O   1 
ATOM   20   C  CB  . SER A 1 4   ? 19.812  -8.608  -1.722  1.00 6.93  ? 3   SER A CB  1 
ATOM   21   O  OG  . SER A 1 4   ? 19.520  -7.445  -2.476  1.00 7.72  ? 3   SER A OG  1 
ATOM   22   N  N   . GLU A 1 5   ? 19.930  -7.174  1.017   1.00 6.56  ? 4   GLU A N   1 
ATOM   23   C  CA  . GLU A 1 5   ? 20.060  -5.938  1.778   1.00 6.30  ? 4   GLU A CA  1 
ATOM   24   C  C   . GLU A 1 5   ? 20.070  -4.754  0.808   1.00 6.46  ? 4   GLU A C   1 
ATOM   25   O  O   . GLU A 1 5   ? 19.496  -3.706  1.097   1.00 6.62  ? 4   GLU A O   1 
ATOM   26   C  CB  . GLU A 1 5   ? 21.350  -5.969  2.609   1.00 7.67  ? 4   GLU A CB  1 
ATOM   27   C  CG  . GLU A 1 5   ? 21.734  -4.643  3.277   1.00 8.43  ? 4   GLU A CG  1 
ATOM   28   C  CD  . GLU A 1 5   ? 20.756  -4.174  4.355   1.00 9.23  ? 4   GLU A CD  1 
ATOM   29   O  OE1 . GLU A 1 5   ? 19.865  -4.941  4.771   1.00 11.54 ? 4   GLU A OE1 1 
ATOM   30   O  OE2 . GLU A 1 5   ? 20.889  -3.017  4.801   1.00 11.46 ? 4   GLU A OE2 1 
ATOM   31   N  N   . GLY A 1 6   ? 20.700  -4.944  -0.353  1.00 7.31  ? 5   GLY A N   1 
ATOM   32   C  CA  . GLY A 1 6   ? 20.767  -3.898  -1.360  1.00 6.86  ? 5   GLY A CA  1 
ATOM   33   C  C   . GLY A 1 6   ? 19.383  -3.517  -1.849  1.00 6.00  ? 5   GLY A C   1 
ATOM   34   O  O   . GLY A 1 6   ? 19.087  -2.337  -2.058  1.00 6.63  ? 5   GLY A O   1 
ATOM   35   N  N   . GLU A 1 7   ? 18.536  -4.523  -2.037  1.00 5.58  ? 6   GLU A N   1 
ATOM   36   C  CA  . GLU A 1 7   ? 17.169  -4.286  -2.480  1.00 6.91  ? 6   GLU A CA  1 
ATOM   37   C  C   . GLU A 1 7   ? 16.391  -3.545  -1.394  1.00 6.63  ? 6   GLU A C   1 
ATOM   38   O  O   . GLU A 1 7   ? 15.693  -2.575  -1.688  1.00 6.07  ? 6   GLU A O   1 
ATOM   39   C  CB  . GLU A 1 7   ? 16.497  -5.607  -2.876  1.00 6.84  ? 6   GLU A CB  1 
ATOM   40   C  CG  . GLU A 1 7   ? 17.130  -6.209  -4.138  1.00 6.53  ? 6   GLU A CG  1 
ATOM   41   C  CD  . GLU A 1 7   ? 16.654  -7.616  -4.457  1.00 9.13  ? 6   GLU A CD  1 
ATOM   42   O  OE1 . GLU A 1 7   ? 16.292  -8.362  -3.525  1.00 9.30  ? 6   GLU A OE1 1 
ATOM   43   O  OE2 . GLU A 1 7   ? 16.665  -7.984  -5.653  1.00 10.96 ? 6   GLU A OE2 1 
ATOM   44   N  N   . TRP A 1 8   ? 16.550  -3.963  -0.137  1.00 6.45  ? 7   TRP A N   1 
ATOM   45   C  CA  . TRP A 1 8   ? 15.877  -3.294  0.975   1.00 5.72  ? 7   TRP A CA  1 
ATOM   46   C  C   . TRP A 1 8   ? 16.294  -1.828  1.061   1.00 5.77  ? 7   TRP A C   1 
ATOM   47   O  O   . TRP A 1 8   ? 15.467  -0.961  1.330   1.00 5.54  ? 7   TRP A O   1 
ATOM   48   C  CB  . TRP A 1 8   ? 16.175  -4.000  2.301   1.00 6.00  ? 7   TRP A CB  1 
ATOM   49   C  CG  . TRP A 1 8   ? 15.362  -5.249  2.501   1.00 6.99  ? 7   TRP A CG  1 
ATOM   50   C  CD1 . TRP A 1 8   ? 15.836  -6.522  2.682   1.00 5.55  ? 7   TRP A CD1 1 
ATOM   51   C  CD2 . TRP A 1 8   ? 13.930  -5.351  2.502   1.00 4.81  ? 7   TRP A CD2 1 
ATOM   52   N  NE1 . TRP A 1 8   ? 14.787  -7.409  2.787   1.00 4.40  ? 7   TRP A NE1 1 
ATOM   53   C  CE2 . TRP A 1 8   ? 13.608  -6.716  2.677   1.00 4.79  ? 7   TRP A CE2 1 
ATOM   54   C  CE3 . TRP A 1 8   ? 12.886  -4.418  2.372   1.00 4.99  ? 7   TRP A CE3 1 
ATOM   55   C  CZ2 . TRP A 1 8   ? 12.286  -7.173  2.721   1.00 5.31  ? 7   TRP A CZ2 1 
ATOM   56   C  CZ3 . TRP A 1 8   ? 11.572  -4.876  2.418   1.00 5.20  ? 7   TRP A CZ3 1 
ATOM   57   C  CH2 . TRP A 1 8   ? 11.285  -6.240  2.591   1.00 5.82  ? 7   TRP A CH2 1 
ATOM   58   N  N   . GLN A 1 9   ? 17.568  -1.546  0.800   1.00 5.95  ? 8   GLN A N   1 
ATOM   59   C  CA  . GLN A 1 9   ? 18.042  -0.172  0.852   1.00 7.01  ? 8   GLN A CA  1 
ATOM   60   C  C   . GLN A 1 9   ? 17.419  0.696   -0.242  1.00 6.47  ? 8   GLN A C   1 
ATOM   61   O  O   . GLN A 1 9   ? 17.154  1.874   -0.015  1.00 7.07  ? 8   GLN A O   1 
ATOM   62   C  CB  . GLN A 1 9   ? 19.569  -0.110  0.822   1.00 10.50 ? 8   GLN A CB  1 
ATOM   63   C  CG  . GLN A 1 9   ? 20.215  -0.621  2.111   1.00 14.70 ? 8   GLN A CG  1 
ATOM   64   C  CD  . GLN A 1 9   ? 19.654  0.053   3.366   1.00 19.91 ? 8   GLN A CD  1 
ATOM   65   O  OE1 . GLN A 1 9   ? 19.408  1.262   3.385   1.00 23.00 ? 8   GLN A OE1 1 
ATOM   66   N  NE2 . GLN A 1 9   ? 19.441  -0.733  4.417   1.00 21.46 ? 8   GLN A NE2 1 
ATOM   67   N  N   . LEU A 1 10  ? 17.170  0.116   -1.416  1.00 6.23  ? 9   LEU A N   1 
ATOM   68   C  CA  . LEU A 1 10  ? 16.531  0.864   -2.503  1.00 5.98  ? 9   LEU A CA  1 
ATOM   69   C  C   . LEU A 1 10  ? 15.087  1.170   -2.095  1.00 6.39  ? 9   LEU A C   1 
ATOM   70   O  O   . LEU A 1 10  ? 14.557  2.244   -2.393  1.00 6.89  ? 9   LEU A O   1 
ATOM   71   C  CB  . LEU A 1 10  ? 16.556  0.065   -3.808  1.00 6.60  ? 9   LEU A CB  1 
ATOM   72   C  CG  . LEU A 1 10  ? 17.934  -0.105  -4.456  1.00 7.65  ? 9   LEU A CG  1 
ATOM   73   C  CD1 . LEU A 1 10  ? 17.839  -1.003  -5.683  1.00 8.78  ? 9   LEU A CD1 1 
ATOM   74   C  CD2 . LEU A 1 10  ? 18.501  1.256   -4.826  1.00 9.51  ? 9   LEU A CD2 1 
ATOM   75   N  N   . VAL A 1 11  ? 14.469  0.227   -1.388  1.00 5.66  ? 10  VAL A N   1 
ATOM   76   C  CA  . VAL A 1 11  ? 13.097  0.385   -0.912  1.00 5.76  ? 10  VAL A CA  1 
ATOM   77   C  C   . VAL A 1 11  ? 13.035  1.478   0.160   1.00 5.47  ? 10  VAL A C   1 
ATOM   78   O  O   . VAL A 1 11  ? 12.224  2.404   0.092   1.00 5.12  ? 10  VAL A O   1 
ATOM   79   C  CB  . VAL A 1 11  ? 12.562  -0.951  -0.314  1.00 5.89  ? 10  VAL A CB  1 
ATOM   80   C  CG1 . VAL A 1 11  ? 11.259  -0.727  0.454   1.00 6.36  ? 10  VAL A CG1 1 
ATOM   81   C  CG2 . VAL A 1 11  ? 12.353  -1.972  -1.423  1.00 6.34  ? 10  VAL A CG2 1 
ATOM   82   N  N   . LEU A 1 12  ? 13.920  1.377   1.139   1.00 7.41  ? 11  LEU A N   1 
ATOM   83   C  CA  . LEU A 1 12  ? 13.955  2.327   2.235   1.00 7.56  ? 11  LEU A CA  1 
ATOM   84   C  C   . LEU A 1 12  ? 14.406  3.723   1.815   1.00 8.06  ? 11  LEU A C   1 
ATOM   85   O  O   . LEU A 1 12  ? 13.964  4.715   2.394   1.00 8.38  ? 11  LEU A O   1 
ATOM   86   C  CB  . LEU A 1 12  ? 14.828  1.776   3.374   1.00 8.53  ? 11  LEU A CB  1 
ATOM   87   C  CG  . LEU A 1 12  ? 14.338  0.436   3.945   1.00 9.03  ? 11  LEU A CG  1 
ATOM   88   C  CD1 . LEU A 1 12  ? 15.295  -0.070  5.014   1.00 11.99 ? 11  LEU A CD1 1 
ATOM   89   C  CD2 . LEU A 1 12  ? 12.929  0.586   4.509   1.00 10.13 ? 11  LEU A CD2 1 
ATOM   90   N  N   . HIS A 1 13  ? 15.232  3.812   0.775   1.00 9.15  ? 12  HIS A N   1 
ATOM   91   C  CA  . HIS A 1 13  ? 15.702  5.118   0.331   1.00 10.00 ? 12  HIS A CA  1 
ATOM   92   C  C   . HIS A 1 13  ? 14.592  5.936   -0.317  1.00 8.20  ? 12  HIS A C   1 
ATOM   93   O  O   . HIS A 1 13  ? 14.538  7.154   -0.149  1.00 8.48  ? 12  HIS A O   1 
ATOM   94   C  CB  . HIS A 1 13  ? 16.901  5.010   -0.607  1.00 14.92 ? 12  HIS A CB  1 
ATOM   95   C  CG  . HIS A 1 13  ? 17.577  6.322   -0.854  1.00 23.81 ? 12  HIS A CG  1 
ATOM   96   N  ND1 . HIS A 1 13  ? 17.386  7.397   -0.016  1.00 27.20 ? 12  HIS A ND1 1 
ATOM   97   C  CD2 . HIS A 1 13  ? 18.390  6.689   -1.878  1.00 27.84 ? 12  HIS A CD2 1 
ATOM   98   C  CE1 . HIS A 1 13  ? 18.078  8.390   -0.543  1.00 29.38 ? 12  HIS A CE1 1 
ATOM   99   N  NE2 . HIS A 1 13  ? 18.705  8.014   -1.672  1.00 28.33 ? 12  HIS A NE2 1 
ATOM   100  N  N   . VAL A 1 14  ? 13.715  5.277   -1.068  1.00 6.04  ? 13  VAL A N   1 
ATOM   101  C  CA  . VAL A 1 14  ? 12.610  6.008   -1.672  1.00 5.48  ? 13  VAL A CA  1 
ATOM   102  C  C   . VAL A 1 14  ? 11.539  6.260   -0.605  1.00 6.22  ? 13  VAL A C   1 
ATOM   103  O  O   . VAL A 1 14  ? 10.871  7.297   -0.624  1.00 5.97  ? 13  VAL A O   1 
ATOM   104  C  CB  . VAL A 1 14  ? 12.012  5.290   -2.914  1.00 5.89  ? 13  VAL A CB  1 
ATOM   105  C  CG1 . VAL A 1 14  ? 11.254  4.021   -2.510  1.00 5.60  ? 13  VAL A CG1 1 
ATOM   106  C  CG2 . VAL A 1 14  ? 11.106  6.256   -3.682  1.00 5.80  ? 13  VAL A CG2 1 
ATOM   107  N  N   . TRP A 1 15  ? 11.398  5.341   0.351   1.00 5.77  ? 14  TRP A N   1 
ATOM   108  C  CA  . TRP A 1 15  ? 10.402  5.530   1.405   1.00 5.96  ? 14  TRP A CA  1 
ATOM   109  C  C   . TRP A 1 15  ? 10.751  6.747   2.260   1.00 5.97  ? 14  TRP A C   1 
ATOM   110  O  O   . TRP A 1 15  ? 9.866   7.432   2.787   1.00 6.09  ? 14  TRP A O   1 
ATOM   111  C  CB  . TRP A 1 15  ? 10.248  4.284   2.284   1.00 6.74  ? 14  TRP A CB  1 
ATOM   112  C  CG  . TRP A 1 15  ? 8.880   4.230   2.895   1.00 6.92  ? 14  TRP A CG  1 
ATOM   113  C  CD1 . TRP A 1 15  ? 8.538   4.528   4.181   1.00 8.11  ? 14  TRP A CD1 1 
ATOM   114  C  CD2 . TRP A 1 15  ? 7.653   3.952   2.207   1.00 6.81  ? 14  TRP A CD2 1 
ATOM   115  N  NE1 . TRP A 1 15  ? 7.171   4.467   4.335   1.00 7.09  ? 14  TRP A NE1 1 
ATOM   116  C  CE2 . TRP A 1 15  ? 6.604   4.116   3.138   1.00 7.34  ? 14  TRP A CE2 1 
ATOM   117  C  CE3 . TRP A 1 15  ? 7.341   3.584   0.890   1.00 8.06  ? 14  TRP A CE3 1 
ATOM   118  C  CZ2 . TRP A 1 15  ? 5.260   3.925   2.796   1.00 7.68  ? 14  TRP A CZ2 1 
ATOM   119  C  CZ3 . TRP A 1 15  ? 5.999   3.392   0.548   1.00 9.76  ? 14  TRP A CZ3 1 
ATOM   120  C  CH2 . TRP A 1 15  ? 4.979   3.565   1.501   1.00 8.94  ? 14  TRP A CH2 1 
ATOM   121  N  N   . ALA A 1 16  ? 12.046  7.027   2.374   1.00 5.55  ? 15  ALA A N   1 
ATOM   122  C  CA  . ALA A 1 16  ? 12.517  8.179   3.135   1.00 4.98  ? 15  ALA A CA  1 
ATOM   123  C  C   . ALA A 1 16  ? 11.951  9.464   2.513   1.00 6.52  ? 15  ALA A C   1 
ATOM   124  O  O   . ALA A 1 16  ? 11.667  10.430  3.220   1.00 6.88  ? 15  ALA A O   1 
ATOM   125  C  CB  . ALA A 1 16  ? 14.043  8.213   3.139   1.00 6.45  ? 15  ALA A CB  1 
ATOM   126  N  N   . LYS A 1 17  ? 11.772  9.459   1.193   1.00 6.42  ? 16  LYS A N   1 
ATOM   127  C  CA  . LYS A 1 17  ? 11.230  10.616  0.482   1.00 6.97  ? 16  LYS A CA  1 
ATOM   128  C  C   . LYS A 1 17  ? 9.729   10.711  0.720   1.00 7.47  ? 16  LYS A C   1 
ATOM   129  O  O   . LYS A 1 17  ? 9.190   11.802  0.895   1.00 6.52  ? 16  LYS A O   1 
ATOM   130  C  CB  . LYS A 1 17  ? 11.532  10.526  -1.013  1.00 6.72  ? 16  LYS A CB  1 
ATOM   131  C  CG  . LYS A 1 17  ? 13.008  10.365  -1.311  1.00 7.65  ? 16  LYS A CG  1 
ATOM   132  C  CD  . LYS A 1 17  ? 13.820  11.441  -0.613  1.00 9.10  ? 16  LYS A CD  1 
ATOM   133  C  CE  . LYS A 1 17  ? 15.282  11.054  -0.549  1.00 13.43 ? 16  LYS A CE  1 
ATOM   134  N  NZ  . LYS A 1 17  ? 16.067  12.034  0.247   1.00 14.53 ? 16  LYS A NZ  1 
ATOM   135  N  N   . VAL A 1 18  ? 9.057   9.563   0.713   1.00 6.76  ? 17  VAL A N   1 
ATOM   136  C  CA  . VAL A 1 18  ? 7.623   9.520   0.980   1.00 6.35  ? 17  VAL A CA  1 
ATOM   137  C  C   . VAL A 1 18  ? 7.368   10.158  2.348   1.00 5.62  ? 17  VAL A C   1 
ATOM   138  O  O   . VAL A 1 18  ? 6.436   10.947  2.522   1.00 6.20  ? 17  VAL A O   1 
ATOM   139  C  CB  . VAL A 1 18  ? 7.104   8.059   1.020   1.00 6.24  ? 17  VAL A CB  1 
ATOM   140  C  CG1 . VAL A 1 18  ? 5.652   8.008   1.489   1.00 7.93  ? 17  VAL A CG1 1 
ATOM   141  C  CG2 . VAL A 1 18  ? 7.257   7.415   -0.341  1.00 6.36  ? 17  VAL A CG2 1 
ATOM   142  N  N   . GLU A 1 19  ? 8.245   9.856   3.299   1.00 5.27  ? 18  GLU A N   1 
ATOM   143  C  CA  . GLU A 1 19  ? 8.116   10.362  4.661   1.00 4.72  ? 18  GLU A CA  1 
ATOM   144  C  C   . GLU A 1 19  ? 8.295   11.861  4.862   1.00 3.55  ? 18  GLU A C   1 
ATOM   145  O  O   . GLU A 1 19  ? 8.109   12.365  5.967   1.00 5.49  ? 18  GLU A O   1 
ATOM   146  C  CB  . GLU A 1 19  ? 9.031   9.581   5.595   1.00 5.13  ? 18  GLU A CB  1 
ATOM   147  C  CG  . GLU A 1 19  ? 8.613   8.134   5.714   1.00 4.73  ? 18  GLU A CG  1 
ATOM   148  C  CD  . GLU A 1 19  ? 9.478   7.364   6.681   1.00 5.68  ? 18  GLU A CD  1 
ATOM   149  O  OE1 . GLU A 1 19  ? 10.683  7.670   6.781   1.00 6.82  ? 18  GLU A OE1 1 
ATOM   150  O  OE2 . GLU A 1 19  ? 8.945   6.454   7.343   1.00 7.36  ? 18  GLU A OE2 1 
ATOM   151  N  N   . ALA A 1 20  ? 8.686   12.570  3.807   1.00 5.38  ? 19  ALA A N   1 
ATOM   152  C  CA  . ALA A 1 20  ? 8.825   14.018  3.894   1.00 5.53  ? 19  ALA A CA  1 
ATOM   153  C  C   . ALA A 1 20  ? 7.400   14.593  3.991   1.00 5.80  ? 19  ALA A C   1 
ATOM   154  O  O   . ALA A 1 20  ? 7.184   15.641  4.597   1.00 6.71  ? 19  ALA A O   1 
ATOM   155  C  CB  . ALA A 1 20  ? 9.540   14.559  2.652   1.00 5.42  ? 19  ALA A CB  1 
ATOM   156  N  N   . ASP A 1 21  ? 6.434   13.855  3.437   1.00 6.00  ? 20  ASP A N   1 
ATOM   157  C  CA  . ASP A 1 21  ? 5.024   14.254  3.427   1.00 5.52  ? 20  ASP A CA  1 
ATOM   158  C  C   . ASP A 1 21  ? 4.158   13.016  3.167   1.00 4.34  ? 20  ASP A C   1 
ATOM   159  O  O   . ASP A 1 21  ? 3.617   12.844  2.073   1.00 4.75  ? 20  ASP A O   1 
ATOM   160  C  CB  . ASP A 1 21  ? 4.803   15.308  2.330   1.00 6.21  ? 20  ASP A CB  1 
ATOM   161  C  CG  . ASP A 1 21  ? 3.333   15.691  2.142   1.00 6.97  ? 20  ASP A CG  1 
ATOM   162  O  OD1 . ASP A 1 21  ? 2.514   15.512  3.064   1.00 6.30  ? 20  ASP A OD1 1 
ATOM   163  O  OD2 . ASP A 1 21  ? 2.993   16.170  1.047   1.00 10.15 ? 20  ASP A OD2 1 
ATOM   164  N  N   . VAL A 1 22  ? 4.008   12.164  4.176   1.00 3.73  ? 21  VAL A N   1 
ATOM   165  C  CA  . VAL A 1 22  ? 3.221   10.944  3.995   1.00 4.57  ? 21  VAL A CA  1 
ATOM   166  C  C   . VAL A 1 22  ? 1.766   11.226  3.608   1.00 4.24  ? 21  VAL A C   1 
ATOM   167  O  O   . VAL A 1 22  ? 1.209   10.539  2.752   1.00 4.37  ? 21  VAL A O   1 
ATOM   168  C  CB  . VAL A 1 22  ? 3.314   9.987   5.232   1.00 6.77  ? 21  VAL A CB  1 
ATOM   169  C  CG1 . VAL A 1 22  ? 2.659   10.594  6.455   1.00 7.34  ? 21  VAL A CG1 1 
ATOM   170  C  CG2 . VAL A 1 22  ? 2.704   8.635   4.907   1.00 6.61  ? 21  VAL A CG2 1 
ATOM   171  N  N   . ALA A 1 23  ? 1.182   12.271  4.194   1.00 4.65  ? 22  ALA A N   1 
ATOM   172  C  CA  . ALA A 1 23  ? -0.201  12.645  3.895   1.00 4.93  ? 22  ALA A CA  1 
ATOM   173  C  C   . ALA A 1 23  ? -0.414  12.935  2.405   1.00 4.44  ? 22  ALA A C   1 
ATOM   174  O  O   . ALA A 1 23  ? -1.358  12.427  1.801   1.00 4.79  ? 22  ALA A O   1 
ATOM   175  C  CB  . ALA A 1 23  ? -0.612  13.846  4.731   1.00 4.86  ? 22  ALA A CB  1 
ATOM   176  N  N   . GLY A 1 24  ? 0.469   13.746  1.821   1.00 4.70  ? 23  GLY A N   1 
ATOM   177  C  CA  . GLY A 1 24  ? 0.367   14.089  0.411   1.00 4.48  ? 23  GLY A CA  1 
ATOM   178  C  C   . GLY A 1 24  ? 0.522   12.888  -0.505  1.00 4.94  ? 23  GLY A C   1 
ATOM   179  O  O   . GLY A 1 24  ? -0.197  12.761  -1.502  1.00 6.27  ? 23  GLY A O   1 
ATOM   180  N  N   . HIS A 1 25  ? 1.468   12.006  -0.182  1.00 4.27  ? 24  HIS A N   1 
ATOM   181  C  CA  . HIS A 1 25  ? 1.673   10.806  -0.987  1.00 3.49  ? 24  HIS A CA  1 
ATOM   182  C  C   . HIS A 1 25  ? 0.438   9.911   -0.915  1.00 3.44  ? 24  HIS A C   1 
ATOM   183  O  O   . HIS A 1 25  ? 0.030   9.336   -1.919  1.00 5.08  ? 24  HIS A O   1 
ATOM   184  C  CB  . HIS A 1 25  ? 2.908   10.037  -0.516  1.00 3.35  ? 24  HIS A CB  1 
ATOM   185  C  CG  . HIS A 1 25  ? 4.202   10.698  -0.880  1.00 4.36  ? 24  HIS A CG  1 
ATOM   186  N  ND1 . HIS A 1 25  ? 4.708   11.810  -0.244  1.00 4.34  ? 24  HIS A ND1 1 
ATOM   187  C  CD2 . HIS A 1 25  ? 5.099   10.387  -1.849  1.00 4.98  ? 24  HIS A CD2 1 
ATOM   188  C  CE1 . HIS A 1 25  ? 5.869   12.133  -0.831  1.00 5.38  ? 24  HIS A CE1 1 
ATOM   189  N  NE2 . HIS A 1 25  ? 6.151   11.299  -1.812  1.00 5.15  ? 24  HIS A NE2 1 
ATOM   190  N  N   . GLY A 1 26  ? -0.147  9.799   0.278   1.00 3.68  ? 25  GLY A N   1 
ATOM   191  C  CA  . GLY A 1 26  ? -1.343  8.989   0.457   1.00 3.29  ? 25  GLY A CA  1 
ATOM   192  C  C   . GLY A 1 26  ? -2.493  9.475   -0.414  1.00 4.58  ? 25  GLY A C   1 
ATOM   193  O  O   . GLY A 1 26  ? -3.194  8.667   -1.027  1.00 4.58  ? 25  GLY A O   1 
ATOM   194  N  N   . GLN A 1 27  ? -2.680  10.793  -0.493  1.00 5.21  ? 26  GLN A N   1 
ATOM   195  C  CA  . GLN A 1 27  ? -3.754  11.352  -1.319  1.00 4.89  ? 26  GLN A CA  1 
ATOM   196  C  C   . GLN A 1 27  ? -3.575  10.980  -2.781  1.00 5.54  ? 26  GLN A C   1 
ATOM   197  O  O   . GLN A 1 27  ? -4.517  10.533  -3.430  1.00 6.42  ? 26  GLN A O   1 
ATOM   198  C  CB  . GLN A 1 27  ? -3.829  12.868  -1.171  1.00 5.76  ? 26  GLN A CB  1 
ATOM   199  C  CG  . GLN A 1 27  ? -4.314  13.314  0.196   1.00 8.20  ? 26  GLN A CG  1 
ATOM   200  C  CD  . GLN A 1 27  ? -4.315  14.815  0.343   1.00 10.85 ? 26  GLN A CD  1 
ATOM   201  O  OE1 . GLN A 1 27  ? -3.268  15.455  0.273   1.00 10.93 ? 26  GLN A OE1 1 
ATOM   202  N  NE2 . GLN A 1 27  ? -5.499  15.391  0.538   1.00 11.21 ? 26  GLN A NE2 1 
ATOM   203  N  N   . ASP A 1 28  ? -2.359  11.144  -3.291  1.00 4.96  ? 27  ASP A N   1 
ATOM   204  C  CA  . ASP A 1 28  ? -2.065  10.797  -4.680  1.00 5.69  ? 27  ASP A CA  1 
ATOM   205  C  C   . ASP A 1 28  ? -2.339  9.316   -4.932  1.00 5.72  ? 27  ASP A C   1 
ATOM   206  O  O   . ASP A 1 28  ? -2.872  8.947   -5.973  1.00 5.97  ? 27  ASP A O   1 
ATOM   207  C  CB  . ASP A 1 28  ? -0.600  11.100  -5.010  1.00 6.54  ? 27  ASP A CB  1 
ATOM   208  C  CG  . ASP A 1 28  ? -0.324  12.578  -5.155  1.00 9.14  ? 27  ASP A CG  1 
ATOM   209  O  OD1 . ASP A 1 28  ? -1.275  13.384  -5.041  1.00 10.50 ? 27  ASP A OD1 1 
ATOM   210  O  OD2 . ASP A 1 28  ? 0.847   12.932  -5.411  1.00 8.78  ? 27  ASP A OD2 1 
ATOM   211  N  N   . ILE A 1 29  ? -1.950  8.474   -3.974  1.00 4.75  ? 28  ILE A N   1 
ATOM   212  C  CA  . ILE A 1 29  ? -2.155  7.033   -4.083  1.00 6.41  ? 28  ILE A CA  1 
ATOM   213  C  C   . ILE A 1 29  ? -3.646  6.654   -4.133  1.00 6.09  ? 28  ILE A C   1 
ATOM   214  O  O   . ILE A 1 29  ? -4.048  5.832   -4.958  1.00 6.84  ? 28  ILE A O   1 
ATOM   215  C  CB  . ILE A 1 29  ? -1.381  6.286   -2.960  1.00 5.89  ? 28  ILE A CB  1 
ATOM   216  C  CG1 . ILE A 1 29  ? 0.125   6.419   -3.225  1.00 7.58  ? 28  ILE A CG1 1 
ATOM   217  C  CG2 . ILE A 1 29  ? -1.787  4.809   -2.891  1.00 5.37  ? 28  ILE A CG2 1 
ATOM   218  C  CD1 . ILE A 1 29  ? 1.013   5.949   -2.086  1.00 7.05  ? 28  ILE A CD1 1 
ATOM   219  N  N   . TRP A 1 30  ? -4.463  7.275   -3.282  1.00 6.37  ? 29  TRP A N   1 
ATOM   220  C  CA  . TRP A 1 30  ? -5.908  7.013   -3.269  1.00 7.17  ? 29  TRP A CA  1 
ATOM   221  C  C   . TRP A 1 30  ? -6.531  7.387   -4.614  1.00 8.45  ? 29  TRP A C   1 
ATOM   222  O  O   . TRP A 1 30  ? -7.334  6.638   -5.175  1.00 8.65  ? 29  TRP A O   1 
ATOM   223  C  CB  . TRP A 1 30  ? -6.610  7.859   -2.203  1.00 7.76  ? 29  TRP A CB  1 
ATOM   224  C  CG  . TRP A 1 30  ? -6.377  7.465   -0.792  1.00 6.71  ? 29  TRP A CG  1 
ATOM   225  C  CD1 . TRP A 1 30  ? -6.143  8.307   0.252   1.00 6.98  ? 29  TRP A CD1 1 
ATOM   226  C  CD2 . TRP A 1 30  ? -6.433  6.145   -0.239  1.00 7.85  ? 29  TRP A CD2 1 
ATOM   227  N  NE1 . TRP A 1 30  ? -6.058  7.600   1.425   1.00 8.26  ? 29  TRP A NE1 1 
ATOM   228  C  CE2 . TRP A 1 30  ? -6.234  6.270   1.153   1.00 8.11  ? 29  TRP A CE2 1 
ATOM   229  C  CE3 . TRP A 1 30  ? -6.641  4.869   -0.780  1.00 8.42  ? 29  TRP A CE3 1 
ATOM   230  C  CZ2 . TRP A 1 30  ? -6.237  5.168   2.015   1.00 9.55  ? 29  TRP A CZ2 1 
ATOM   231  C  CZ3 . TRP A 1 30  ? -6.643  3.771   0.079   1.00 8.95  ? 29  TRP A CZ3 1 
ATOM   232  C  CH2 . TRP A 1 30  ? -6.442  3.932   1.461   1.00 9.87  ? 29  TRP A CH2 1 
ATOM   233  N  N   . ILE A 1 31  ? -6.186  8.577   -5.101  1.00 8.65  ? 30  ILE A N   1 
ATOM   234  C  CA  . ILE A 1 31  ? -6.714  9.065   -6.370  1.00 9.72  ? 30  ILE A CA  1 
ATOM   235  C  C   . ILE A 1 31  ? -6.337  8.114   -7.499  1.00 9.96  ? 30  ILE A C   1 
ATOM   236  O  O   . ILE A 1 31  ? -7.188  7.724   -8.298  1.00 10.15 ? 30  ILE A O   1 
ATOM   237  C  CB  . ILE A 1 31  ? -6.227  10.507  -6.656  1.00 9.68  ? 30  ILE A CB  1 
ATOM   238  C  CG1 . ILE A 1 31  ? -6.885  11.467  -5.657  1.00 10.81 ? 30  ILE A CG1 1 
ATOM   239  C  CG2 . ILE A 1 31  ? -6.562  10.913  -8.093  1.00 10.70 ? 30  ILE A CG2 1 
ATOM   240  C  CD1 . ILE A 1 31  ? -6.260  12.848  -5.596  1.00 12.17 ? 30  ILE A CD1 1 
ATOM   241  N  N   . ARG A 1 32  ? -5.082  7.679   -7.506  1.00 8.10  ? 31  ARG A N   1 
ATOM   242  C  CA  . ARG A 1 32  ? -4.600  6.757   -8.523  1.00 9.24  ? 31  ARG A CA  1 
ATOM   243  C  C   . ARG A 1 32  ? -5.341  5.419   -8.439  1.00 8.66  ? 31  ARG A C   1 
ATOM   244  O  O   . ARG A 1 32  ? -5.790  4.885   -9.453  1.00 8.59  ? 31  ARG A O   1 
ATOM   245  C  CB  . ARG A 1 32  ? -3.092  6.545   -8.355  1.00 10.49 ? 31  ARG A CB  1 
ATOM   246  C  CG  . ARG A 1 32  ? -2.473  5.647   -9.399  1.00 12.59 ? 31  ARG A CG  1 
ATOM   247  C  CD  . ARG A 1 32  ? -2.658  6.227   -10.782 1.00 14.90 ? 31  ARG A CD  1 
ATOM   248  N  NE  . ARG A 1 32  ? -2.484  5.205   -11.806 1.00 18.94 ? 31  ARG A NE  1 
ATOM   249  C  CZ  . ARG A 1 32  ? -2.652  5.417   -13.104 1.00 19.96 ? 31  ARG A CZ  1 
ATOM   250  N  NH1 . ARG A 1 32  ? -2.998  6.622   -13.541 1.00 21.26 ? 31  ARG A NH1 1 
ATOM   251  N  NH2 . ARG A 1 32  ? -2.486  4.419   -13.961 1.00 21.56 ? 31  ARG A NH2 1 
ATOM   252  N  N   . LEU A 1 33  ? -5.492  4.900   -7.221  1.00 8.03  ? 32  LEU A N   1 
ATOM   253  C  CA  . LEU A 1 33  ? -6.178  3.627   -6.999  1.00 8.42  ? 32  LEU A CA  1 
ATOM   254  C  C   . LEU A 1 33  ? -7.655  3.659   -7.390  1.00 9.36  ? 32  LEU A C   1 
ATOM   255  O  O   . LEU A 1 33  ? -8.120  2.811   -8.154  1.00 10.13 ? 32  LEU A O   1 
ATOM   256  C  CB  . LEU A 1 33  ? -6.062  3.210   -5.526  1.00 7.52  ? 32  LEU A CB  1 
ATOM   257  C  CG  . LEU A 1 33  ? -6.866  1.968   -5.121  1.00 6.71  ? 32  LEU A CG  1 
ATOM   258  C  CD1 . LEU A 1 33  ? -6.309  0.727   -5.809  1.00 6.77  ? 32  LEU A CD1 1 
ATOM   259  C  CD2 . LEU A 1 33  ? -6.848  1.802   -3.607  1.00 6.35  ? 32  LEU A CD2 1 
ATOM   260  N  N   . PHE A 1 34  ? -8.387  4.625   -6.845  1.00 10.00 ? 33  PHE A N   1 
ATOM   261  C  CA  . PHE A 1 34  ? -9.817  4.753   -7.110  1.00 12.19 ? 33  PHE A CA  1 
ATOM   262  C  C   . PHE A 1 34  ? -10.168 5.081   -8.556  1.00 14.17 ? 33  PHE A C   1 
ATOM   263  O  O   . PHE A 1 34  ? -11.259 4.748   -9.017  1.00 15.45 ? 33  PHE A O   1 
ATOM   264  C  CB  . PHE A 1 34  ? -10.451 5.752   -6.142  1.00 11.37 ? 33  PHE A CB  1 
ATOM   265  C  CG  . PHE A 1 34  ? -10.314 5.360   -4.694  1.00 10.98 ? 33  PHE A CG  1 
ATOM   266  C  CD1 . PHE A 1 34  ? -10.307 4.014   -4.318  1.00 10.58 ? 33  PHE A CD1 1 
ATOM   267  C  CD2 . PHE A 1 34  ? -10.195 6.332   -3.705  1.00 11.30 ? 33  PHE A CD2 1 
ATOM   268  C  CE1 . PHE A 1 34  ? -10.185 3.644   -2.975  1.00 10.80 ? 33  PHE A CE1 1 
ATOM   269  C  CE2 . PHE A 1 34  ? -10.073 5.972   -2.356  1.00 11.96 ? 33  PHE A CE2 1 
ATOM   270  C  CZ  . PHE A 1 34  ? -10.069 4.623   -1.993  1.00 10.64 ? 33  PHE A CZ  1 
ATOM   271  N  N   . LYS A 1 35  ? -9.246  5.712   -9.277  1.00 14.50 ? 34  LYS A N   1 
ATOM   272  C  CA  . LYS A 1 35  ? -9.484  6.030   -10.681 1.00 16.87 ? 34  LYS A CA  1 
ATOM   273  C  C   . LYS A 1 35  ? -9.141  4.847   -11.583 1.00 16.24 ? 34  LYS A C   1 
ATOM   274  O  O   . LYS A 1 35  ? -9.847  4.575   -12.555 1.00 16.33 ? 34  LYS A O   1 
ATOM   275  C  CB  . LYS A 1 35  ? -8.690  7.267   -11.106 1.00 19.66 ? 34  LYS A CB  1 
ATOM   276  C  CG  . LYS A 1 35  ? -9.229  8.572   -10.526 1.00 25.74 ? 34  LYS A CG  1 
ATOM   277  C  CD  . LYS A 1 35  ? -10.655 8.845   -10.997 1.00 28.75 ? 34  LYS A CD  1 
ATOM   278  C  CE  . LYS A 1 35  ? -11.202 10.133  -10.406 1.00 31.54 ? 34  LYS A CE  1 
ATOM   279  N  NZ  . LYS A 1 35  ? -12.602 10.388  -10.853 1.00 33.65 ? 34  LYS A NZ  1 
ATOM   280  N  N   . SER A 1 36  ? -8.055  4.149   -11.263 1.00 14.03 ? 35  SER A N   1 
ATOM   281  C  CA  . SER A 1 36  ? -7.631  2.993   -12.048 1.00 12.16 ? 35  SER A CA  1 
ATOM   282  C  C   . SER A 1 36  ? -8.515  1.770   -11.813 1.00 11.90 ? 35  SER A C   1 
ATOM   283  O  O   . SER A 1 36  ? -8.762  0.990   -12.734 1.00 11.27 ? 35  SER A O   1 
ATOM   284  C  CB  . SER A 1 36  ? -6.177  2.635   -11.738 1.00 13.08 ? 35  SER A CB  1 
ATOM   285  O  OG  . SER A 1 36  ? -5.297  3.617   -12.244 1.00 16.20 ? 35  SER A OG  1 
ATOM   286  N  N   . HIS A 1 37  ? -8.977  1.608   -10.575 1.00 11.16 ? 36  HIS A N   1 
ATOM   287  C  CA  . HIS A 1 37  ? -9.819  0.476   -10.193 1.00 10.89 ? 36  HIS A CA  1 
ATOM   288  C  C   . HIS A 1 37  ? -10.923 0.969   -9.257  1.00 10.93 ? 36  HIS A C   1 
ATOM   289  O  O   . HIS A 1 37  ? -10.850 0.794   -8.041  1.00 11.18 ? 36  HIS A O   1 
ATOM   290  C  CB  . HIS A 1 37  ? -8.964  -0.590  -9.494  1.00 10.62 ? 36  HIS A CB  1 
ATOM   291  C  CG  . HIS A 1 37  ? -7.733  -0.973  -10.257 1.00 10.57 ? 36  HIS A CG  1 
ATOM   292  N  ND1 . HIS A 1 37  ? -7.784  -1.848  -11.312 1.00 11.63 ? 36  HIS A ND1 1 
ATOM   293  C  CD2 . HIS A 1 37  ? -6.461  -0.532  -10.103 1.00 10.63 ? 36  HIS A CD2 1 
ATOM   294  C  CE1 . HIS A 1 37  ? -6.552  -1.919  -11.778 1.00 11.76 ? 36  HIS A CE1 1 
ATOM   295  N  NE2 . HIS A 1 37  ? -5.714  -1.142  -11.079 1.00 12.61 ? 36  HIS A NE2 1 
ATOM   296  N  N   . PRO A 1 38  ? -11.971 1.591   -9.818  1.00 10.76 ? 37  PRO A N   1 
ATOM   297  C  CA  . PRO A 1 38  ? -13.101 2.124   -9.052  1.00 11.74 ? 37  PRO A CA  1 
ATOM   298  C  C   . PRO A 1 38  ? -13.763 1.146   -8.082  1.00 11.29 ? 37  PRO A C   1 
ATOM   299  O  O   . PRO A 1 38  ? -14.266 1.553   -7.035  1.00 10.78 ? 37  PRO A O   1 
ATOM   300  C  CB  . PRO A 1 38  ? -14.070 2.568   -10.148 1.00 12.15 ? 37  PRO A CB  1 
ATOM   301  C  CG  . PRO A 1 38  ? -13.155 2.972   -11.253 1.00 12.29 ? 37  PRO A CG  1 
ATOM   302  C  CD  . PRO A 1 38  ? -12.153 1.843   -11.257 1.00 11.56 ? 37  PRO A CD  1 
ATOM   303  N  N   . GLU A 1 39  ? -13.750 -0.141  -8.423  1.00 11.62 ? 38  GLU A N   1 
ATOM   304  C  CA  . GLU A 1 39  ? -14.360 -1.167  -7.576  1.00 11.70 ? 38  GLU A CA  1 
ATOM   305  C  C   . GLU A 1 39  ? -13.757 -1.228  -6.165  1.00 11.23 ? 38  GLU A C   1 
ATOM   306  O  O   . GLU A 1 39  ? -14.435 -1.615  -5.211  1.00 12.14 ? 38  GLU A O   1 
ATOM   307  C  CB  . GLU A 1 39  ? -14.279 -2.546  -8.247  1.00 11.39 ? 38  GLU A CB  1 
ATOM   308  C  CG  . GLU A 1 39  ? -12.867 -3.105  -8.389  1.00 12.95 ? 38  GLU A CG  1 
ATOM   309  C  CD  . GLU A 1 39  ? -12.233 -2.823  -9.739  1.00 13.77 ? 38  GLU A CD  1 
ATOM   310  O  OE1 . GLU A 1 39  ? -12.393 -1.702  -10.277 1.00 14.36 ? 38  GLU A OE1 1 
ATOM   311  O  OE2 . GLU A 1 39  ? -11.567 -3.735  -10.267 1.00 14.31 ? 38  GLU A OE2 1 
ATOM   312  N  N   . THR A 1 40  ? -12.489 -0.838  -6.031  1.00 10.12 ? 39  THR A N   1 
ATOM   313  C  CA  . THR A 1 40  ? -11.828 -0.846  -4.726  1.00 8.80  ? 39  THR A CA  1 
ATOM   314  C  C   . THR A 1 40  ? -12.443 0.169   -3.756  1.00 9.39  ? 39  THR A C   1 
ATOM   315  O  O   . THR A 1 40  ? -12.463 -0.057  -2.546  1.00 9.22  ? 39  THR A O   1 
ATOM   316  C  CB  . THR A 1 40  ? -10.308 -0.575  -4.840  1.00 8.40  ? 39  THR A CB  1 
ATOM   317  O  OG1 . THR A 1 40  ? -10.081 0.701   -5.457  1.00 7.25  ? 39  THR A OG1 1 
ATOM   318  C  CG2 . THR A 1 40  ? -9.628  -1.667  -5.646  1.00 8.02  ? 39  THR A CG2 1 
ATOM   319  N  N   . LEU A 1 41  ? -12.961 1.274   -4.290  1.00 9.06  ? 40  LEU A N   1 
ATOM   320  C  CA  . LEU A 1 41  ? -13.576 2.307   -3.460  1.00 9.22  ? 40  LEU A CA  1 
ATOM   321  C  C   . LEU A 1 41  ? -14.821 1.781   -2.754  1.00 8.11  ? 40  LEU A C   1 
ATOM   322  O  O   . LEU A 1 41  ? -15.126 2.185   -1.631  1.00 8.79  ? 40  LEU A O   1 
ATOM   323  C  CB  . LEU A 1 41  ? -13.932 3.536   -4.303  1.00 8.94  ? 40  LEU A CB  1 
ATOM   324  C  CG  . LEU A 1 41  ? -14.595 4.714   -3.573  1.00 10.01 ? 40  LEU A CG  1 
ATOM   325  C  CD1 . LEU A 1 41  ? -13.749 5.180   -2.392  1.00 10.99 ? 40  LEU A CD1 1 
ATOM   326  C  CD2 . LEU A 1 41  ? -14.825 5.856   -4.537  1.00 9.82  ? 40  LEU A CD2 1 
ATOM   327  N  N   . GLU A 1 42  ? -15.506 0.844   -3.403  1.00 9.68  ? 41  GLU A N   1 
ATOM   328  C  CA  . GLU A 1 42  ? -16.723 0.253   -2.859  1.00 11.01 ? 41  GLU A CA  1 
ATOM   329  C  C   . GLU A 1 42  ? -16.510 -0.499  -1.547  1.00 10.99 ? 41  GLU A C   1 
ATOM   330  O  O   . GLU A 1 42  ? -17.452 -0.687  -0.771  1.00 11.45 ? 41  GLU A O   1 
ATOM   331  C  CB  . GLU A 1 42  ? -17.384 -0.648  -3.907  1.00 13.86 ? 41  GLU A CB  1 
ATOM   332  C  CG  . GLU A 1 42  ? -17.806 0.109   -5.167  1.00 20.14 ? 41  GLU A CG  1 
ATOM   333  C  CD  . GLU A 1 42  ? -18.606 1.368   -4.847  1.00 25.29 ? 41  GLU A CD  1 
ATOM   334  O  OE1 . GLU A 1 42  ? -18.095 2.485   -5.098  1.00 28.68 ? 41  GLU A OE1 1 
ATOM   335  O  OE2 . GLU A 1 42  ? -19.738 1.244   -4.325  1.00 27.76 ? 41  GLU A OE2 1 
ATOM   336  N  N   . LYS A 1 43  ? -15.267 -0.910  -1.296  1.00 10.29 ? 42  LYS A N   1 
ATOM   337  C  CA  . LYS A 1 43  ? -14.918 -1.622  -0.071  1.00 9.50  ? 42  LYS A CA  1 
ATOM   338  C  C   . LYS A 1 43  ? -14.879 -0.698  1.144   1.00 9.74  ? 42  LYS A C   1 
ATOM   339  O  O   . LYS A 1 43  ? -14.900 -1.167  2.281   1.00 10.85 ? 42  LYS A O   1 
ATOM   340  C  CB  . LYS A 1 43  ? -13.567 -2.326  -0.226  1.00 8.77  ? 42  LYS A CB  1 
ATOM   341  C  CG  . LYS A 1 43  ? -13.603 -3.568  -1.102  1.00 8.49  ? 42  LYS A CG  1 
ATOM   342  C  CD  . LYS A 1 43  ? -14.332 -4.719  -0.411  1.00 9.49  ? 42  LYS A CD  1 
ATOM   343  C  CE  . LYS A 1 43  ? -14.395 -5.954  -1.300  1.00 10.22 ? 42  LYS A CE  1 
ATOM   344  N  NZ  . LYS A 1 43  ? -15.060 -7.099  -0.617  1.00 11.45 ? 42  LYS A NZ  1 
ATOM   345  N  N   . PHE A 1 44  ? -14.819 0.609   0.903   1.00 8.80  ? 43  PHE A N   1 
ATOM   346  C  CA  . PHE A 1 44  ? -14.776 1.594   1.982   1.00 9.05  ? 43  PHE A CA  1 
ATOM   347  C  C   . PHE A 1 44  ? -16.151 2.202   2.232   1.00 10.38 ? 43  PHE A C   1 
ATOM   348  O  O   . PHE A 1 44  ? -16.552 3.132   1.542   1.00 9.82  ? 43  PHE A O   1 
ATOM   349  C  CB  . PHE A 1 44  ? -13.801 2.725   1.641   1.00 8.06  ? 43  PHE A CB  1 
ATOM   350  C  CG  . PHE A 1 44  ? -12.375 2.280   1.496   1.00 7.55  ? 43  PHE A CG  1 
ATOM   351  C  CD1 . PHE A 1 44  ? -11.890 1.843   0.269   1.00 6.59  ? 43  PHE A CD1 1 
ATOM   352  C  CD2 . PHE A 1 44  ? -11.516 2.309   2.588   1.00 8.16  ? 43  PHE A CD2 1 
ATOM   353  C  CE1 . PHE A 1 44  ? -10.566 1.439   0.132   1.00 7.28  ? 43  PHE A CE1 1 
ATOM   354  C  CE2 . PHE A 1 44  ? -10.189 1.906   2.459   1.00 8.09  ? 43  PHE A CE2 1 
ATOM   355  C  CZ  . PHE A 1 44  ? -9.717  1.472   1.229   1.00 7.30  ? 43  PHE A CZ  1 
ATOM   356  N  N   . ASP A 1 45  ? -16.861 1.705   3.237   1.00 11.71 ? 44  ASP A N   1 
ATOM   357  C  CA  . ASP A 1 45  ? -18.185 2.240   3.548   1.00 14.19 ? 44  ASP A CA  1 
ATOM   358  C  C   . ASP A 1 45  ? -18.113 3.712   3.949   1.00 13.34 ? 44  ASP A C   1 
ATOM   359  O  O   . ASP A 1 45  ? -19.046 4.480   3.724   1.00 12.35 ? 44  ASP A O   1 
ATOM   360  C  CB  . ASP A 1 45  ? -18.836 1.436   4.677   1.00 18.61 ? 44  ASP A CB  1 
ATOM   361  C  CG  . ASP A 1 45  ? -19.076 -0.016  4.301   1.00 22.85 ? 44  ASP A CG  1 
ATOM   362  O  OD1 . ASP A 1 45  ? -19.278 -0.312  3.098   1.00 24.10 ? 44  ASP A OD1 1 
ATOM   363  O  OD2 . ASP A 1 45  ? -19.060 -0.862  5.221   1.00 26.86 ? 44  ASP A OD2 1 
ATOM   364  N  N   . ARG A 1 46  ? -16.974 4.100   4.509   1.00 12.09 ? 45  ARG A N   1 
ATOM   365  C  CA  . ARG A 1 46  ? -16.745 5.460   4.971   1.00 11.65 ? 45  ARG A CA  1 
ATOM   366  C  C   . ARG A 1 46  ? -16.404 6.440   3.848   1.00 10.73 ? 45  ARG A C   1 
ATOM   367  O  O   . ARG A 1 46  ? -16.614 7.647   3.992   1.00 10.96 ? 45  ARG A O   1 
ATOM   368  C  CB  . ARG A 1 46  ? -15.620 5.439   6.009   1.00 14.21 ? 45  ARG A CB  1 
ATOM   369  C  CG  . ARG A 1 46  ? -15.625 6.600   6.977   1.00 18.04 ? 45  ARG A CG  1 
ATOM   370  C  CD  . ARG A 1 46  ? -15.019 6.201   8.323   1.00 19.25 ? 45  ARG A CD  1 
ATOM   371  N  NE  . ARG A 1 46  ? -13.625 5.780   8.208   1.00 17.39 ? 45  ARG A NE  1 
ATOM   372  C  CZ  . ARG A 1 46  ? -12.580 6.573   8.429   1.00 18.90 ? 45  ARG A CZ  1 
ATOM   373  N  NH1 . ARG A 1 46  ? -12.766 7.843   8.778   1.00 18.13 ? 45  ARG A NH1 1 
ATOM   374  N  NH2 . ARG A 1 46  ? -11.348 6.091   8.317   1.00 17.90 ? 45  ARG A NH2 1 
ATOM   375  N  N   . PHE A 1 47  ? -15.928 5.924   2.717   1.00 9.41  ? 46  PHE A N   1 
ATOM   376  C  CA  . PHE A 1 47  ? -15.524 6.785   1.607   1.00 8.50  ? 46  PHE A CA  1 
ATOM   377  C  C   . PHE A 1 47  ? -16.199 6.531   0.259   1.00 8.95  ? 46  PHE A C   1 
ATOM   378  O  O   . PHE A 1 47  ? -16.010 7.314   -0.673  1.00 9.39  ? 46  PHE A O   1 
ATOM   379  C  CB  . PHE A 1 47  ? -14.003 6.687   1.405   1.00 8.48  ? 46  PHE A CB  1 
ATOM   380  C  CG  . PHE A 1 47  ? -13.200 6.920   2.654   1.00 8.64  ? 46  PHE A CG  1 
ATOM   381  C  CD1 . PHE A 1 47  ? -13.306 8.120   3.356   1.00 9.58  ? 46  PHE A CD1 1 
ATOM   382  C  CD2 . PHE A 1 47  ? -12.341 5.933   3.139   1.00 9.09  ? 46  PHE A CD2 1 
ATOM   383  C  CE1 . PHE A 1 47  ? -12.575 8.333   4.523   1.00 9.72  ? 46  PHE A CE1 1 
ATOM   384  C  CE2 . PHE A 1 47  ? -11.605 6.138   4.304   1.00 7.77  ? 46  PHE A CE2 1 
ATOM   385  C  CZ  . PHE A 1 47  ? -11.724 7.339   4.997   1.00 9.61  ? 46  PHE A CZ  1 
ATOM   386  N  N   . LYS A 1 48  ? -17.006 5.478   0.151   1.00 8.40  ? 47  LYS A N   1 
ATOM   387  C  CA  . LYS A 1 48  ? -17.632 5.148   -1.133  1.00 9.82  ? 47  LYS A CA  1 
ATOM   388  C  C   . LYS A 1 48  ? -18.576 6.173   -1.754  1.00 9.17  ? 47  LYS A C   1 
ATOM   389  O  O   . LYS A 1 48  ? -18.958 6.037   -2.917  1.00 11.75 ? 47  LYS A O   1 
ATOM   390  C  CB  . LYS A 1 48  ? -18.280 3.761   -1.103  1.00 10.61 ? 47  LYS A CB  1 
ATOM   391  C  CG  . LYS A 1 48  ? -19.437 3.586   -0.145  1.00 12.68 ? 47  LYS A CG  1 
ATOM   392  C  CD  . LYS A 1 48  ? -19.900 2.141   -0.202  1.00 16.06 ? 47  LYS A CD  1 
ATOM   393  C  CE  . LYS A 1 48  ? -21.041 1.855   0.753   1.00 19.82 ? 47  LYS A CE  1 
ATOM   394  N  NZ  . LYS A 1 48  ? -21.414 0.406   0.702   1.00 22.62 ? 47  LYS A NZ  1 
ATOM   395  N  N   . HIS A 1 49  ? -18.901 7.218   -1.005  1.00 8.92  ? 48  HIS A N   1 
ATOM   396  C  CA  . HIS A 1 49  ? -19.780 8.278   -1.496  1.00 9.44  ? 48  HIS A CA  1 
ATOM   397  C  C   . HIS A 1 49  ? -19.014 9.317   -2.324  1.00 9.95  ? 48  HIS A C   1 
ATOM   398  O  O   . HIS A 1 49  ? -19.626 10.119  -3.032  1.00 10.10 ? 48  HIS A O   1 
ATOM   399  C  CB  . HIS A 1 49  ? -20.457 8.982   -0.322  1.00 9.45  ? 48  HIS A CB  1 
ATOM   400  C  CG  . HIS A 1 49  ? -19.494 9.684   0.581   1.00 10.90 ? 48  HIS A CG  1 
ATOM   401  N  ND1 . HIS A 1 49  ? -18.632 8.985   1.394   1.00 10.86 ? 48  HIS A ND1 1 
ATOM   402  C  CD2 . HIS A 1 49  ? -19.246 11.012  0.700   1.00 11.27 ? 48  HIS A CD2 1 
ATOM   403  C  CE1 . HIS A 1 49  ? -17.884 9.896   1.984   1.00 12.58 ? 48  HIS A CE1 1 
ATOM   404  N  NE2 . HIS A 1 49  ? -18.217 11.139  1.597   1.00 13.45 ? 48  HIS A NE2 1 
ATOM   405  N  N   . LEU A 1 50  ? -17.688 9.338   -2.193  1.00 9.20  ? 49  LEU A N   1 
ATOM   406  C  CA  . LEU A 1 50  ? -16.848 10.284  -2.936  1.00 8.29  ? 49  LEU A CA  1 
ATOM   407  C  C   . LEU A 1 50  ? -17.020 10.051  -4.439  1.00 8.27  ? 49  LEU A C   1 
ATOM   408  O  O   . LEU A 1 50  ? -16.783 8.954   -4.946  1.00 8.43  ? 49  LEU A O   1 
ATOM   409  C  CB  . LEU A 1 50  ? -15.380 10.137  -2.513  1.00 8.59  ? 49  LEU A CB  1 
ATOM   410  C  CG  . LEU A 1 50  ? -15.124 10.426  -1.025  1.00 9.63  ? 49  LEU A CG  1 
ATOM   411  C  CD1 . LEU A 1 50  ? -13.721 9.982   -0.633  1.00 9.04  ? 49  LEU A CD1 1 
ATOM   412  C  CD2 . LEU A 1 50  ? -15.336 11.907  -0.706  1.00 11.31 ? 49  LEU A CD2 1 
ATOM   413  N  N   . LYS A 1 51  ? -17.468 11.092  -5.139  1.00 8.50  ? 50  LYS A N   1 
ATOM   414  C  CA  . LYS A 1 51  ? -17.742 11.011  -6.573  1.00 8.12  ? 50  LYS A CA  1 
ATOM   415  C  C   . LYS A 1 51  ? -16.631 11.450  -7.513  1.00 7.82  ? 50  LYS A C   1 
ATOM   416  O  O   . LYS A 1 51  ? -16.578 11.006  -8.659  1.00 10.53 ? 50  LYS A O   1 
ATOM   417  C  CB  . LYS A 1 51  ? -18.971 11.861  -6.906  1.00 8.46  ? 50  LYS A CB  1 
ATOM   418  C  CG  . LYS A 1 51  ? -20.247 11.502  -6.163  1.00 7.70  ? 50  LYS A CG  1 
ATOM   419  C  CD  . LYS A 1 51  ? -21.365 12.468  -6.567  1.00 9.10  ? 50  LYS A CD  1 
ATOM   420  C  CE  . LYS A 1 51  ? -22.671 12.192  -5.836  1.00 8.27  ? 50  LYS A CE  1 
ATOM   421  N  NZ  . LYS A 1 51  ? -23.264 10.887  -6.228  1.00 11.01 ? 50  LYS A NZ  1 
ATOM   422  N  N   . THR A 1 52  ? -15.785 12.362  -7.053  1.00 7.79  ? 51  THR A N   1 
ATOM   423  C  CA  . THR A 1 52  ? -14.729 12.908  -7.893  1.00 8.50  ? 51  THR A CA  1 
ATOM   424  C  C   . THR A 1 52  ? -13.371 12.998  -7.206  1.00 9.43  ? 51  THR A C   1 
ATOM   425  O  O   . THR A 1 52  ? -13.261 12.837  -5.986  1.00 8.54  ? 51  THR A O   1 
ATOM   426  C  CB  . THR A 1 52  ? -15.103 14.340  -8.335  1.00 7.91  ? 51  THR A CB  1 
ATOM   427  O  OG1 . THR A 1 52  ? -15.179 15.184  -7.178  1.00 8.62  ? 51  THR A OG1 1 
ATOM   428  C  CG2 . THR A 1 52  ? -16.455 14.360  -9.049  1.00 9.91  ? 51  THR A CG2 1 
ATOM   429  N  N   . GLU A 1 53  ? -12.347 13.298  -8.003  1.00 9.34  ? 52  GLU A N   1 
ATOM   430  C  CA  . GLU A 1 53  ? -10.993 13.457  -7.493  1.00 9.60  ? 52  GLU A CA  1 
ATOM   431  C  C   . GLU A 1 53  ? -10.969 14.651  -6.543  1.00 9.01  ? 52  GLU A C   1 
ATOM   432  O  O   . GLU A 1 53  ? -10.305 14.619  -5.507  1.00 8.87  ? 52  GLU A O   1 
ATOM   433  C  CB  . GLU A 1 53  ? -10.026 13.695  -8.645  1.00 11.50 ? 52  GLU A CB  1 
ATOM   434  C  CG  . GLU A 1 53  ? -8.599  13.913  -8.205  1.00 17.00 ? 52  GLU A CG  1 
ATOM   435  C  CD  . GLU A 1 53  ? -7.650  14.109  -9.372  1.00 20.42 ? 52  GLU A CD  1 
ATOM   436  O  OE1 . GLU A 1 53  ? -7.865  13.486  -10.440 1.00 20.18 ? 52  GLU A OE1 1 
ATOM   437  O  OE2 . GLU A 1 53  ? -6.682  14.886  -9.208  1.00 23.39 ? 52  GLU A OE2 1 
ATOM   438  N  N   . ALA A 1 54  ? -11.722 15.692  -6.889  1.00 7.38  ? 53  ALA A N   1 
ATOM   439  C  CA  . ALA A 1 54  ? -11.798 16.891  -6.059  1.00 7.83  ? 53  ALA A CA  1 
ATOM   440  C  C   . ALA A 1 54  ? -12.319 16.555  -4.663  1.00 7.22  ? 53  ALA A C   1 
ATOM   441  O  O   . ALA A 1 54  ? -11.776 17.023  -3.658  1.00 8.78  ? 53  ALA A O   1 
ATOM   442  C  CB  . ALA A 1 54  ? -12.692 17.933  -6.718  1.00 7.57  ? 53  ALA A CB  1 
ATOM   443  N  N   . GLU A 1 55  ? -13.366 15.734  -4.604  1.00 7.10  ? 54  GLU A N   1 
ATOM   444  C  CA  . GLU A 1 55  ? -13.944 15.336  -3.327  1.00 6.80  ? 54  GLU A CA  1 
ATOM   445  C  C   . GLU A 1 55  ? -12.954 14.485  -2.545  1.00 6.87  ? 54  GLU A C   1 
ATOM   446  O  O   . GLU A 1 55  ? -12.802 14.661  -1.337  1.00 7.52  ? 54  GLU A O   1 
ATOM   447  C  CB  . GLU A 1 55  ? -15.262 14.590  -3.539  1.00 7.76  ? 54  GLU A CB  1 
ATOM   448  C  CG  . GLU A 1 55  ? -16.347 15.469  -4.146  1.00 8.58  ? 54  GLU A CG  1 
ATOM   449  C  CD  . GLU A 1 55  ? -17.724 14.836  -4.125  1.00 11.02 ? 54  GLU A CD  1 
ATOM   450  O  OE1 . GLU A 1 55  ? -17.847 13.627  -3.824  1.00 10.96 ? 54  GLU A OE1 1 
ATOM   451  O  OE2 . GLU A 1 55  ? -18.697 15.564  -4.411  1.00 10.04 ? 54  GLU A OE2 1 
ATOM   452  N  N   . MET A 1 56  ? -12.264 13.587  -3.241  1.00 6.86  ? 55  MET A N   1 
ATOM   453  C  CA  . MET A 1 56  ? -11.261 12.734  -2.604  1.00 7.30  ? 55  MET A CA  1 
ATOM   454  C  C   . MET A 1 56  ? -10.152 13.588  -2.000  1.00 7.75  ? 55  MET A C   1 
ATOM   455  O  O   . MET A 1 56  ? -9.747  13.379  -0.859  1.00 8.29  ? 55  MET A O   1 
ATOM   456  C  CB  . MET A 1 56  ? -10.661 11.779  -3.626  1.00 7.13  ? 55  MET A CB  1 
ATOM   457  C  CG  . MET A 1 56  ? -11.615 10.702  -4.079  1.00 9.78  ? 55  MET A CG  1 
ATOM   458  S  SD  . MET A 1 56  ? -10.974 9.803   -5.480  1.00 10.52 ? 55  MET A SD  1 
ATOM   459  C  CE  . MET A 1 56  ? -12.462 8.959   -6.006  1.00 11.84 ? 55  MET A CE  1 
ATOM   460  N  N   . LYS A 1 57  ? -9.677  14.555  -2.778  1.00 8.63  ? 56  LYS A N   1 
ATOM   461  C  CA  . LYS A 1 57  ? -8.622  15.463  -2.347  1.00 10.16 ? 56  LYS A CA  1 
ATOM   462  C  C   . LYS A 1 57  ? -9.066  16.316  -1.155  1.00 10.77 ? 56  LYS A C   1 
ATOM   463  O  O   . LYS A 1 57  ? -8.282  16.572  -0.237  1.00 11.30 ? 56  LYS A O   1 
ATOM   464  C  CB  . LYS A 1 57  ? -8.207  16.358  -3.521  1.00 12.05 ? 56  LYS A CB  1 
ATOM   465  C  CG  . LYS A 1 57  ? -7.033  17.278  -3.238  1.00 17.57 ? 56  LYS A CG  1 
ATOM   466  C  CD  . LYS A 1 57  ? -5.745  16.493  -2.999  1.00 20.20 ? 56  LYS A CD  1 
ATOM   467  C  CE  . LYS A 1 57  ? -4.603  17.419  -2.596  1.00 22.51 ? 56  LYS A CE  1 
ATOM   468  N  NZ  . LYS A 1 57  ? -3.334  16.676  -2.355  1.00 24.19 ? 56  LYS A NZ  1 
ATOM   469  N  N   . ALA A 1 58  ? -10.332 16.728  -1.153  1.00 10.45 ? 57  ALA A N   1 
ATOM   470  C  CA  . ALA A 1 58  ? -10.869 17.561  -0.079  1.00 9.72  ? 57  ALA A CA  1 
ATOM   471  C  C   . ALA A 1 58  ? -11.227 16.803  1.195   1.00 9.13  ? 57  ALA A C   1 
ATOM   472  O  O   . ALA A 1 58  ? -11.471 17.415  2.233   1.00 9.99  ? 57  ALA A O   1 
ATOM   473  C  CB  . ALA A 1 58  ? -12.080 18.346  -0.582  1.00 9.84  ? 57  ALA A CB  1 
ATOM   474  N  N   . SER A 1 59  ? -11.244 15.476  1.130   1.00 9.12  ? 58  SER A N   1 
ATOM   475  C  CA  . SER A 1 59  ? -11.590 14.670  2.295   1.00 9.18  ? 58  SER A CA  1 
ATOM   476  C  C   . SER A 1 59  ? -10.488 14.590  3.337   1.00 9.38  ? 58  SER A C   1 
ATOM   477  O  O   . SER A 1 59  ? -9.468  13.939  3.121   1.00 8.89  ? 58  SER A O   1 
ATOM   478  C  CB  . SER A 1 59  ? -11.998 13.260  1.877   1.00 8.41  ? 58  SER A CB  1 
ATOM   479  O  OG  . SER A 1 59  ? -12.300 12.484  3.024   1.00 8.15  ? 58  SER A OG  1 
ATOM   480  N  N   . GLU A 1 60  ? -10.712 15.225  4.481   1.00 9.65  ? 59  GLU A N   1 
ATOM   481  C  CA  . GLU A 1 60  ? -9.732  15.213  5.561   1.00 10.85 ? 59  GLU A CA  1 
ATOM   482  C  C   . GLU A 1 60  ? -9.611  13.807  6.154   1.00 9.63  ? 59  GLU A C   1 
ATOM   483  O  O   . GLU A 1 60  ? -8.520  13.373  6.510   1.00 8.96  ? 59  GLU A O   1 
ATOM   484  C  CB  . GLU A 1 60  ? -10.121 16.232  6.636   1.00 13.99 ? 59  GLU A CB  1 
ATOM   485  C  CG  . GLU A 1 60  ? -9.084  16.425  7.747   1.00 22.58 ? 59  GLU A CG  1 
ATOM   486  C  CD  . GLU A 1 60  ? -7.707  16.850  7.238   1.00 25.94 ? 59  GLU A CD  1 
ATOM   487  O  OE1 . GLU A 1 60  ? -7.624  17.633  6.261   1.00 27.96 ? 59  GLU A OE1 1 
ATOM   488  O  OE2 . GLU A 1 60  ? -6.702  16.398  7.829   1.00 29.61 ? 59  GLU A OE2 1 
ATOM   489  N  N   . ASP A 1 61  ? -10.731 13.090  6.231   1.00 9.57  ? 60  ASP A N   1 
ATOM   490  C  CA  . ASP A 1 61  ? -10.726 11.727  6.760   1.00 9.90  ? 60  ASP A CA  1 
ATOM   491  C  C   . ASP A 1 61  ? -9.976  10.770  5.840   1.00 9.19  ? 60  ASP A C   1 
ATOM   492  O  O   . ASP A 1 61  ? -9.245  9.898   6.312   1.00 8.24  ? 60  ASP A O   1 
ATOM   493  C  CB  . ASP A 1 61  ? -12.152 11.222  6.998   1.00 12.31 ? 60  ASP A CB  1 
ATOM   494  C  CG  . ASP A 1 61  ? -12.786 11.816  8.251   1.00 14.78 ? 60  ASP A CG  1 
ATOM   495  O  OD1 . ASP A 1 61  ? -12.070 12.444  9.066   1.00 16.19 ? 60  ASP A OD1 1 
ATOM   496  O  OD2 . ASP A 1 61  ? -14.010 11.648  8.423   1.00 17.50 ? 60  ASP A OD2 1 
ATOM   497  N  N   . LEU A 1 62  ? -10.155 10.932  4.529   1.00 8.75  ? 61  LEU A N   1 
ATOM   498  C  CA  . LEU A 1 62  ? -9.455  10.079  3.567   1.00 8.07  ? 61  LEU A CA  1 
ATOM   499  C  C   . LEU A 1 62  ? -7.954  10.350  3.661   1.00 7.23  ? 61  LEU A C   1 
ATOM   500  O  O   . LEU A 1 62  ? -7.144  9.425   3.586   1.00 7.13  ? 61  LEU A O   1 
ATOM   501  C  CB  . LEU A 1 62  ? -9.945  10.332  2.136   1.00 8.21  ? 61  LEU A CB  1 
ATOM   502  C  CG  . LEU A 1 62  ? -9.302  9.444   1.065   1.00 7.66  ? 61  LEU A CG  1 
ATOM   503  C  CD1 . LEU A 1 62  ? -9.581  7.972   1.361   1.00 7.44  ? 61  LEU A CD1 1 
ATOM   504  C  CD2 . LEU A 1 62  ? -9.827  9.813   -0.308  1.00 6.80  ? 61  LEU A CD2 1 
ATOM   505  N  N   . LYS A 1 63  ? -7.591  11.620  3.840   1.00 7.06  ? 62  LYS A N   1 
ATOM   506  C  CA  . LYS A 1 63  ? -6.186  12.001  3.970   1.00 7.64  ? 62  LYS A CA  1 
ATOM   507  C  C   . LYS A 1 63  ? -5.604  11.317  5.205   1.00 7.67  ? 62  LYS A C   1 
ATOM   508  O  O   . LYS A 1 63  ? -4.528  10.719  5.145   1.00 6.96  ? 62  LYS A O   1 
ATOM   509  C  CB  . LYS A 1 63  ? -6.035  13.516  4.109   1.00 9.65  ? 62  LYS A CB  1 
ATOM   510  C  CG  . LYS A 1 63  ? -4.588  13.938  4.306   1.00 10.93 ? 62  LYS A CG  1 
ATOM   511  C  CD  . LYS A 1 63  ? -4.459  15.340  4.861   1.00 18.05 ? 62  LYS A CD  1 
ATOM   512  C  CE  . LYS A 1 63  ? -4.813  16.385  3.828   1.00 21.28 ? 62  LYS A CE  1 
ATOM   513  N  NZ  . LYS A 1 63  ? -4.364  17.740  4.267   1.00 26.27 ? 62  LYS A NZ  1 
ATOM   514  N  N   . LYS A 1 64  ? -6.329  11.401  6.320   1.00 6.27  ? 63  LYS A N   1 
ATOM   515  C  CA  . LYS A 1 64  ? -5.896  10.780  7.567   1.00 8.17  ? 63  LYS A CA  1 
ATOM   516  C  C   . LYS A 1 64  ? -5.747  9.271   7.411   1.00 6.52  ? 63  LYS A C   1 
ATOM   517  O  O   . LYS A 1 64  ? -4.789  8.679   7.922   1.00 6.14  ? 63  LYS A O   1 
ATOM   518  C  CB  . LYS A 1 64  ? -6.876  11.111  8.699   1.00 9.12  ? 63  LYS A CB  1 
ATOM   519  C  CG  . LYS A 1 64  ? -6.809  12.573  9.131   1.00 13.23 ? 63  LYS A CG  1 
ATOM   520  C  CD  . LYS A 1 64  ? -7.884  12.925  10.140  1.00 16.54 ? 63  LYS A CD  1 
ATOM   521  C  CE  . LYS A 1 64  ? -7.767  14.381  10.549  1.00 19.64 ? 63  LYS A CE  1 
ATOM   522  N  NZ  . LYS A 1 64  ? -8.848  14.788  11.482  1.00 22.81 ? 63  LYS A NZ  1 
ATOM   523  N  N   . HIS A 1 65  ? -6.663  8.646   6.676   1.00 6.38  ? 64  HIS A N   1 
ATOM   524  C  CA  . HIS A 1 65  ? -6.570  7.206   6.489   1.00 6.75  ? 64  HIS A CA  1 
ATOM   525  C  C   . HIS A 1 65  ? -5.349  6.836   5.645   1.00 6.02  ? 64  HIS A C   1 
ATOM   526  O  O   . HIS A 1 65  ? -4.734  5.793   5.860   1.00 7.20  ? 64  HIS A O   1 
ATOM   527  C  CB  . HIS A 1 65  ? -7.844  6.616   5.879   1.00 7.82  ? 64  HIS A CB  1 
ATOM   528  C  CG  . HIS A 1 65  ? -7.951  5.132   6.063   1.00 10.75 ? 64  HIS A CG  1 
ATOM   529  N  ND1 . HIS A 1 65  ? -7.820  4.557   7.308   1.00 10.85 ? 64  HIS A ND1 1 
ATOM   530  C  CD2 . HIS A 1 65  ? -8.027  4.155   5.124   1.00 10.37 ? 64  HIS A CD2 1 
ATOM   531  C  CE1 . HIS A 1 65  ? -7.813  3.254   7.101   1.00 11.42 ? 64  HIS A CE1 1 
ATOM   532  N  NE2 . HIS A 1 65  ? -7.936  2.959   5.796   1.00 10.85 ? 64  HIS A NE2 1 
ATOM   533  N  N   . GLY A 1 66  ? -4.992  7.696   4.693   1.00 5.38  ? 65  GLY A N   1 
ATOM   534  C  CA  . GLY A 1 66  ? -3.823  7.439   3.867   1.00 5.43  ? 65  GLY A CA  1 
ATOM   535  C  C   . GLY A 1 66  ? -2.581  7.426   4.736   1.00 4.93  ? 65  GLY A C   1 
ATOM   536  O  O   . GLY A 1 66  ? -1.670  6.621   4.530   1.00 5.14  ? 65  GLY A O   1 
ATOM   537  N  N   . VAL A 1 67  ? -2.550  8.316   5.728   1.00 5.10  ? 66  VAL A N   1 
ATOM   538  C  CA  . VAL A 1 67  ? -1.426  8.389   6.654   1.00 5.04  ? 66  VAL A CA  1 
ATOM   539  C  C   . VAL A 1 67  ? -1.358  7.086   7.454   1.00 4.70  ? 66  VAL A C   1 
ATOM   540  O  O   . VAL A 1 67  ? -0.284  6.510   7.629   1.00 3.83  ? 66  VAL A O   1 
ATOM   541  C  CB  . VAL A 1 67  ? -1.575  9.586   7.614   1.00 4.80  ? 66  VAL A CB  1 
ATOM   542  C  CG1 . VAL A 1 67  ? -0.501  9.533   8.702   1.00 4.82  ? 66  VAL A CG1 1 
ATOM   543  C  CG2 . VAL A 1 67  ? -1.475  10.886  6.830   1.00 5.14  ? 66  VAL A CG2 1 
ATOM   544  N  N   . THR A 1 68  ? -2.516  6.613   7.904   1.00 4.26  ? 67  THR A N   1 
ATOM   545  C  CA  . THR A 1 68  ? -2.601  5.376   8.675   1.00 5.59  ? 67  THR A CA  1 
ATOM   546  C  C   . THR A 1 68  ? -2.090  4.184   7.867   1.00 4.16  ? 67  THR A C   1 
ATOM   547  O  O   . THR A 1 68  ? -1.262  3.402   8.344   1.00 3.96  ? 67  THR A O   1 
ATOM   548  C  CB  . THR A 1 68  ? -4.054  5.120   9.108   1.00 6.38  ? 67  THR A CB  1 
ATOM   549  O  OG1 . THR A 1 68  ? -4.477  6.182   9.973   1.00 7.34  ? 67  THR A OG1 1 
ATOM   550  C  CG2 . THR A 1 68  ? -4.189  3.785   9.840   1.00 7.46  ? 67  THR A CG2 1 
ATOM   551  N  N   . VAL A 1 69  ? -2.567  4.079   6.629   1.00 5.03  ? 68  VAL A N   1 
ATOM   552  C  CA  . VAL A 1 69  ? -2.197  2.998   5.719   1.00 4.86  ? 68  VAL A CA  1 
ATOM   553  C  C   . VAL A 1 69  ? -0.710  2.999   5.379   1.00 4.64  ? 68  VAL A C   1 
ATOM   554  O  O   . VAL A 1 69  ? -0.026  1.984   5.550   1.00 4.73  ? 68  VAL A O   1 
ATOM   555  C  CB  . VAL A 1 69  ? -3.039  3.073   4.412   1.00 4.52  ? 68  VAL A CB  1 
ATOM   556  C  CG1 . VAL A 1 69  ? -2.567  2.041   3.398   1.00 5.22  ? 68  VAL A CG1 1 
ATOM   557  C  CG2 . VAL A 1 69  ? -4.512  2.852   4.737   1.00 4.96  ? 68  VAL A CG2 1 
ATOM   558  N  N   . LEU A 1 70  ? -0.202  4.141   4.922   1.00 5.67  ? 69  LEU A N   1 
ATOM   559  C  CA  . LEU A 1 70  ? 1.210   4.238   4.554   1.00 5.91  ? 69  LEU A CA  1 
ATOM   560  C  C   . LEU A 1 70  ? 2.164   4.086   5.736   1.00 4.77  ? 69  LEU A C   1 
ATOM   561  O  O   . LEU A 1 70  ? 3.277   3.587   5.571   1.00 5.63  ? 69  LEU A O   1 
ATOM   562  C  CB  . LEU A 1 70  ? 1.499   5.531   3.783   1.00 5.93  ? 69  LEU A CB  1 
ATOM   563  C  CG  . LEU A 1 70  ? 0.792   5.705   2.430   1.00 6.55  ? 69  LEU A CG  1 
ATOM   564  C  CD1 . LEU A 1 70  ? 1.329   6.959   1.754   1.00 6.77  ? 69  LEU A CD1 1 
ATOM   565  C  CD2 . LEU A 1 70  ? 1.012   4.483   1.531   1.00 8.33  ? 69  LEU A CD2 1 
ATOM   566  N  N   . THR A 1 71  ? 1.741   4.513   6.923   1.00 4.82  ? 70  THR A N   1 
ATOM   567  C  CA  . THR A 1 71  ? 2.594   4.373   8.103   1.00 4.81  ? 70  THR A CA  1 
ATOM   568  C  C   . THR A 1 71  ? 2.687   2.891   8.471   1.00 4.27  ? 70  THR A C   1 
ATOM   569  O  O   . THR A 1 71  ? 3.756   2.396   8.820   1.00 3.78  ? 70  THR A O   1 
ATOM   570  C  CB  . THR A 1 71  ? 2.087   5.212   9.288   1.00 5.93  ? 70  THR A CB  1 
ATOM   571  O  OG1 . THR A 1 71  ? 2.036   6.590   8.897   1.00 6.55  ? 70  THR A OG1 1 
ATOM   572  C  CG2 . THR A 1 71  ? 3.037   5.094   10.468  1.00 7.65  ? 70  THR A CG2 1 
ATOM   573  N  N   . ALA A 1 72  ? 1.565   2.182   8.361   1.00 5.27  ? 71  ALA A N   1 
ATOM   574  C  CA  . ALA A 1 72  ? 1.534   0.745   8.636   1.00 5.67  ? 71  ALA A CA  1 
ATOM   575  C  C   . ALA A 1 72  ? 2.409   0.009   7.605   1.00 5.29  ? 71  ALA A C   1 
ATOM   576  O  O   . ALA A 1 72  ? 3.179   -0.887  7.955   1.00 5.77  ? 71  ALA A O   1 
ATOM   577  C  CB  . ALA A 1 72  ? 0.098   0.228   8.579   1.00 5.02  ? 71  ALA A CB  1 
ATOM   578  N  N   . LEU A 1 73  ? 2.312   0.404   6.335   1.00 5.46  ? 72  LEU A N   1 
ATOM   579  C  CA  . LEU A 1 73  ? 3.125   -0.223  5.294   1.00 6.41  ? 72  LEU A CA  1 
ATOM   580  C  C   . LEU A 1 73  ? 4.607   0.084   5.530   1.00 6.19  ? 72  LEU A C   1 
ATOM   581  O  O   . LEU A 1 73  ? 5.458   -0.798  5.392   1.00 6.00  ? 72  LEU A O   1 
ATOM   582  C  CB  . LEU A 1 73  ? 2.699   0.249   3.901   1.00 6.16  ? 72  LEU A CB  1 
ATOM   583  C  CG  . LEU A 1 73  ? 3.529   -0.309  2.736   1.00 7.88  ? 72  LEU A CG  1 
ATOM   584  C  CD1 . LEU A 1 73  ? 3.501   -1.850  2.751   1.00 8.42  ? 72  LEU A CD1 1 
ATOM   585  C  CD2 . LEU A 1 73  ? 3.012   0.236   1.411   1.00 6.27  ? 72  LEU A CD2 1 
ATOM   586  N  N   . GLY A 1 74  ? 4.900   1.324   5.922   1.00 5.26  ? 73  GLY A N   1 
ATOM   587  C  CA  . GLY A 1 74  ? 6.272   1.727   6.197   1.00 5.95  ? 73  GLY A CA  1 
ATOM   588  C  C   . GLY A 1 74  ? 6.893   0.907   7.316   1.00 5.53  ? 73  GLY A C   1 
ATOM   589  O  O   . GLY A 1 74  ? 8.055   0.506   7.230   1.00 6.83  ? 73  GLY A O   1 
ATOM   590  N  N   . ALA A 1 75  ? 6.118   0.645   8.367   1.00 6.14  ? 74  ALA A N   1 
ATOM   591  C  CA  . ALA A 1 75  ? 6.606   -0.151  9.495   1.00 5.58  ? 74  ALA A CA  1 
ATOM   592  C  C   . ALA A 1 75  ? 6.947   -1.568  9.022   1.00 5.37  ? 74  ALA A C   1 
ATOM   593  O  O   . ALA A 1 75  ? 7.929   -2.165  9.467   1.00 7.11  ? 74  ALA A O   1 
ATOM   594  C  CB  . ALA A 1 75  ? 5.558   -0.195  10.609  1.00 5.83  ? 74  ALA A CB  1 
ATOM   595  N  N   . ILE A 1 76  ? 6.145   -2.086  8.097   1.00 4.74  ? 75  ILE A N   1 
ATOM   596  C  CA  . ILE A 1 76  ? 6.352   -3.420  7.544   1.00 5.76  ? 75  ILE A CA  1 
ATOM   597  C  C   . ILE A 1 76  ? 7.633   -3.453  6.708   1.00 5.62  ? 75  ILE A C   1 
ATOM   598  O  O   . ILE A 1 76  ? 8.479   -4.333  6.885   1.00 6.16  ? 75  ILE A O   1 
ATOM   599  C  CB  . ILE A 1 76  ? 5.127   -3.863  6.709   1.00 5.88  ? 75  ILE A CB  1 
ATOM   600  C  CG1 . ILE A 1 76  ? 3.975   -4.227  7.653   1.00 7.27  ? 75  ILE A CG1 1 
ATOM   601  C  CG2 . ILE A 1 76  ? 5.490   -5.031  5.792   1.00 6.57  ? 75  ILE A CG2 1 
ATOM   602  C  CD1 . ILE A 1 76  ? 2.611   -4.299  6.992   1.00 6.78  ? 75  ILE A CD1 1 
ATOM   603  N  N   . LEU A 1 77  ? 7.804   -2.456  5.845   1.00 4.85  ? 76  LEU A N   1 
ATOM   604  C  CA  . LEU A 1 77  ? 8.985   -2.377  4.994   1.00 5.69  ? 76  LEU A CA  1 
ATOM   605  C  C   . LEU A 1 77  ? 10.266  -2.258  5.816   1.00 5.38  ? 76  LEU A C   1 
ATOM   606  O  O   . LEU A 1 77  ? 11.276  -2.889  5.492   1.00 5.95  ? 76  LEU A O   1 
ATOM   607  C  CB  . LEU A 1 77  ? 8.864   -1.197  4.022   1.00 5.29  ? 76  LEU A CB  1 
ATOM   608  C  CG  . LEU A 1 77  ? 7.723   -1.291  3.007   1.00 5.70  ? 76  LEU A CG  1 
ATOM   609  C  CD1 . LEU A 1 77  ? 7.644   0.014   2.208   1.00 6.05  ? 76  LEU A CD1 1 
ATOM   610  C  CD2 . LEU A 1 77  ? 7.923   -2.489  2.076   1.00 7.38  ? 76  LEU A CD2 1 
ATOM   611  N  N   . LYS A 1 78  ? 10.209  -1.478  6.897   1.00 6.06  ? 77  LYS A N   1 
ATOM   612  C  CA  . LYS A 1 78  ? 11.370  -1.278  7.768   1.00 5.96  ? 77  LYS A CA  1 
ATOM   613  C  C   . LYS A 1 78  ? 11.791  -2.552  8.495   1.00 7.73  ? 77  LYS A C   1 
ATOM   614  O  O   . LYS A 1 78  ? 12.921  -2.643  8.984   1.00 7.06  ? 77  LYS A O   1 
ATOM   615  C  CB  . LYS A 1 78  ? 11.115  -0.145  8.758   1.00 5.64  ? 77  LYS A CB  1 
ATOM   616  C  CG  . LYS A 1 78  ? 10.978  1.198   8.067   1.00 6.46  ? 77  LYS A CG  1 
ATOM   617  C  CD  . LYS A 1 78  ? 10.596  2.301   9.018   1.00 6.64  ? 77  LYS A CD  1 
ATOM   618  C  CE  . LYS A 1 78  ? 10.319  3.576   8.242   1.00 7.23  ? 77  LYS A CE  1 
ATOM   619  N  NZ  . LYS A 1 78  ? 9.971   4.696   9.148   1.00 9.58  ? 77  LYS A NZ  1 
ATOM   620  N  N   . LYS A 1 79  ? 10.884  -3.528  8.558   1.00 6.73  ? 78  LYS A N   1 
ATOM   621  C  CA  . LYS A 1 79  ? 11.179  -4.816  9.187   1.00 7.32  ? 78  LYS A CA  1 
ATOM   622  C  C   . LYS A 1 79  ? 11.997  -5.698  8.247   1.00 7.04  ? 78  LYS A C   1 
ATOM   623  O  O   . LYS A 1 79  ? 12.549  -6.720  8.657   1.00 7.03  ? 78  LYS A O   1 
ATOM   624  C  CB  . LYS A 1 79  ? 9.892   -5.528  9.606   1.00 7.88  ? 78  LYS A CB  1 
ATOM   625  C  CG  . LYS A 1 79  ? 9.363   -5.065  10.959  1.00 10.61 ? 78  LYS A CG  1 
ATOM   626  C  CD  . LYS A 1 79  ? 10.387  -5.340  12.058  1.00 14.03 ? 78  LYS A CD  1 
ATOM   627  C  CE  . LYS A 1 79  ? 9.844   -5.003  13.429  1.00 19.33 ? 78  LYS A CE  1 
ATOM   628  N  NZ  . LYS A 1 79  ? 9.233   -6.200  14.078  1.00 25.39 ? 78  LYS A NZ  1 
ATOM   629  N  N   . LYS A 1 80  ? 12.082  -5.277  6.988   1.00 6.51  ? 79  LYS A N   1 
ATOM   630  C  CA  . LYS A 1 80  ? 12.845  -5.978  5.966   1.00 6.92  ? 79  LYS A CA  1 
ATOM   631  C  C   . LYS A 1 80  ? 12.575  -7.483  5.912   1.00 7.61  ? 79  LYS A C   1 
ATOM   632  O  O   . LYS A 1 80  ? 13.507  -8.295  5.869   1.00 7.37  ? 79  LYS A O   1 
ATOM   633  C  CB  . LYS A 1 80  ? 14.348  -5.688  6.129   1.00 7.26  ? 79  LYS A CB  1 
ATOM   634  C  CG  . LYS A 1 80  ? 14.691  -4.197  6.026   1.00 8.58  ? 79  LYS A CG  1 
ATOM   635  C  CD  . LYS A 1 80  ? 16.193  -3.936  5.872   1.00 10.41 ? 79  LYS A CD  1 
ATOM   636  C  CE  . LYS A 1 80  ? 16.991  -4.368  7.088   1.00 12.78 ? 79  LYS A CE  1 
ATOM   637  N  NZ  . LYS A 1 80  ? 18.414  -3.903  6.999   1.00 12.80 ? 79  LYS A NZ  1 
ATOM   638  N  N   . GLY A 1 81  ? 11.290  -7.841  5.906   1.00 6.16  ? 80  GLY A N   1 
ATOM   639  C  CA  . GLY A 1 81  ? 10.897  -9.239  5.827   1.00 6.82  ? 80  GLY A CA  1 
ATOM   640  C  C   . GLY A 1 81  ? 10.494  -9.885  7.138   1.00 5.54  ? 80  GLY A C   1 
ATOM   641  O  O   . GLY A 1 81  ? 9.754   -10.874 7.140   1.00 6.61  ? 80  GLY A O   1 
ATOM   642  N  N   . HIS A 1 82  ? 10.995  -9.349  8.246   1.00 6.07  ? 81  HIS A N   1 
ATOM   643  C  CA  . HIS A 1 82  ? 10.686  -9.878  9.575   1.00 6.44  ? 81  HIS A CA  1 
ATOM   644  C  C   . HIS A 1 82  ? 9.443   -9.153  10.085  1.00 6.21  ? 81  HIS A C   1 
ATOM   645  O  O   . HIS A 1 82  ? 9.447   -8.562  11.164  1.00 7.74  ? 81  HIS A O   1 
ATOM   646  C  CB  . HIS A 1 82  ? 11.872  -9.636  10.512  1.00 6.23  ? 81  HIS A CB  1 
ATOM   647  C  CG  . HIS A 1 82  ? 13.139  -10.304 10.070  1.00 8.05  ? 81  HIS A CG  1 
ATOM   648  N  ND1 . HIS A 1 82  ? 13.434  -11.598 10.429  1.00 9.14  ? 81  HIS A ND1 1 
ATOM   649  C  CD2 . HIS A 1 82  ? 14.161  -9.801  9.333   1.00 7.63  ? 81  HIS A CD2 1 
ATOM   650  C  CE1 . HIS A 1 82  ? 14.620  -11.854 9.910   1.00 8.89  ? 81  HIS A CE1 1 
ATOM   651  N  NE2 . HIS A 1 82  ? 15.105  -10.801 9.236   1.00 8.36  ? 81  HIS A NE2 1 
ATOM   652  N  N   . HIS A 1 83  ? 8.363   -9.274  9.320   1.00 5.88  ? 82  HIS A N   1 
ATOM   653  C  CA  . HIS A 1 83  ? 7.111   -8.583  9.607   1.00 5.93  ? 82  HIS A CA  1 
ATOM   654  C  C   . HIS A 1 83  ? 5.949   -9.442  10.097  1.00 8.27  ? 82  HIS A C   1 
ATOM   655  O  O   . HIS A 1 83  ? 4.792   -9.050  9.965   1.00 6.93  ? 82  HIS A O   1 
ATOM   656  C  CB  . HIS A 1 83  ? 6.680   -7.826  8.347   1.00 6.68  ? 82  HIS A CB  1 
ATOM   657  C  CG  . HIS A 1 83  ? 6.625   -8.683  7.118   1.00 4.41  ? 82  HIS A CG  1 
ATOM   658  N  ND1 . HIS A 1 83  ? 7.140   -8.255  5.920   1.00 5.37  ? 82  HIS A ND1 1 
ATOM   659  C  CD2 . HIS A 1 83  ? 6.123   -9.935  6.968   1.00 4.55  ? 82  HIS A CD2 1 
ATOM   660  C  CE1 . HIS A 1 83  ? 6.941   -9.245  5.073   1.00 4.62  ? 82  HIS A CE1 1 
ATOM   661  N  NE2 . HIS A 1 83  ? 6.329   -10.284 5.660   1.00 4.82  ? 82  HIS A NE2 1 
ATOM   662  N  N   . GLU A 1 84  ? 6.255   -10.602 10.664  1.00 9.27  ? 83  GLU A N   1 
ATOM   663  C  CA  . GLU A 1 84  ? 5.230   -11.517 11.163  1.00 10.27 ? 83  GLU A CA  1 
ATOM   664  C  C   . GLU A 1 84  ? 4.255   -10.841 12.128  1.00 9.47  ? 83  GLU A C   1 
ATOM   665  O  O   . GLU A 1 84  ? 3.037   -10.961 11.977  1.00 10.02 ? 83  GLU A O   1 
ATOM   666  C  CB  . GLU A 1 84  ? 5.886   -12.716 11.862  1.00 13.20 ? 83  GLU A CB  1 
ATOM   667  C  CG  . GLU A 1 84  ? 6.841   -13.536 10.990  1.00 20.68 ? 83  GLU A CG  1 
ATOM   668  C  CD  . GLU A 1 84  ? 8.083   -12.769 10.543  1.00 22.55 ? 83  GLU A CD  1 
ATOM   669  O  OE1 . GLU A 1 84  ? 8.770   -12.156 11.396  1.00 24.60 ? 83  GLU A OE1 1 
ATOM   670  O  OE2 . GLU A 1 84  ? 8.369   -12.778 9.327   1.00 27.63 ? 83  GLU A OE2 1 
ATOM   671  N  N   . ALA A 1 85  ? 4.795   -10.114 13.100  1.00 9.09  ? 84  ALA A N   1 
ATOM   672  C  CA  . ALA A 1 85  ? 3.972   -9.432  14.100  1.00 10.06 ? 84  ALA A CA  1 
ATOM   673  C  C   . ALA A 1 85  ? 3.068   -8.369  13.493  1.00 10.48 ? 84  ALA A C   1 
ATOM   674  O  O   . ALA A 1 85  ? 1.905   -8.240  13.876  1.00 11.27 ? 84  ALA A O   1 
ATOM   675  C  CB  . ALA A 1 85  ? 4.852   -8.816  15.179  1.00 8.58  ? 84  ALA A CB  1 
ATOM   676  N  N   . GLU A 1 86  ? 3.607   -7.613  12.541  1.00 9.28  ? 85  GLU A N   1 
ATOM   677  C  CA  . GLU A 1 86  ? 2.856   -6.550  11.882  1.00 8.22  ? 85  GLU A CA  1 
ATOM   678  C  C   . GLU A 1 86  ? 1.751   -7.080  10.972  1.00 8.45  ? 85  GLU A C   1 
ATOM   679  O  O   . GLU A 1 86  ? 0.685   -6.469  10.855  1.00 7.63  ? 85  GLU A O   1 
ATOM   680  C  CB  . GLU A 1 86  ? 3.803   -5.649  11.082  1.00 8.99  ? 85  GLU A CB  1 
ATOM   681  C  CG  . GLU A 1 86  ? 4.778   -4.813  11.928  1.00 9.62  ? 85  GLU A CG  1 
ATOM   682  C  CD  . GLU A 1 86  ? 5.932   -5.609  12.550  1.00 10.60 ? 85  GLU A CD  1 
ATOM   683  O  OE1 . GLU A 1 86  ? 6.187   -6.764  12.150  1.00 10.26 ? 85  GLU A OE1 1 
ATOM   684  O  OE2 . GLU A 1 86  ? 6.603   -5.058  13.446  1.00 12.46 ? 85  GLU A OE2 1 
ATOM   685  N  N   . LEU A 1 87  ? 1.990   -8.226  10.343  1.00 8.22  ? 86  LEU A N   1 
ATOM   686  C  CA  . LEU A 1 87  ? 1.002   -8.799  9.439   1.00 8.84  ? 86  LEU A CA  1 
ATOM   687  C  C   . LEU A 1 87  ? -0.205  -9.446  10.102  1.00 9.44  ? 86  LEU A C   1 
ATOM   688  O  O   . LEU A 1 87  ? -1.282  -9.470  9.511   1.00 9.34  ? 86  LEU A O   1 
ATOM   689  C  CB  . LEU A 1 87  ? 1.643   -9.801  8.478   1.00 10.26 ? 86  LEU A CB  1 
ATOM   690  C  CG  . LEU A 1 87  ? 2.647   -9.295  7.442   1.00 11.68 ? 86  LEU A CG  1 
ATOM   691  C  CD1 . LEU A 1 87  ? 2.741   -10.336 6.337   1.00 11.80 ? 86  LEU A CD1 1 
ATOM   692  C  CD2 . LEU A 1 87  ? 2.215   -7.963  6.863   1.00 12.39 ? 86  LEU A CD2 1 
ATOM   693  N  N   . LYS A 1 88  ? -0.039  -9.964  11.316  1.00 8.89  ? 87  LYS A N   1 
ATOM   694  C  CA  . LYS A 1 88  ? -1.152  -10.621 12.001  1.00 9.34  ? 87  LYS A CA  1 
ATOM   695  C  C   . LYS A 1 88  ? -2.432  -9.785  12.107  1.00 8.58  ? 87  LYS A C   1 
ATOM   696  O  O   . LYS A 1 88  ? -3.480  -10.195 11.598  1.00 9.31  ? 87  LYS A O   1 
ATOM   697  C  CB  . LYS A 1 88  ? -0.728  -11.144 13.379  1.00 11.16 ? 87  LYS A CB  1 
ATOM   698  C  CG  . LYS A 1 88  ? 0.171   -12.355 13.316  1.00 13.66 ? 87  LYS A CG  1 
ATOM   699  C  CD  . LYS A 1 88  ? 0.472   -12.899 14.704  1.00 15.44 ? 87  LYS A CD  1 
ATOM   700  C  CE  . LYS A 1 88  ? 1.338   -14.144 14.604  1.00 20.03 ? 87  LYS A CE  1 
ATOM   701  N  NZ  . LYS A 1 88  ? 1.619   -14.744 15.938  1.00 21.45 ? 87  LYS A NZ  1 
ATOM   702  N  N   . PRO A 1 89  ? -2.366  -8.597  12.741  1.00 7.16  ? 88  PRO A N   1 
ATOM   703  C  CA  . PRO A 1 89  ? -3.587  -7.788  12.850  1.00 6.82  ? 88  PRO A CA  1 
ATOM   704  C  C   . PRO A 1 89  ? -4.118  -7.285  11.514  1.00 6.87  ? 88  PRO A C   1 
ATOM   705  O  O   . PRO A 1 89  ? -5.331  -7.182  11.317  1.00 6.12  ? 88  PRO A O   1 
ATOM   706  C  CB  . PRO A 1 89  ? -3.153  -6.633  13.757  1.00 8.14  ? 88  PRO A CB  1 
ATOM   707  C  CG  . PRO A 1 89  ? -1.680  -6.517  13.488  1.00 9.22  ? 88  PRO A CG  1 
ATOM   708  C  CD  . PRO A 1 89  ? -1.240  -7.945  13.436  1.00 7.98  ? 88  PRO A CD  1 
ATOM   709  N  N   . LEU A 1 90  ? -3.204  -6.992  10.592  1.00 6.87  ? 89  LEU A N   1 
ATOM   710  C  CA  . LEU A 1 90  ? -3.573  -6.486  9.273   1.00 6.88  ? 89  LEU A CA  1 
ATOM   711  C  C   . LEU A 1 90  ? -4.321  -7.540  8.464   1.00 6.07  ? 89  LEU A C   1 
ATOM   712  O  O   . LEU A 1 90  ? -5.381  -7.272  7.896   1.00 6.69  ? 89  LEU A O   1 
ATOM   713  C  CB  . LEU A 1 90  ? -2.327  -6.025  8.517   1.00 7.90  ? 89  LEU A CB  1 
ATOM   714  C  CG  . LEU A 1 90  ? -2.599  -5.292  7.205   1.00 10.59 ? 89  LEU A CG  1 
ATOM   715  C  CD1 . LEU A 1 90  ? -3.383  -4.020  7.486   1.00 12.00 ? 89  LEU A CD1 1 
ATOM   716  C  CD2 . LEU A 1 90  ? -1.288  -4.959  6.520   1.00 12.03 ? 89  LEU A CD2 1 
ATOM   717  N  N   . ALA A 1 91  ? -3.767  -8.747  8.428   1.00 4.90  ? 90  ALA A N   1 
ATOM   718  C  CA  . ALA A 1 91  ? -4.386  -9.846  7.711   1.00 4.38  ? 90  ALA A CA  1 
ATOM   719  C  C   . ALA A 1 91  ? -5.739  -10.186 8.336   1.00 5.22  ? 90  ALA A C   1 
ATOM   720  O  O   . ALA A 1 91  ? -6.707  -10.430 7.621   1.00 6.24  ? 90  ALA A O   1 
ATOM   721  C  CB  . ALA A 1 91  ? -3.476  -11.063 7.733   1.00 5.60  ? 90  ALA A CB  1 
ATOM   722  N  N   . GLN A 1 92  ? -5.825  -10.162 9.665   1.00 5.50  ? 91  GLN A N   1 
ATOM   723  C  CA  . GLN A 1 92  ? -7.097  -10.500 10.295  1.00 5.46  ? 91  GLN A CA  1 
ATOM   724  C  C   . GLN A 1 92  ? -8.219  -9.528  9.953   1.00 5.22  ? 91  GLN A C   1 
ATOM   725  O  O   . GLN A 1 92  ? -9.315  -9.954  9.595   1.00 5.76  ? 91  GLN A O   1 
ATOM   726  C  CB  . GLN A 1 92  ? -6.984  -10.650 11.811  1.00 4.55  ? 91  GLN A CB  1 
ATOM   727  C  CG  . GLN A 1 92  ? -8.321  -11.079 12.417  1.00 7.39  ? 91  GLN A CG  1 
ATOM   728  C  CD  . GLN A 1 92  ? -8.266  -11.361 13.899  1.00 4.32  ? 91  GLN A CD  1 
ATOM   729  O  OE1 . GLN A 1 92  ? -7.685  -10.602 14.669  1.00 6.68  ? 91  GLN A OE1 1 
ATOM   730  N  NE2 . GLN A 1 92  ? -8.917  -12.440 14.312  1.00 4.33  ? 91  GLN A NE2 1 
ATOM   731  N  N   . SER A 1 93  ? -7.951  -8.230  10.040  1.00 4.57  ? 92  SER A N   1 
ATOM   732  C  CA  . SER A 1 93  ? -8.993  -7.255  9.726   1.00 5.20  ? 92  SER A CA  1 
ATOM   733  C  C   . SER A 1 93  ? -9.345  -7.242  8.238   1.00 6.20  ? 92  SER A C   1 
ATOM   734  O  O   . SER A 1 93  ? -10.523 -7.151  7.872   1.00 6.76  ? 92  SER A O   1 
ATOM   735  C  CB  . SER A 1 93  ? -8.574  -5.856  10.171  1.00 4.44  ? 92  SER A CB  1 
ATOM   736  O  OG  . SER A 1 93  ? -7.462  -5.403  9.427   1.00 6.51  ? 92  SER A OG  1 
ATOM   737  N  N   . HIS A 1 94  ? -8.334  -7.354  7.380   1.00 5.91  ? 93  HIS A N   1 
ATOM   738  C  CA  . HIS A 1 94  ? -8.565  -7.324  5.939   1.00 5.99  ? 93  HIS A CA  1 
ATOM   739  C  C   . HIS A 1 94  ? -9.200  -8.588  5.376   1.00 6.62  ? 93  HIS A C   1 
ATOM   740  O  O   . HIS A 1 94  ? -9.909  -8.546  4.372   1.00 6.32  ? 93  HIS A O   1 
ATOM   741  C  CB  . HIS A 1 94  ? -7.286  -6.928  5.197   1.00 5.05  ? 93  HIS A CB  1 
ATOM   742  C  CG  . HIS A 1 94  ? -6.912  -5.491  5.401   1.00 6.76  ? 93  HIS A CG  1 
ATOM   743  N  ND1 . HIS A 1 94  ? -6.703  -4.920  6.637   1.00 6.73  ? 93  HIS A ND1 1 
ATOM   744  C  CD2 . HIS A 1 94  ? -6.811  -4.477  4.506   1.00 6.11  ? 93  HIS A CD2 1 
ATOM   745  C  CE1 . HIS A 1 94  ? -6.501  -3.607  6.457   1.00 7.88  ? 93  HIS A CE1 1 
ATOM   746  N  NE2 . HIS A 1 94  ? -6.557  -3.291  5.181   1.00 5.14  ? 93  HIS A NE2 1 
ATOM   747  N  N   . ALA A 1 95  ? -8.985  -9.706  6.059   1.00 6.02  ? 94  ALA A N   1 
ATOM   748  C  CA  . ALA A 1 95  ? -9.572  -10.966 5.642   1.00 7.00  ? 94  ALA A CA  1 
ATOM   749  C  C   . ALA A 1 95  ? -11.003 -11.112 6.170   1.00 8.12  ? 94  ALA A C   1 
ATOM   750  O  O   . ALA A 1 95  ? -11.923 -11.408 5.417   1.00 9.87  ? 94  ALA A O   1 
ATOM   751  C  CB  . ALA A 1 95  ? -8.729  -12.121 6.158   1.00 6.62  ? 94  ALA A CB  1 
ATOM   752  N  N   . THR A 1 96  ? -11.178 -10.852 7.462   1.00 7.93  ? 95  THR A N   1 
ATOM   753  C  CA  . THR A 1 96  ? -12.458 -11.040 8.141   1.00 8.53  ? 95  THR A CA  1 
ATOM   754  C  C   . THR A 1 96  ? -13.475 -9.909  8.113   1.00 10.29 ? 95  THR A C   1 
ATOM   755  O  O   . THR A 1 96  ? -14.669 -10.152 7.913   1.00 10.97 ? 95  THR A O   1 
ATOM   756  C  CB  . THR A 1 96  ? -12.211 -11.440 9.610   1.00 8.08  ? 95  THR A CB  1 
ATOM   757  O  OG1 . THR A 1 96  ? -11.168 -12.425 9.663   1.00 8.98  ? 95  THR A OG1 1 
ATOM   758  C  CG2 . THR A 1 96  ? -13.470 -12.013 10.238  1.00 6.48  ? 95  THR A CG2 1 
ATOM   759  N  N   . LYS A 1 97  ? -13.010 -8.688  8.357   1.00 9.99  ? 96  LYS A N   1 
ATOM   760  C  CA  . LYS A 1 97  ? -13.884 -7.524  8.393   1.00 12.19 ? 96  LYS A CA  1 
ATOM   761  C  C   . LYS A 1 97  ? -14.031 -6.790  7.061   1.00 12.02 ? 96  LYS A C   1 
ATOM   762  O  O   . LYS A 1 97  ? -15.138 -6.660  6.532   1.00 13.17 ? 96  LYS A O   1 
ATOM   763  C  CB  . LYS A 1 97  ? -13.394 -6.553  9.464   1.00 13.31 ? 96  LYS A CB  1 
ATOM   764  C  CG  . LYS A 1 97  ? -14.313 -5.378  9.728   1.00 16.54 ? 96  LYS A CG  1 
ATOM   765  C  CD  . LYS A 1 97  ? -13.716 -4.499  10.807  1.00 21.64 ? 96  LYS A CD  1 
ATOM   766  C  CE  . LYS A 1 97  ? -14.607 -3.318  11.151  1.00 25.81 ? 96  LYS A CE  1 
ATOM   767  N  NZ  . LYS A 1 97  ? -13.965 -2.481  12.214  1.00 30.36 ? 96  LYS A NZ  1 
ATOM   768  N  N   . HIS A 1 98  ? -12.910 -6.332  6.511   1.00 10.86 ? 97  HIS A N   1 
ATOM   769  C  CA  . HIS A 1 98  ? -12.921 -5.578  5.258   1.00 10.13 ? 97  HIS A CA  1 
ATOM   770  C  C   . HIS A 1 98  ? -13.107 -6.435  4.008   1.00 9.75  ? 97  HIS A C   1 
ATOM   771  O  O   . HIS A 1 98  ? -13.673 -5.971  3.019   1.00 10.60 ? 97  HIS A O   1 
ATOM   772  C  CB  . HIS A 1 98  ? -11.639 -4.741  5.138   1.00 9.25  ? 97  HIS A CB  1 
ATOM   773  C  CG  . HIS A 1 98  ? -11.283 -3.995  6.389   1.00 9.21  ? 97  HIS A CG  1 
ATOM   774  N  ND1 . HIS A 1 98  ? -12.236 -3.351  7.140   1.00 9.43  ? 97  HIS A ND1 1 
ATOM   775  C  CD2 . HIS A 1 98  ? -10.072 -3.857  6.987   1.00 9.06  ? 97  HIS A CD2 1 
ATOM   776  C  CE1 . HIS A 1 98  ? -11.591 -2.837  8.171   1.00 9.03  ? 97  HIS A CE1 1 
ATOM   777  N  NE2 . HIS A 1 98  ? -10.278 -3.116  8.123   1.00 8.93  ? 97  HIS A NE2 1 
ATOM   778  N  N   . LYS A 1 99  ? -12.636 -7.682  4.068   1.00 8.94  ? 98  LYS A N   1 
ATOM   779  C  CA  . LYS A 1 99  ? -12.713 -8.631  2.952   1.00 9.55  ? 98  LYS A CA  1 
ATOM   780  C  C   . LYS A 1 99  ? -12.036 -8.090  1.690   1.00 8.64  ? 98  LYS A C   1 
ATOM   781  O  O   . LYS A 1 99  ? -12.674 -7.847  0.661   1.00 8.29  ? 98  LYS A O   1 
ATOM   782  C  CB  . LYS A 1 99  ? -14.166 -9.031  2.672   1.00 11.20 ? 98  LYS A CB  1 
ATOM   783  C  CG  . LYS A 1 99  ? -14.830 -9.709  3.851   1.00 15.17 ? 98  LYS A CG  1 
ATOM   784  C  CD  . LYS A 1 99  ? -16.242 -10.121 3.510   1.00 20.77 ? 98  LYS A CD  1 
ATOM   785  C  CE  . LYS A 1 99  ? -16.966 -10.653 4.732   1.00 25.21 ? 98  LYS A CE  1 
ATOM   786  N  NZ  . LYS A 1 99  ? -18.383 -10.991 4.407   1.00 28.00 ? 98  LYS A NZ  1 
ATOM   787  N  N   . ILE A 1 100 ? -10.720 -7.928  1.782   1.00 7.76  ? 99  ILE A N   1 
ATOM   788  C  CA  . ILE A 1 100 ? -9.930  -7.400  0.677   1.00 7.40  ? 99  ILE A CA  1 
ATOM   789  C  C   . ILE A 1 100 ? -9.184  -8.508  -0.048  1.00 7.81  ? 99  ILE A C   1 
ATOM   790  O  O   . ILE A 1 100 ? -8.269  -9.120  0.507   1.00 7.44  ? 99  ILE A O   1 
ATOM   791  C  CB  . ILE A 1 100 ? -8.906  -6.352  1.179   1.00 7.05  ? 99  ILE A CB  1 
ATOM   792  C  CG1 . ILE A 1 100 ? -9.604  -5.306  2.055   1.00 7.28  ? 99  ILE A CG1 1 
ATOM   793  C  CG2 . ILE A 1 100 ? -8.208  -5.691  0.001   1.00 6.18  ? 99  ILE A CG2 1 
ATOM   794  C  CD1 . ILE A 1 100 ? -10.826 -4.666  1.409   1.00 7.87  ? 99  ILE A CD1 1 
ATOM   795  N  N   . PRO A 1 101 ? -9.566  -8.783  -1.303  1.00 8.79  ? 100 PRO A N   1 
ATOM   796  C  CA  . PRO A 1 101 ? -8.910  -9.832  -2.093  1.00 9.56  ? 100 PRO A CA  1 
ATOM   797  C  C   . PRO A 1 101 ? -7.451  -9.482  -2.390  1.00 9.42  ? 100 PRO A C   1 
ATOM   798  O  O   . PRO A 1 101 ? -7.074  -8.308  -2.402  1.00 8.42  ? 100 PRO A O   1 
ATOM   799  C  CB  . PRO A 1 101 ? -9.728  -9.845  -3.389  1.00 10.30 ? 100 PRO A CB  1 
ATOM   800  C  CG  . PRO A 1 101 ? -11.069 -9.333  -2.966  1.00 11.19 ? 100 PRO A CG  1 
ATOM   801  C  CD  . PRO A 1 101 ? -10.704 -8.211  -2.039  1.00 9.14  ? 100 PRO A CD  1 
ATOM   802  N  N   . ILE A 1 102 ? -6.637  -10.509 -2.627  1.00 8.63  ? 101 ILE A N   1 
ATOM   803  C  CA  . ILE A 1 102 ? -5.227  -10.312 -2.962  1.00 9.57  ? 101 ILE A CA  1 
ATOM   804  C  C   . ILE A 1 102 ? -5.136  -9.428  -4.213  1.00 9.08  ? 101 ILE A C   1 
ATOM   805  O  O   . ILE A 1 102 ? -4.240  -8.596  -4.333  1.00 9.44  ? 101 ILE A O   1 
ATOM   806  C  CB  . ILE A 1 102 ? -4.517  -11.673 -3.221  1.00 10.19 ? 101 ILE A CB  1 
ATOM   807  C  CG1 . ILE A 1 102 ? -4.396  -12.458 -1.909  1.00 10.49 ? 101 ILE A CG1 1 
ATOM   808  C  CG2 . ILE A 1 102 ? -3.136  -11.467 -3.853  1.00 9.14  ? 101 ILE A CG2 1 
ATOM   809  C  CD1 . ILE A 1 102 ? -3.622  -11.724 -0.822  1.00 11.78 ? 101 ILE A CD1 1 
ATOM   810  N  N   . LYS A 1 103 ? -6.100  -9.592  -5.116  1.00 9.56  ? 102 LYS A N   1 
ATOM   811  C  CA  . LYS A 1 103 ? -6.173  -8.823  -6.355  1.00 10.34 ? 102 LYS A CA  1 
ATOM   812  C  C   . LYS A 1 103 ? -6.235  -7.319  -6.062  1.00 8.93  ? 102 LYS A C   1 
ATOM   813  O  O   . LYS A 1 103 ? -5.634  -6.518  -6.781  1.00 7.23  ? 102 LYS A O   1 
ATOM   814  C  CB  . LYS A 1 103 ? -7.412  -9.255  -7.142  1.00 14.54 ? 102 LYS A CB  1 
ATOM   815  C  CG  . LYS A 1 103 ? -7.564  -8.620  -8.505  1.00 21.58 ? 102 LYS A CG  1 
ATOM   816  C  CD  . LYS A 1 103 ? -8.840  -9.112  -9.185  1.00 27.47 ? 102 LYS A CD  1 
ATOM   817  C  CE  . LYS A 1 103 ? -8.969  -8.553  -10.596 1.00 31.41 ? 102 LYS A CE  1 
ATOM   818  N  NZ  . LYS A 1 103 ? -10.158 -9.103  -11.308 1.00 34.10 ? 102 LYS A NZ  1 
ATOM   819  N  N   . TYR A 1 104 ? -6.974  -6.940  -5.019  1.00 7.43  ? 103 TYR A N   1 
ATOM   820  C  CA  . TYR A 1 104 ? -7.088  -5.532  -4.641  1.00 7.19  ? 103 TYR A CA  1 
ATOM   821  C  C   . TYR A 1 104 ? -5.783  -5.049  -4.021  1.00 6.76  ? 103 TYR A C   1 
ATOM   822  O  O   . TYR A 1 104 ? -5.429  -3.874  -4.146  1.00 6.80  ? 103 TYR A O   1 
ATOM   823  C  CB  . TYR A 1 104 ? -8.257  -5.295  -3.680  1.00 8.05  ? 103 TYR A CB  1 
ATOM   824  C  CG  . TYR A 1 104 ? -9.633  -5.309  -4.325  1.00 7.85  ? 103 TYR A CG  1 
ATOM   825  C  CD1 . TYR A 1 104 ? -9.831  -5.823  -5.610  1.00 8.94  ? 103 TYR A CD1 1 
ATOM   826  C  CD2 . TYR A 1 104 ? -10.744 -4.830  -3.631  1.00 9.21  ? 103 TYR A CD2 1 
ATOM   827  C  CE1 . TYR A 1 104 ? -11.109 -5.863  -6.186  1.00 10.09 ? 103 TYR A CE1 1 
ATOM   828  C  CE2 . TYR A 1 104 ? -12.021 -4.864  -4.192  1.00 9.36  ? 103 TYR A CE2 1 
ATOM   829  C  CZ  . TYR A 1 104 ? -12.198 -5.383  -5.467  1.00 10.60 ? 103 TYR A CZ  1 
ATOM   830  O  OH  . TYR A 1 104 ? -13.463 -5.437  -6.005  1.00 11.04 ? 103 TYR A OH  1 
ATOM   831  N  N   . LEU A 1 105 ? -5.074  -5.949  -3.336  1.00 6.42  ? 104 LEU A N   1 
ATOM   832  C  CA  . LEU A 1 105 ? -3.787  -5.585  -2.749  1.00 5.53  ? 104 LEU A CA  1 
ATOM   833  C  C   . LEU A 1 105 ? -2.809  -5.352  -3.903  1.00 4.77  ? 104 LEU A C   1 
ATOM   834  O  O   . LEU A 1 105 ? -1.911  -4.512  -3.808  1.00 5.06  ? 104 LEU A O   1 
ATOM   835  C  CB  . LEU A 1 105 ? -3.275  -6.673  -1.804  1.00 6.38  ? 104 LEU A CB  1 
ATOM   836  C  CG  . LEU A 1 105 ? -4.094  -6.877  -0.524  1.00 7.56  ? 104 LEU A CG  1 
ATOM   837  C  CD1 . LEU A 1 105 ? -3.371  -7.876  0.368   1.00 8.22  ? 104 LEU A CD1 1 
ATOM   838  C  CD2 . LEU A 1 105 ? -4.293  -5.552  0.217   1.00 6.34  ? 104 LEU A CD2 1 
ATOM   839  N  N   . GLU A 1 106 ? -3.004  -6.083  -5.001  1.00 4.15  ? 105 GLU A N   1 
ATOM   840  C  CA  . GLU A 1 106 ? -2.172  -5.917  -6.190  1.00 5.72  ? 105 GLU A CA  1 
ATOM   841  C  C   . GLU A 1 106 ? -2.460  -4.543  -6.788  1.00 5.72  ? 105 GLU A C   1 
ATOM   842  O  O   . GLU A 1 106 ? -1.540  -3.848  -7.227  1.00 6.92  ? 105 GLU A O   1 
ATOM   843  C  CB  . GLU A 1 106 ? -2.460  -7.013  -7.215  1.00 6.19  ? 105 GLU A CB  1 
ATOM   844  C  CG  . GLU A 1 106 ? -1.963  -8.384  -6.777  1.00 10.01 ? 105 GLU A CG  1 
ATOM   845  C  CD  . GLU A 1 106 ? -2.414  -9.513  -7.683  1.00 12.58 ? 105 GLU A CD  1 
ATOM   846  O  OE1 . GLU A 1 106 ? -3.174  -9.260  -8.645  1.00 11.26 ? 105 GLU A OE1 1 
ATOM   847  O  OE2 . GLU A 1 106 ? -2.006  -10.665 -7.424  1.00 13.54 ? 105 GLU A OE2 1 
ATOM   848  N  N   . PHE A 1 107 ? -3.734  -4.146  -6.775  1.00 5.32  ? 106 PHE A N   1 
ATOM   849  C  CA  . PHE A 1 107 ? -4.146  -2.842  -7.296  1.00 5.71  ? 106 PHE A CA  1 
ATOM   850  C  C   . PHE A 1 107 ? -3.513  -1.691  -6.513  1.00 5.27  ? 106 PHE A C   1 
ATOM   851  O  O   . PHE A 1 107 ? -2.990  -0.748  -7.108  1.00 5.37  ? 106 PHE A O   1 
ATOM   852  C  CB  . PHE A 1 107 ? -5.672  -2.686  -7.271  1.00 4.72  ? 106 PHE A CB  1 
ATOM   853  C  CG  . PHE A 1 107 ? -6.399  -3.576  -8.240  1.00 6.57  ? 106 PHE A CG  1 
ATOM   854  C  CD1 . PHE A 1 107 ? -5.747  -4.131  -9.338  1.00 7.92  ? 106 PHE A CD1 1 
ATOM   855  C  CD2 . PHE A 1 107 ? -7.748  -3.854  -8.055  1.00 7.21  ? 106 PHE A CD2 1 
ATOM   856  C  CE1 . PHE A 1 107 ? -6.432  -4.954  -10.237 1.00 8.63  ? 106 PHE A CE1 1 
ATOM   857  C  CE2 . PHE A 1 107 ? -8.441  -4.675  -8.945  1.00 8.64  ? 106 PHE A CE2 1 
ATOM   858  C  CZ  . PHE A 1 107 ? -7.781  -5.225  -10.038 1.00 8.97  ? 106 PHE A CZ  1 
ATOM   859  N  N   . ILE A 1 108 ? -3.551  -1.759  -5.184  1.00 4.29  ? 107 ILE A N   1 
ATOM   860  C  CA  . ILE A 1 108 ? -2.955  -0.689  -4.401  1.00 4.06  ? 107 ILE A CA  1 
ATOM   861  C  C   . ILE A 1 108 ? -1.430  -0.695  -4.542  1.00 4.69  ? 107 ILE A C   1 
ATOM   862  O  O   . ILE A 1 108 ? -0.798  0.356   -4.530  1.00 4.97  ? 107 ILE A O   1 
ATOM   863  C  CB  . ILE A 1 108 ? -3.408  -0.711  -2.912  1.00 4.98  ? 107 ILE A CB  1 
ATOM   864  C  CG1 . ILE A 1 108 ? -3.154  0.665   -2.279  1.00 4.53  ? 107 ILE A CG1 1 
ATOM   865  C  CG2 . ILE A 1 108 ? -2.681  -1.815  -2.135  1.00 3.53  ? 107 ILE A CG2 1 
ATOM   866  C  CD1 . ILE A 1 108 ? -3.733  0.830   -0.882  1.00 5.01  ? 107 ILE A CD1 1 
ATOM   867  N  N   . SER A 1 109 ? -0.840  -1.874  -4.727  1.00 5.73  ? 108 SER A N   1 
ATOM   868  C  CA  . SER A 1 109 ? 0.608   -1.969  -4.909  1.00 5.78  ? 108 SER A CA  1 
ATOM   869  C  C   . SER A 1 109 ? 0.973   -1.247  -6.209  1.00 5.36  ? 108 SER A C   1 
ATOM   870  O  O   . SER A 1 109 ? 1.966   -0.526  -6.278  1.00 5.79  ? 108 SER A O   1 
ATOM   871  C  CB  . SER A 1 109 ? 1.050   -3.433  -4.984  1.00 6.23  ? 108 SER A CB  1 
ATOM   872  O  OG  . SER A 1 109 ? 0.869   -4.091  -3.739  1.00 6.02  ? 108 SER A OG  1 
ATOM   873  N  N   . GLU A 1 110 ? 0.131   -1.422  -7.224  1.00 5.23  ? 109 GLU A N   1 
ATOM   874  C  CA  . GLU A 1 110 ? 0.326   -0.791  -8.525  1.00 6.34  ? 109 GLU A CA  1 
ATOM   875  C  C   . GLU A 1 110 ? 0.233   0.727   -8.394  1.00 4.81  ? 109 GLU A C   1 
ATOM   876  O  O   . GLU A 1 110 ? 1.009   1.455   -9.010  1.00 4.99  ? 109 GLU A O   1 
ATOM   877  C  CB  . GLU A 1 110 ? -0.735  -1.292  -9.511  1.00 7.23  ? 109 GLU A CB  1 
ATOM   878  C  CG  . GLU A 1 110 ? -0.660  -0.669  -10.895 1.00 12.34 ? 109 GLU A CG  1 
ATOM   879  C  CD  . GLU A 1 110 ? -1.812  -1.102  -11.786 1.00 16.83 ? 109 GLU A CD  1 
ATOM   880  O  OE1 . GLU A 1 110 ? -2.941  -0.611  -11.579 1.00 19.14 ? 109 GLU A OE1 1 
ATOM   881  O  OE2 . GLU A 1 110 ? -1.589  -1.938  -12.686 1.00 19.34 ? 109 GLU A OE2 1 
ATOM   882  N  N   . ALA A 1 111 ? -0.715  1.193   -7.581  1.00 5.35  ? 110 ALA A N   1 
ATOM   883  C  CA  . ALA A 1 111 ? -0.918  2.629   -7.363  1.00 5.84  ? 110 ALA A CA  1 
ATOM   884  C  C   . ALA A 1 111 ? 0.279   3.243   -6.640  1.00 5.53  ? 110 ALA A C   1 
ATOM   885  O  O   . ALA A 1 111 ? 0.731   4.333   -6.989  1.00 5.43  ? 110 ALA A O   1 
ATOM   886  C  CB  . ALA A 1 111 ? -2.208  2.878   -6.566  1.00 4.58  ? 110 ALA A CB  1 
ATOM   887  N  N   . ILE A 1 112 ? 0.785   2.534   -5.634  1.00 4.43  ? 111 ILE A N   1 
ATOM   888  C  CA  . ILE A 1 112 ? 1.948   2.983   -4.870  1.00 5.15  ? 111 ILE A CA  1 
ATOM   889  C  C   . ILE A 1 112 ? 3.158   3.154   -5.802  1.00 4.48  ? 111 ILE A C   1 
ATOM   890  O  O   . ILE A 1 112 ? 3.833   4.191   -5.782  1.00 4.92  ? 111 ILE A O   1 
ATOM   891  C  CB  . ILE A 1 112 ? 2.279   1.973   -3.741  1.00 4.72  ? 111 ILE A CB  1 
ATOM   892  C  CG1 . ILE A 1 112 ? 1.177   2.020   -2.678  1.00 5.89  ? 111 ILE A CG1 1 
ATOM   893  C  CG2 . ILE A 1 112 ? 3.644   2.281   -3.111  1.00 4.82  ? 111 ILE A CG2 1 
ATOM   894  C  CD1 . ILE A 1 112 ? 1.216   0.885   -1.680  1.00 5.46  ? 111 ILE A CD1 1 
ATOM   895  N  N   . ILE A 1 113 ? 3.402   2.146   -6.634  1.00 3.89  ? 112 ILE A N   1 
ATOM   896  C  CA  . ILE A 1 113 ? 4.510   2.172   -7.578  1.00 4.67  ? 112 ILE A CA  1 
ATOM   897  C  C   . ILE A 1 113 ? 4.341   3.295   -8.604  1.00 4.34  ? 112 ILE A C   1 
ATOM   898  O  O   . ILE A 1 113 ? 5.302   3.982   -8.943  1.00 5.41  ? 112 ILE A O   1 
ATOM   899  C  CB  . ILE A 1 113 ? 4.646   0.808   -8.290  1.00 4.63  ? 112 ILE A CB  1 
ATOM   900  C  CG1 . ILE A 1 113 ? 5.185   -0.233  -7.309  1.00 7.80  ? 112 ILE A CG1 1 
ATOM   901  C  CG2 . ILE A 1 113 ? 5.540   0.918   -9.523  1.00 5.98  ? 112 ILE A CG2 1 
ATOM   902  C  CD1 . ILE A 1 113 ? 5.112   -1.657  -7.835  1.00 8.76  ? 112 ILE A CD1 1 
ATOM   903  N  N   . HIS A 1 114 ? 3.112   3.500   -9.067  1.00 4.59  ? 113 HIS A N   1 
ATOM   904  C  CA  . HIS A 1 114 ? 2.843   4.542   -10.049 1.00 7.52  ? 113 HIS A CA  1 
ATOM   905  C  C   . HIS A 1 114 ? 3.167   5.931   -9.485  1.00 6.48  ? 113 HIS A C   1 
ATOM   906  O  O   . HIS A 1 114 ? 3.811   6.749   -10.145 1.00 6.32  ? 113 HIS A O   1 
ATOM   907  C  CB  . HIS A 1 114 ? 1.383   4.477   -10.497 1.00 8.62  ? 113 HIS A CB  1 
ATOM   908  C  CG  . HIS A 1 114 ? 1.087   5.303   -11.709 1.00 11.87 ? 113 HIS A CG  1 
ATOM   909  N  ND1 . HIS A 1 114 ? 0.713   6.618   -11.608 1.00 14.40 ? 113 HIS A ND1 1 
ATOM   910  C  CD2 . HIS A 1 114 ? 1.102   4.938   -13.016 1.00 14.03 ? 113 HIS A CD2 1 
ATOM   911  C  CE1 . HIS A 1 114 ? 0.505   7.027   -12.844 1.00 13.57 ? 113 HIS A CE1 1 
ATOM   912  N  NE2 . HIS A 1 114 ? 0.727   6.047   -13.734 1.00 15.51 ? 113 HIS A NE2 1 
ATOM   913  N  N   . VAL A 1 115 ? 2.734   6.178   -8.251  1.00 4.78  ? 114 VAL A N   1 
ATOM   914  C  CA  . VAL A 1 115 ? 2.975   7.462   -7.600  1.00 5.65  ? 114 VAL A CA  1 
ATOM   915  C  C   . VAL A 1 115 ? 4.464   7.695   -7.309  1.00 5.56  ? 114 VAL A C   1 
ATOM   916  O  O   . VAL A 1 115 ? 4.979   8.794   -7.532  1.00 5.08  ? 114 VAL A O   1 
ATOM   917  C  CB  . VAL A 1 115 ? 2.117   7.597   -6.318  1.00 6.42  ? 114 VAL A CB  1 
ATOM   918  C  CG1 . VAL A 1 115 ? 2.490   8.863   -5.543  1.00 7.15  ? 114 VAL A CG1 1 
ATOM   919  C  CG2 . VAL A 1 115 ? 0.639   7.630   -6.703  1.00 5.55  ? 114 VAL A CG2 1 
ATOM   920  N  N   . LEU A 1 116 ? 5.159   6.663   -6.834  1.00 5.45  ? 115 LEU A N   1 
ATOM   921  C  CA  . LEU A 1 116 ? 6.586   6.794   -6.557  1.00 5.33  ? 115 LEU A CA  1 
ATOM   922  C  C   . LEU A 1 116 ? 7.331   7.039   -7.869  1.00 4.41  ? 115 LEU A C   1 
ATOM   923  O  O   . LEU A 1 116 ? 8.256   7.841   -7.928  1.00 4.32  ? 115 LEU A O   1 
ATOM   924  C  CB  . LEU A 1 116 ? 7.128   5.540   -5.859  1.00 6.01  ? 115 LEU A CB  1 
ATOM   925  C  CG  . LEU A 1 116 ? 6.526   5.239   -4.482  1.00 8.71  ? 115 LEU A CG  1 
ATOM   926  C  CD1 . LEU A 1 116 ? 7.171   4.003   -3.867  1.00 7.69  ? 115 LEU A CD1 1 
ATOM   927  C  CD2 . LEU A 1 116 ? 6.705   6.428   -3.576  1.00 8.93  ? 115 LEU A CD2 1 
ATOM   928  N  N   . HIS A 1 117 ? 6.903   6.360   -8.932  1.00 4.12  ? 116 HIS A N   1 
ATOM   929  C  CA  . HIS A 1 117 ? 7.528   6.527   -10.239 1.00 4.44  ? 116 HIS A CA  1 
ATOM   930  C  C   . HIS A 1 117 ? 7.377   7.974   -10.712 1.00 4.97  ? 116 HIS A C   1 
ATOM   931  O  O   . HIS A 1 117 ? 8.310   8.580   -11.243 1.00 5.57  ? 116 HIS A O   1 
ATOM   932  C  CB  . HIS A 1 117 ? 6.885   5.568   -11.248 1.00 4.23  ? 116 HIS A CB  1 
ATOM   933  C  CG  . HIS A 1 117 ? 7.407   5.714   -12.645 1.00 6.25  ? 116 HIS A CG  1 
ATOM   934  N  ND1 . HIS A 1 117 ? 6.690   6.379   -13.616 1.00 7.96  ? 116 HIS A ND1 1 
ATOM   935  C  CD2 . HIS A 1 117 ? 8.572   5.268   -13.174 1.00 6.90  ? 116 HIS A CD2 1 
ATOM   936  C  CE1 . HIS A 1 117 ? 7.430   6.321   -14.707 1.00 7.69  ? 116 HIS A CE1 1 
ATOM   937  N  NE2 . HIS A 1 117 ? 8.581   5.661   -14.491 1.00 8.15  ? 116 HIS A NE2 1 
ATOM   938  N  N   . SER A 1 118 ? 6.194   8.530   -10.480 1.00 6.23  ? 117 SER A N   1 
ATOM   939  C  CA  . SER A 1 118 ? 5.889   9.891   -10.879 1.00 7.50  ? 117 SER A CA  1 
ATOM   940  C  C   . SER A 1 118 ? 6.594   10.965  -10.051 1.00 6.12  ? 117 SER A C   1 
ATOM   941  O  O   . SER A 1 118 ? 7.208   11.885  -10.596 1.00 5.48  ? 117 SER A O   1 
ATOM   942  C  CB  . SER A 1 118 ? 4.377   10.108  -10.803 1.00 8.63  ? 117 SER A CB  1 
ATOM   943  O  OG  . SER A 1 118 ? 4.046   11.433  -11.157 1.00 18.67 ? 117 SER A OG  1 
ATOM   944  N  N   . ARG A 1 119 ? 6.500   10.840  -8.732  1.00 4.28  ? 118 ARG A N   1 
ATOM   945  C  CA  . ARG A 1 119 ? 7.079   11.822  -7.826  1.00 4.73  ? 118 ARG A CA  1 
ATOM   946  C  C   . ARG A 1 119 ? 8.572   11.699  -7.561  1.00 4.30  ? 118 ARG A C   1 
ATOM   947  O  O   . ARG A 1 119 ? 9.237   12.706  -7.335  1.00 5.38  ? 118 ARG A O   1 
ATOM   948  C  CB  . ARG A 1 119 ? 6.342   11.786  -6.479  1.00 3.86  ? 118 ARG A CB  1 
ATOM   949  C  CG  . ARG A 1 119 ? 4.872   12.184  -6.549  1.00 6.56  ? 118 ARG A CG  1 
ATOM   950  C  CD  . ARG A 1 119 ? 4.174   12.095  -5.190  1.00 9.66  ? 118 ARG A CD  1 
ATOM   951  N  NE  . ARG A 1 119 ? 4.709   13.061  -4.242  1.00 14.47 ? 118 ARG A NE  1 
ATOM   952  C  CZ  . ARG A 1 119 ? 3.980   13.826  -3.434  1.00 11.02 ? 118 ARG A CZ  1 
ATOM   953  N  NH1 . ARG A 1 119 ? 2.655   13.764  -3.433  1.00 13.41 ? 118 ARG A NH1 1 
ATOM   954  N  NH2 . ARG A 1 119 ? 4.591   14.645  -2.601  1.00 13.05 ? 118 ARG A NH2 1 
ATOM   955  N  N   . HIS A 1 120 ? 9.107   10.486  -7.659  1.00 4.62  ? 119 HIS A N   1 
ATOM   956  C  CA  . HIS A 1 120 ? 10.506  10.258  -7.314  1.00 4.54  ? 119 HIS A CA  1 
ATOM   957  C  C   . HIS A 1 120 ? 11.443  9.621   -8.326  1.00 5.65  ? 119 HIS A C   1 
ATOM   958  O  O   . HIS A 1 120 ? 12.107  8.625   -8.025  1.00 4.96  ? 119 HIS A O   1 
ATOM   959  C  CB  . HIS A 1 120 ? 10.560  9.484   -5.994  1.00 4.02  ? 119 HIS A CB  1 
ATOM   960  C  CG  . HIS A 1 120 ? 9.905   10.202  -4.853  1.00 4.64  ? 119 HIS A CG  1 
ATOM   961  N  ND1 . HIS A 1 120 ? 10.405  11.385  -4.374  1.00 4.48  ? 119 HIS A ND1 1 
ATOM   962  C  CD2 . HIS A 1 120 ? 8.754   9.905   -4.201  1.00 4.48  ? 119 HIS A CD2 1 
ATOM   963  C  CE1 . HIS A 1 120 ? 9.554   11.786  -3.451  1.00 5.20  ? 119 HIS A CE1 1 
ATOM   964  N  NE2 . HIS A 1 120 ? 8.537   10.925  -3.309  1.00 3.99  ? 119 HIS A NE2 1 
ATOM   965  N  N   . PRO A 1 121 ? 11.574  10.223  -9.517  1.00 6.32  ? 120 PRO A N   1 
ATOM   966  C  CA  . PRO A 1 121 ? 12.474  9.639   -10.518 1.00 8.50  ? 120 PRO A CA  1 
ATOM   967  C  C   . PRO A 1 121 ? 13.939  9.597   -10.043 1.00 9.07  ? 120 PRO A C   1 
ATOM   968  O  O   . PRO A 1 121 ? 14.726  8.780   -10.521 1.00 11.05 ? 120 PRO A O   1 
ATOM   969  C  CB  . PRO A 1 121 ? 12.278  10.550  -11.731 1.00 8.60  ? 120 PRO A CB  1 
ATOM   970  C  CG  . PRO A 1 121 ? 11.862  11.869  -11.117 1.00 7.09  ? 120 PRO A CG  1 
ATOM   971  C  CD  . PRO A 1 121 ? 10.920  11.441  -10.027 1.00 5.84  ? 120 PRO A CD  1 
ATOM   972  N  N   . GLY A 1 122 ? 14.282  10.440  -9.070  1.00 9.52  ? 121 GLY A N   1 
ATOM   973  C  CA  . GLY A 1 122 ? 15.640  10.468  -8.542  1.00 9.25  ? 121 GLY A CA  1 
ATOM   974  C  C   . GLY A 1 122 ? 15.981  9.283   -7.650  1.00 9.17  ? 121 GLY A C   1 
ATOM   975  O  O   . GLY A 1 122 ? 17.154  8.991   -7.402  1.00 9.94  ? 121 GLY A O   1 
ATOM   976  N  N   . ASN A 1 123 ? 14.952  8.604   -7.154  1.00 7.42  ? 122 ASN A N   1 
ATOM   977  C  CA  . ASN A 1 123 ? 15.139  7.452   -6.280  1.00 7.34  ? 122 ASN A CA  1 
ATOM   978  C  C   . ASN A 1 123 ? 14.241  6.281   -6.674  1.00 6.81  ? 122 ASN A C   1 
ATOM   979  O  O   . ASN A 1 123 ? 14.079  5.325   -5.909  1.00 7.51  ? 122 ASN A O   1 
ATOM   980  C  CB  . ASN A 1 123 ? 14.869  7.838   -4.822  1.00 8.47  ? 122 ASN A CB  1 
ATOM   981  C  CG  . ASN A 1 123 ? 15.946  8.735   -4.248  1.00 10.44 ? 122 ASN A CG  1 
ATOM   982  O  OD1 . ASN A 1 123 ? 17.015  8.263   -3.867  1.00 11.80 ? 122 ASN A OD1 1 
ATOM   983  N  ND2 . ASN A 1 123 ? 15.675  10.034  -4.194  1.00 8.54  ? 122 ASN A ND2 1 
ATOM   984  N  N   . PHE A 1 124 ? 13.670  6.343   -7.870  1.00 6.96  ? 123 PHE A N   1 
ATOM   985  C  CA  . PHE A 1 124 ? 12.796  5.273   -8.316  1.00 6.42  ? 123 PHE A CA  1 
ATOM   986  C  C   . PHE A 1 124 ? 13.037  4.857   -9.761  1.00 7.94  ? 123 PHE A C   1 
ATOM   987  O  O   . PHE A 1 124 ? 12.110  4.821   -10.579 1.00 6.64  ? 123 PHE A O   1 
ATOM   988  C  CB  . PHE A 1 124 ? 11.322  5.627   -8.081  1.00 6.56  ? 123 PHE A CB  1 
ATOM   989  C  CG  . PHE A 1 124 ? 10.458  4.433   -7.771  1.00 6.33  ? 123 PHE A CG  1 
ATOM   990  C  CD1 . PHE A 1 124 ? 10.631  3.725   -6.584  1.00 4.96  ? 123 PHE A CD1 1 
ATOM   991  C  CD2 . PHE A 1 124 ? 9.470   4.019   -8.657  1.00 4.68  ? 123 PHE A CD2 1 
ATOM   992  C  CE1 . PHE A 1 124 ? 9.832   2.630   -6.285  1.00 4.82  ? 123 PHE A CE1 1 
ATOM   993  C  CE2 . PHE A 1 124 ? 8.664   2.925   -8.368  1.00 4.82  ? 123 PHE A CE2 1 
ATOM   994  C  CZ  . PHE A 1 124 ? 8.845   2.227   -7.176  1.00 5.60  ? 123 PHE A CZ  1 
ATOM   995  N  N   . GLY A 1 125 ? 14.305  4.572   -10.060 1.00 7.23  ? 124 GLY A N   1 
ATOM   996  C  CA  . GLY A 1 125 ? 14.692  4.094   -11.374 1.00 6.83  ? 124 GLY A CA  1 
ATOM   997  C  C   . GLY A 1 125 ? 14.262  2.635   -11.486 1.00 6.73  ? 124 GLY A C   1 
ATOM   998  O  O   . GLY A 1 125 ? 13.584  2.119   -10.600 1.00 5.62  ? 124 GLY A O   1 
ATOM   999  N  N   . ALA A 1 126 ? 14.675  1.961   -12.554 1.00 6.95  ? 125 ALA A N   1 
ATOM   1000 C  CA  . ALA A 1 126 ? 14.303  0.566   -12.785 1.00 6.55  ? 125 ALA A CA  1 
ATOM   1001 C  C   . ALA A 1 126 ? 14.666  -0.392  -11.651 1.00 7.03  ? 125 ALA A C   1 
ATOM   1002 O  O   . ALA A 1 126 ? 13.840  -1.212  -11.237 1.00 6.91  ? 125 ALA A O   1 
ATOM   1003 C  CB  . ALA A 1 126 ? 14.899  0.079   -14.093 1.00 7.42  ? 125 ALA A CB  1 
ATOM   1004 N  N   . ASP A 1 127 ? 15.895  -0.293  -11.153 1.00 8.33  ? 126 ASP A N   1 
ATOM   1005 C  CA  . ASP A 1 127 ? 16.338  -1.167  -10.070 1.00 8.21  ? 126 ASP A CA  1 
ATOM   1006 C  C   . ASP A 1 127 ? 15.554  -0.920  -8.785  1.00 7.29  ? 126 ASP A C   1 
ATOM   1007 O  O   . ASP A 1 127 ? 15.130  -1.869  -8.120  1.00 6.12  ? 126 ASP A O   1 
ATOM   1008 C  CB  . ASP A 1 127 ? 17.838  -1.016  -9.824  1.00 9.01  ? 126 ASP A CB  1 
ATOM   1009 C  CG  . ASP A 1 127 ? 18.676  -1.573  -10.965 1.00 13.04 ? 126 ASP A CG  1 
ATOM   1010 O  OD1 . ASP A 1 127 ? 18.263  -2.573  -11.595 1.00 12.80 ? 126 ASP A OD1 1 
ATOM   1011 O  OD2 . ASP A 1 127 ? 19.748  -0.998  -11.243 1.00 17.66 ? 126 ASP A OD2 1 
ATOM   1012 N  N   . ALA A 1 128 ? 15.334  0.352   -8.466  1.00 6.81  ? 127 ALA A N   1 
ATOM   1013 C  CA  . ALA A 1 128 ? 14.588  0.727   -7.268  1.00 6.34  ? 127 ALA A CA  1 
ATOM   1014 C  C   . ALA A 1 128 ? 13.137  0.248   -7.365  1.00 5.63  ? 127 ALA A C   1 
ATOM   1015 O  O   . ALA A 1 128 ? 12.581  -0.260  -6.392  1.00 5.63  ? 127 ALA A O   1 
ATOM   1016 C  CB  . ALA A 1 128 ? 14.643  2.240   -7.065  1.00 6.21  ? 127 ALA A CB  1 
ATOM   1017 N  N   . GLN A 1 129 ? 12.523  0.408   -8.535  1.00 5.65  ? 128 GLN A N   1 
ATOM   1018 C  CA  . GLN A 1 129 ? 11.147  -0.043  -8.716  1.00 4.94  ? 128 GLN A CA  1 
ATOM   1019 C  C   . GLN A 1 129 ? 11.071  -1.562  -8.592  1.00 5.22  ? 128 GLN A C   1 
ATOM   1020 O  O   . GLN A 1 129 ? 10.116  -2.099  -8.026  1.00 5.24  ? 128 GLN A O   1 
ATOM   1021 C  CB  . GLN A 1 129 ? 10.579  0.405   -10.066 1.00 6.51  ? 128 GLN A CB  1 
ATOM   1022 C  CG  . GLN A 1 129 ? 9.158   -0.106  -10.301 1.00 6.80  ? 128 GLN A CG  1 
ATOM   1023 C  CD  . GLN A 1 129 ? 8.492   0.479   -11.529 1.00 6.30  ? 128 GLN A CD  1 
ATOM   1024 O  OE1 . GLN A 1 129 ? 8.772   1.607   -11.930 1.00 8.35  ? 128 GLN A OE1 1 
ATOM   1025 N  NE2 . GLN A 1 129 ? 7.583   -0.286  -12.121 1.00 7.26  ? 128 GLN A NE2 1 
ATOM   1026 N  N   . GLY A 1 130 ? 12.085  -2.247  -9.124  1.00 6.03  ? 129 GLY A N   1 
ATOM   1027 C  CA  . GLY A 1 130 ? 12.133  -3.698  -9.041  1.00 5.57  ? 129 GLY A CA  1 
ATOM   1028 C  C   . GLY A 1 130 ? 12.200  -4.149  -7.588  1.00 5.07  ? 129 GLY A C   1 
ATOM   1029 O  O   . GLY A 1 130 ? 11.517  -5.099  -7.194  1.00 5.84  ? 129 GLY A O   1 
ATOM   1030 N  N   . ALA A 1 131 ? 13.012  -3.454  -6.791  1.00 4.48  ? 130 ALA A N   1 
ATOM   1031 C  CA  . ALA A 1 131 ? 13.158  -3.769  -5.371  1.00 4.86  ? 130 ALA A CA  1 
ATOM   1032 C  C   . ALA A 1 131 ? 11.837  -3.524  -4.637  1.00 4.47  ? 130 ALA A C   1 
ATOM   1033 O  O   . ALA A 1 131 ? 11.430  -4.341  -3.819  1.00 5.42  ? 130 ALA A O   1 
ATOM   1034 C  CB  . ALA A 1 131 ? 14.274  -2.942  -4.750  1.00 4.15  ? 130 ALA A CB  1 
ATOM   1035 N  N   . MET A 1 132 ? 11.160  -2.414  -4.947  1.00 4.19  ? 131 MET A N   1 
ATOM   1036 C  CA  . MET A 1 132 ? 9.881   -2.100  -4.316  1.00 5.24  ? 131 MET A CA  1 
ATOM   1037 C  C   . MET A 1 132 ? 8.836   -3.146  -4.687  1.00 3.69  ? 131 MET A C   1 
ATOM   1038 O  O   . MET A 1 132 ? 8.088   -3.610  -3.826  1.00 5.00  ? 131 MET A O   1 
ATOM   1039 C  CB  . MET A 1 132 ? 9.394   -0.705  -4.714  1.00 6.33  ? 131 MET A CB  1 
ATOM   1040 C  CG  . MET A 1 132 ? 8.043   -0.316  -4.102  1.00 5.99  ? 131 MET A CG  1 
ATOM   1041 S  SD  . MET A 1 132 ? 7.991   -0.287  -2.285  1.00 6.15  ? 131 MET A SD  1 
ATOM   1042 C  CE  . MET A 1 132 ? 8.845   1.247   -1.968  1.00 5.95  ? 131 MET A CE  1 
ATOM   1043 N  N   . ASN A 1 133 ? 8.793   -3.528  -5.961  1.00 3.56  ? 132 ASN A N   1 
ATOM   1044 C  CA  . ASN A 1 133 ? 7.844   -4.541  -6.396  1.00 4.59  ? 132 ASN A CA  1 
ATOM   1045 C  C   . ASN A 1 133 ? 8.094   -5.853  -5.649  1.00 4.87  ? 132 ASN A C   1 
ATOM   1046 O  O   . ASN A 1 133 ? 7.157   -6.533  -5.234  1.00 6.03  ? 132 ASN A O   1 
ATOM   1047 C  CB  . ASN A 1 133 ? 7.951   -4.792  -7.897  1.00 5.59  ? 132 ASN A CB  1 
ATOM   1048 C  CG  . ASN A 1 133 ? 7.052   -5.923  -8.351  1.00 7.78  ? 132 ASN A CG  1 
ATOM   1049 O  OD1 . ASN A 1 133 ? 5.835   -5.876  -8.153  1.00 7.39  ? 132 ASN A OD1 1 
ATOM   1050 N  ND2 . ASN A 1 133 ? 7.646   -6.958  -8.930  1.00 8.72  ? 132 ASN A ND2 1 
ATOM   1051 N  N   . LYS A 1 134 ? 9.365   -6.201  -5.489  1.00 5.24  ? 133 LYS A N   1 
ATOM   1052 C  CA  . LYS A 1 134 ? 9.741   -7.425  -4.796  1.00 5.69  ? 133 LYS A CA  1 
ATOM   1053 C  C   . LYS A 1 134 ? 9.250   -7.370  -3.344  1.00 4.96  ? 133 LYS A C   1 
ATOM   1054 O  O   . LYS A 1 134 ? 8.694   -8.342  -2.830  1.00 6.13  ? 133 LYS A O   1 
ATOM   1055 C  CB  . LYS A 1 134 ? 11.261  -7.602  -4.861  1.00 8.38  ? 133 LYS A CB  1 
ATOM   1056 C  CG  . LYS A 1 134 ? 11.739  -9.006  -4.592  1.00 13.04 ? 133 LYS A CG  1 
ATOM   1057 C  CD  . LYS A 1 134 ? 13.209  -9.145  -4.933  1.00 15.32 ? 133 LYS A CD  1 
ATOM   1058 C  CE  . LYS A 1 134 ? 13.748  -10.507 -4.528  1.00 18.90 ? 133 LYS A CE  1 
ATOM   1059 N  NZ  . LYS A 1 134 ? 15.201  -10.639 -4.837  1.00 22.50 ? 133 LYS A NZ  1 
ATOM   1060 N  N   . ALA A 1 135 ? 9.416   -6.214  -2.704  1.00 4.18  ? 134 ALA A N   1 
ATOM   1061 C  CA  . ALA A 1 135 ? 8.980   -6.023  -1.321  1.00 4.66  ? 134 ALA A CA  1 
ATOM   1062 C  C   . ALA A 1 135 ? 7.463   -6.148  -1.197  1.00 5.06  ? 134 ALA A C   1 
ATOM   1063 O  O   . ALA A 1 135 ? 6.960   -6.777  -0.261  1.00 5.38  ? 134 ALA A O   1 
ATOM   1064 C  CB  . ALA A 1 135 ? 9.431   -4.658  -0.801  1.00 3.92  ? 134 ALA A CB  1 
ATOM   1065 N  N   . LEU A 1 136 ? 6.737   -5.538  -2.136  1.00 5.60  ? 135 LEU A N   1 
ATOM   1066 C  CA  . LEU A 1 136 ? 5.281   -5.596  -2.117  1.00 4.94  ? 135 LEU A CA  1 
ATOM   1067 C  C   . LEU A 1 136 ? 4.771   -7.000  -2.440  1.00 6.29  ? 135 LEU A C   1 
ATOM   1068 O  O   . LEU A 1 136 ? 3.764   -7.440  -1.879  1.00 6.31  ? 135 LEU A O   1 
ATOM   1069 C  CB  . LEU A 1 136 ? 4.675   -4.543  -3.050  1.00 5.60  ? 135 LEU A CB  1 
ATOM   1070 C  CG  . LEU A 1 136 ? 4.965   -3.090  -2.642  1.00 4.81  ? 135 LEU A CG  1 
ATOM   1071 C  CD1 . LEU A 1 136 ? 4.308   -2.119  -3.615  1.00 7.91  ? 135 LEU A CD1 1 
ATOM   1072 C  CD2 . LEU A 1 136 ? 4.490   -2.821  -1.225  1.00 6.63  ? 135 LEU A CD2 1 
ATOM   1073 N  N   . GLU A 1 137 ? 5.473   -7.714  -3.321  1.00 6.27  ? 136 GLU A N   1 
ATOM   1074 C  CA  . GLU A 1 137 ? 5.076   -9.085  -3.643  1.00 6.51  ? 136 GLU A CA  1 
ATOM   1075 C  C   . GLU A 1 137 ? 5.271   -9.975  -2.410  1.00 6.38  ? 136 GLU A C   1 
ATOM   1076 O  O   . GLU A 1 137 ? 4.468   -10.870 -2.159  1.00 6.66  ? 136 GLU A O   1 
ATOM   1077 C  CB  . GLU A 1 137 ? 5.882   -9.642  -4.813  1.00 9.15  ? 136 GLU A CB  1 
ATOM   1078 C  CG  . GLU A 1 137 ? 5.514   -9.046  -6.151  1.00 12.87 ? 136 GLU A CG  1 
ATOM   1079 C  CD  . GLU A 1 137 ? 6.148   -9.774  -7.330  1.00 14.93 ? 136 GLU A CD  1 
ATOM   1080 O  OE1 . GLU A 1 137 ? 6.918   -10.737 -7.121  1.00 16.53 ? 136 GLU A OE1 1 
ATOM   1081 O  OE2 . GLU A 1 137 ? 5.859   -9.383  -8.479  1.00 16.76 ? 136 GLU A OE2 1 
ATOM   1082 N  N   . LEU A 1 138 ? 6.350   -9.735  -1.659  1.00 5.65  ? 137 LEU A N   1 
ATOM   1083 C  CA  . LEU A 1 138 ? 6.635   -10.499 -0.439  1.00 6.70  ? 137 LEU A CA  1 
ATOM   1084 C  C   . LEU A 1 138 ? 5.501   -10.247 0.554   1.00 5.80  ? 137 LEU A C   1 
ATOM   1085 O  O   . LEU A 1 138 ? 4.971   -11.180 1.166   1.00 5.46  ? 137 LEU A O   1 
ATOM   1086 C  CB  . LEU A 1 138 ? 7.976   -10.069 0.174   1.00 6.89  ? 137 LEU A CB  1 
ATOM   1087 C  CG  . LEU A 1 138 ? 8.337   -10.698 1.526   1.00 6.61  ? 137 LEU A CG  1 
ATOM   1088 C  CD1 . LEU A 1 138 ? 8.546   -12.202 1.376   1.00 8.22  ? 137 LEU A CD1 1 
ATOM   1089 C  CD2 . LEU A 1 138 ? 9.588   -10.047 2.097   1.00 8.00  ? 137 LEU A CD2 1 
ATOM   1090 N  N   . PHE A 1 139 ? 5.121   -8.975  0.674   1.00 5.14  ? 138 PHE A N   1 
ATOM   1091 C  CA  . PHE A 1 139 ? 4.037   -8.550  1.552   1.00 6.04  ? 138 PHE A CA  1 
ATOM   1092 C  C   . PHE A 1 139 ? 2.742   -9.290  1.198   1.00 5.68  ? 138 PHE A C   1 
ATOM   1093 O  O   . PHE A 1 139 ? 2.102   -9.895  2.067   1.00 4.61  ? 138 PHE A O   1 
ATOM   1094 C  CB  . PHE A 1 139 ? 3.854   -7.023  1.433   1.00 7.23  ? 138 PHE A CB  1 
ATOM   1095 C  CG  . PHE A 1 139 ? 2.537   -6.513  1.965   1.00 7.49  ? 138 PHE A CG  1 
ATOM   1096 C  CD1 . PHE A 1 139 ? 2.288   -6.468  3.335   1.00 7.68  ? 138 PHE A CD1 1 
ATOM   1097 C  CD2 . PHE A 1 139 ? 1.543   -6.085  1.089   1.00 8.03  ? 138 PHE A CD2 1 
ATOM   1098 C  CE1 . PHE A 1 139 ? 1.066   -6.007  3.827   1.00 7.90  ? 138 PHE A CE1 1 
ATOM   1099 C  CE2 . PHE A 1 139 ? 0.315   -5.621  1.569   1.00 8.68  ? 138 PHE A CE2 1 
ATOM   1100 C  CZ  . PHE A 1 139 ? 0.075   -5.581  2.940   1.00 7.48  ? 138 PHE A CZ  1 
ATOM   1101 N  N   . ARG A 1 140 ? 2.382   -9.275  -0.083  1.00 5.85  ? 139 ARG A N   1 
ATOM   1102 C  CA  . ARG A 1 140 ? 1.165   -9.939  -0.536  1.00 5.94  ? 139 ARG A CA  1 
ATOM   1103 C  C   . ARG A 1 140 ? 1.226   -11.455 -0.399  1.00 6.37  ? 139 ARG A C   1 
ATOM   1104 O  O   . ARG A 1 140 ? 0.216   -12.091 -0.100  1.00 5.90  ? 139 ARG A O   1 
ATOM   1105 C  CB  . ARG A 1 140 ? 0.830   -9.546  -1.974  1.00 7.12  ? 139 ARG A CB  1 
ATOM   1106 C  CG  . ARG A 1 140 ? 0.622   -8.048  -2.166  1.00 6.45  ? 139 ARG A CG  1 
ATOM   1107 C  CD  . ARG A 1 140 ? -0.065  -7.745  -3.489  1.00 4.70  ? 139 ARG A CD  1 
ATOM   1108 N  NE  . ARG A 1 140 ? 0.615   -8.341  -4.636  1.00 5.12  ? 139 ARG A NE  1 
ATOM   1109 C  CZ  . ARG A 1 140 ? 1.551   -7.739  -5.366  1.00 5.59  ? 139 ARG A CZ  1 
ATOM   1110 N  NH1 . ARG A 1 140 ? 1.952   -6.502  -5.075  1.00 5.48  ? 139 ARG A NH1 1 
ATOM   1111 N  NH2 . ARG A 1 140 ? 2.057   -8.361  -6.422  1.00 8.01  ? 139 ARG A NH2 1 
ATOM   1112 N  N   . LYS A 1 141 ? 2.410   -12.031 -0.613  1.00 6.64  ? 140 LYS A N   1 
ATOM   1113 C  CA  . LYS A 1 141 ? 2.600   -13.477 -0.492  1.00 7.45  ? 140 LYS A CA  1 
ATOM   1114 C  C   . LYS A 1 141 ? 2.355   -13.895 0.957   1.00 5.71  ? 140 LYS A C   1 
ATOM   1115 O  O   . LYS A 1 141 ? 1.624   -14.844 1.229   1.00 5.82  ? 140 LYS A O   1 
ATOM   1116 C  CB  . LYS A 1 141 ? 4.024   -13.863 -0.906  1.00 9.54  ? 140 LYS A CB  1 
ATOM   1117 C  CG  . LYS A 1 141 ? 4.416   -15.282 -0.539  1.00 16.50 ? 140 LYS A CG  1 
ATOM   1118 C  CD  . LYS A 1 141 ? 5.847   -15.581 -0.952  1.00 22.73 ? 140 LYS A CD  1 
ATOM   1119 C  CE  . LYS A 1 141 ? 6.312   -16.910 -0.375  1.00 26.35 ? 140 LYS A CE  1 
ATOM   1120 N  NZ  . LYS A 1 141 ? 6.262   -16.890 1.123   1.00 31.17 ? 140 LYS A NZ  1 
ATOM   1121 N  N   . ASP A 1 142 ? 2.957   -13.155 1.880   1.00 5.86  ? 141 ASP A N   1 
ATOM   1122 C  CA  . ASP A 1 142 ? 2.804   -13.443 3.296   1.00 7.12  ? 141 ASP A CA  1 
ATOM   1123 C  C   . ASP A 1 142 ? 1.383   -13.168 3.786   1.00 6.38  ? 141 ASP A C   1 
ATOM   1124 O  O   . ASP A 1 142 ? 0.872   -13.893 4.637   1.00 7.61  ? 141 ASP A O   1 
ATOM   1125 C  CB  . ASP A 1 142 ? 3.870   -12.704 4.111   1.00 6.62  ? 141 ASP A CB  1 
ATOM   1126 C  CG  . ASP A 1 142 ? 5.265   -13.302 3.923   1.00 9.17  ? 141 ASP A CG  1 
ATOM   1127 O  OD1 . ASP A 1 142 ? 5.385   -14.352 3.245   1.00 10.44 ? 141 ASP A OD1 1 
ATOM   1128 O  OD2 . ASP A 1 142 ? 6.242   -12.727 4.447   1.00 8.74  ? 141 ASP A OD2 1 
ATOM   1129 N  N   . ILE A 1 143 ? 0.727   -12.158 3.214   1.00 6.49  ? 142 ILE A N   1 
ATOM   1130 C  CA  . ILE A 1 143 ? -0.655  -11.852 3.580   1.00 6.87  ? 142 ILE A CA  1 
ATOM   1131 C  C   . ILE A 1 143 ? -1.546  -12.993 3.077   1.00 5.93  ? 142 ILE A C   1 
ATOM   1132 O  O   . ILE A 1 143 ? -2.410  -13.481 3.805   1.00 6.44  ? 142 ILE A O   1 
ATOM   1133 C  CB  . ILE A 1 143 ? -1.128  -10.503 2.970   1.00 6.73  ? 142 ILE A CB  1 
ATOM   1134 C  CG1 . ILE A 1 143 ? -0.541  -9.331  3.763   1.00 7.53  ? 142 ILE A CG1 1 
ATOM   1135 C  CG2 . ILE A 1 143 ? -2.658  -10.421 2.952   1.00 9.04  ? 142 ILE A CG2 1 
ATOM   1136 C  CD1 . ILE A 1 143 ? -1.077  -9.198  5.180   1.00 7.16  ? 142 ILE A CD1 1 
ATOM   1137 N  N   . ALA A 1 144 ? -1.305  -13.439 1.846   1.00 5.90  ? 143 ALA A N   1 
ATOM   1138 C  CA  . ALA A 1 144 ? -2.082  -14.533 1.263   1.00 6.29  ? 143 ALA A CA  1 
ATOM   1139 C  C   . ALA A 1 144 ? -2.003  -15.789 2.135   1.00 6.74  ? 143 ALA A C   1 
ATOM   1140 O  O   . ALA A 1 144 ? -3.013  -16.457 2.362   1.00 7.01  ? 143 ALA A O   1 
ATOM   1141 C  CB  . ALA A 1 144 ? -1.594  -14.835 -0.151  1.00 6.35  ? 143 ALA A CB  1 
ATOM   1142 N  N   . ALA A 1 145 ? -0.805  -16.101 2.626   1.00 6.13  ? 144 ALA A N   1 
ATOM   1143 C  CA  . ALA A 1 145 ? -0.603  -17.269 3.482   1.00 8.07  ? 144 ALA A CA  1 
ATOM   1144 C  C   . ALA A 1 145 ? -1.414  -17.132 4.770   1.00 7.91  ? 144 ALA A C   1 
ATOM   1145 O  O   . ALA A 1 145 ? -2.024  -18.099 5.244   1.00 7.90  ? 144 ALA A O   1 
ATOM   1146 C  CB  . ALA A 1 145 ? 0.881   -17.443 3.805   1.00 7.00  ? 144 ALA A CB  1 
ATOM   1147 N  N   . LYS A 1 146 ? -1.424  -15.923 5.329   1.00 8.20  ? 145 LYS A N   1 
ATOM   1148 C  CA  . LYS A 1 146 ? -2.173  -15.663 6.551   1.00 8.72  ? 145 LYS A CA  1 
ATOM   1149 C  C   . LYS A 1 146 ? -3.673  -15.748 6.272   1.00 8.32  ? 145 LYS A C   1 
ATOM   1150 O  O   . LYS A 1 146 ? -4.424  -16.277 7.091   1.00 7.32  ? 145 LYS A O   1 
ATOM   1151 C  CB  . LYS A 1 146 ? -1.808  -14.298 7.128   1.00 11.53 ? 145 LYS A CB  1 
ATOM   1152 C  CG  . LYS A 1 146 ? -2.330  -14.076 8.539   1.00 16.76 ? 145 LYS A CG  1 
ATOM   1153 C  CD  . LYS A 1 146 ? -1.784  -15.104 9.529   1.00 18.84 ? 145 LYS A CD  1 
ATOM   1154 C  CE  . LYS A 1 146 ? -0.268  -15.031 9.638   1.00 18.70 ? 145 LYS A CE  1 
ATOM   1155 N  NZ  . LYS A 1 146 ? 0.249   -15.930 10.709  1.00 19.15 ? 145 LYS A NZ  1 
ATOM   1156 N  N   . TYR A 1 147 ? -4.099  -15.231 5.117   1.00 7.72  ? 146 TYR A N   1 
ATOM   1157 C  CA  . TYR A 1 147 ? -5.506  -15.276 4.706   1.00 8.94  ? 146 TYR A CA  1 
ATOM   1158 C  C   . TYR A 1 147 ? -5.968  -16.733 4.731   1.00 10.42 ? 146 TYR A C   1 
ATOM   1159 O  O   . TYR A 1 147 ? -7.042  -17.054 5.246   1.00 10.46 ? 146 TYR A O   1 
ATOM   1160 C  CB  . TYR A 1 147 ? -5.667  -14.752 3.274   1.00 8.54  ? 146 TYR A CB  1 
ATOM   1161 C  CG  . TYR A 1 147 ? -5.865  -13.255 3.118   1.00 8.27  ? 146 TYR A CG  1 
ATOM   1162 C  CD1 . TYR A 1 147 ? -5.846  -12.390 4.217   1.00 8.45  ? 146 TYR A CD1 1 
ATOM   1163 C  CD2 . TYR A 1 147 ? -6.124  -12.712 1.858   1.00 8.21  ? 146 TYR A CD2 1 
ATOM   1164 C  CE1 . TYR A 1 147 ? -6.095  -11.020 4.061   1.00 8.72  ? 146 TYR A CE1 1 
ATOM   1165 C  CE2 . TYR A 1 147 ? -6.369  -11.353 1.689   1.00 8.97  ? 146 TYR A CE2 1 
ATOM   1166 C  CZ  . TYR A 1 147 ? -6.358  -10.513 2.790   1.00 8.44  ? 146 TYR A CZ  1 
ATOM   1167 O  OH  . TYR A 1 147 ? -6.642  -9.181  2.613   1.00 9.34  ? 146 TYR A OH  1 
ATOM   1168 N  N   . LYS A 1 148 ? -5.121  -17.606 4.190   1.00 10.79 ? 147 LYS A N   1 
ATOM   1169 C  CA  . LYS A 1 148 ? -5.383  -19.037 4.122   1.00 12.58 ? 147 LYS A CA  1 
ATOM   1170 C  C   . LYS A 1 148 ? -5.581  -19.620 5.529   1.00 12.29 ? 147 LYS A C   1 
ATOM   1171 O  O   . LYS A 1 148 ? -6.530  -20.373 5.773   1.00 11.81 ? 147 LYS A O   1 
ATOM   1172 C  CB  . LYS A 1 148 ? -4.219  -19.722 3.398   1.00 14.93 ? 147 LYS A CB  1 
ATOM   1173 C  CG  . LYS A 1 148 ? -4.422  -21.196 3.098   1.00 20.68 ? 147 LYS A CG  1 
ATOM   1174 C  CD  . LYS A 1 148 ? -3.315  -21.711 2.182   1.00 24.84 ? 147 LYS A CD  1 
ATOM   1175 C  CE  . LYS A 1 148 ? -3.385  -23.219 2.000   1.00 27.83 ? 147 LYS A CE  1 
ATOM   1176 N  NZ  . LYS A 1 148 ? -3.068  -23.955 3.262   1.00 31.63 ? 147 LYS A NZ  1 
ATOM   1177 N  N   . GLU A 1 149 ? -4.701  -19.242 6.454   1.00 10.53 ? 148 GLU A N   1 
ATOM   1178 C  CA  . GLU A 1 149 ? -4.777  -19.705 7.837   1.00 10.09 ? 148 GLU A CA  1 
ATOM   1179 C  C   . GLU A 1 149 ? -6.026  -19.174 8.542   1.00 9.20  ? 148 GLU A C   1 
ATOM   1180 O  O   . GLU A 1 149 ? -6.592  -19.846 9.405   1.00 8.57  ? 148 GLU A O   1 
ATOM   1181 C  CB  . GLU A 1 149 ? -3.528  -19.273 8.610   1.00 10.60 ? 148 GLU A CB  1 
ATOM   1182 C  CG  . GLU A 1 149 ? -2.248  -19.952 8.142   1.00 14.14 ? 148 GLU A CG  1 
ATOM   1183 C  CD  . GLU A 1 149 ? -0.983  -19.296 8.676   1.00 18.02 ? 148 GLU A CD  1 
ATOM   1184 O  OE1 . GLU A 1 149 ? -1.054  -18.535 9.664   1.00 19.29 ? 148 GLU A OE1 1 
ATOM   1185 O  OE2 . GLU A 1 149 ? 0.095   -19.540 8.096   1.00 23.14 ? 148 GLU A OE2 1 
ATOM   1186 N  N   . LEU A 1 150 ? -6.464  -17.981 8.146   1.00 7.62  ? 149 LEU A N   1 
ATOM   1187 C  CA  . LEU A 1 150 ? -7.639  -17.340 8.734   1.00 7.59  ? 149 LEU A CA  1 
ATOM   1188 C  C   . LEU A 1 150 ? -8.971  -17.807 8.132   1.00 7.31  ? 149 LEU A C   1 
ATOM   1189 O  O   . LEU A 1 150 ? -10.044 -17.450 8.630   1.00 8.18  ? 149 LEU A O   1 
ATOM   1190 C  CB  . LEU A 1 150 ? -7.513  -15.821 8.613   1.00 8.62  ? 149 LEU A CB  1 
ATOM   1191 C  CG  . LEU A 1 150 ? -6.356  -15.194 9.396   1.00 7.70  ? 149 LEU A CG  1 
ATOM   1192 C  CD1 . LEU A 1 150 ? -6.050  -13.812 8.841   1.00 9.31  ? 149 LEU A CD1 1 
ATOM   1193 C  CD2 . LEU A 1 150 ? -6.694  -15.124 10.886  1.00 8.60  ? 149 LEU A CD2 1 
ATOM   1194 N  N   . GLY A 1 151 ? -8.892  -18.585 7.053   1.00 6.89  ? 150 GLY A N   1 
ATOM   1195 C  CA  . GLY A 1 151 ? -10.085 -19.105 6.405   1.00 8.14  ? 150 GLY A CA  1 
ATOM   1196 C  C   . GLY A 1 151 ? -10.655 -18.262 5.278   1.00 8.74  ? 150 GLY A C   1 
ATOM   1197 O  O   . GLY A 1 151 ? -11.765 -18.523 4.813   1.00 9.72  ? 150 GLY A O   1 
ATOM   1198 N  N   . TYR A 1 152 ? -9.887  -17.284 4.809   1.00 7.03  ? 151 TYR A N   1 
ATOM   1199 C  CA  . TYR A 1 152 ? -10.334 -16.396 3.740   1.00 8.44  ? 151 TYR A CA  1 
ATOM   1200 C  C   . TYR A 1 152 ? -9.657  -16.745 2.412   1.00 10.36 ? 151 TYR A C   1 
ATOM   1201 O  O   . TYR A 1 152 ? -8.430  -16.854 2.341   1.00 9.54  ? 151 TYR A O   1 
ATOM   1202 C  CB  . TYR A 1 152 ? -10.038 -14.940 4.129   1.00 7.48  ? 151 TYR A CB  1 
ATOM   1203 C  CG  . TYR A 1 152 ? -10.439 -13.901 3.100   1.00 8.28  ? 151 TYR A CG  1 
ATOM   1204 C  CD1 . TYR A 1 152 ? -11.723 -13.882 2.553   1.00 9.20  ? 151 TYR A CD1 1 
ATOM   1205 C  CD2 . TYR A 1 152 ? -9.538  -12.918 2.689   1.00 8.46  ? 151 TYR A CD2 1 
ATOM   1206 C  CE1 . TYR A 1 152 ? -12.099 -12.910 1.630   1.00 8.98  ? 151 TYR A CE1 1 
ATOM   1207 C  CE2 . TYR A 1 152 ? -9.905  -11.939 1.765   1.00 8.21  ? 151 TYR A CE2 1 
ATOM   1208 C  CZ  . TYR A 1 152 ? -11.184 -11.943 1.239   1.00 10.09 ? 151 TYR A CZ  1 
ATOM   1209 O  OH  . TYR A 1 152 ? -11.546 -10.984 0.320   1.00 9.44  ? 151 TYR A OH  1 
ATOM   1210 N  N   . GLN A 1 153 ? -10.462 -16.895 1.361   1.00 11.42 ? 152 GLN A N   1 
ATOM   1211 C  CA  . GLN A 1 153 ? -9.944  -17.235 0.040   1.00 16.03 ? 152 GLN A CA  1 
ATOM   1212 C  C   . GLN A 1 153 ? -9.045  -16.150 -0.538  1.00 16.19 ? 152 GLN A C   1 
ATOM   1213 O  O   . GLN A 1 153 ? -8.077  -16.447 -1.237  1.00 18.99 ? 152 GLN A O   1 
ATOM   1214 C  CB  . GLN A 1 153 ? -11.085 -17.505 -0.941  1.00 19.08 ? 152 GLN A CB  1 
ATOM   1215 C  CG  . GLN A 1 153 ? -10.593 -17.882 -2.335  1.00 24.85 ? 152 GLN A CG  1 
ATOM   1216 C  CD  . GLN A 1 153 ? -11.715 -18.037 -3.334  1.00 29.05 ? 152 GLN A CD  1 
ATOM   1217 O  OE1 . GLN A 1 153 ? -12.712 -17.315 -3.282  1.00 32.76 ? 152 GLN A OE1 1 
ATOM   1218 N  NE2 . GLN A 1 153 ? -11.556 -18.977 -4.262  1.00 31.72 ? 152 GLN A NE2 1 
ATOM   1219 N  N   . GLY A 1 154 ? -9.384  -14.896 -0.261  1.00 16.28 ? 153 GLY A N   1 
ATOM   1220 C  CA  . GLY A 1 154 ? -8.600  -13.789 -0.774  1.00 15.00 ? 153 GLY A CA  1 
ATOM   1221 C  C   . GLY A 1 154 ? -8.771  -13.617 -2.269  1.00 14.80 ? 153 GLY A C   1 
ATOM   1222 O  O   . GLY A 1 154 ? -9.798  -14.076 -2.816  1.00 15.48 ? 153 GLY A O   1 
ATOM   1223 O  OXT . GLY A 1 154 ? -7.875  -13.022 -2.899  1.00 13.63 ? 153 GLY A OXT 1 
HETATM 1224 C  C1  . GLC B 2 .   ? 2.722   -11.449 -8.385  0.68 17.78 ? 1   GLC B C1  1 
HETATM 1225 C  C2  . GLC B 2 .   ? 3.574   -12.757 -8.392  0.68 18.18 ? 1   GLC B C2  1 
HETATM 1226 C  C3  . GLC B 2 .   ? 2.634   -13.945 -8.164  0.68 17.74 ? 1   GLC B C3  1 
HETATM 1227 C  C4  . GLC B 2 .   ? 1.938   -13.717 -6.820  0.68 16.71 ? 1   GLC B C4  1 
HETATM 1228 C  C5  . GLC B 2 .   ? 1.105   -12.418 -6.827  0.68 14.95 ? 1   GLC B C5  1 
HETATM 1229 C  C6  . GLC B 2 .   ? 0.668   -11.852 -5.495  0.68 13.59 ? 1   GLC B C6  1 
HETATM 1230 O  O2  . GLC B 2 .   ? 4.260   -12.976 -9.646  0.68 20.31 ? 1   GLC B O2  1 
HETATM 1231 O  O3  . GLC B 2 .   ? 3.352   -15.180 -7.982  0.68 18.48 ? 1   GLC B O3  1 
HETATM 1232 O  O4  . GLC B 2 .   ? 1.045   -14.752 -6.555  0.68 17.42 ? 1   GLC B O4  1 
HETATM 1233 O  O5  . GLC B 2 .   ? 2.047   -11.303 -7.100  0.68 14.79 ? 1   GLC B O5  1 
HETATM 1234 O  O6  . GLC B 2 .   ? -0.226  -10.779 -5.533  0.68 6.65  ? 1   GLC B O6  1 
HETATM 1235 C  C1  . GLC B 2 .   ? 0.931   -10.417 -9.821  0.68 22.58 ? 2   GLC B C1  1 
HETATM 1236 C  C2  . GLC B 2 .   ? -0.283  -10.871 -10.697 0.68 23.25 ? 2   GLC B C2  1 
HETATM 1237 C  C3  . GLC B 2 .   ? 0.255   -11.479 -11.999 0.68 23.66 ? 2   GLC B C3  1 
HETATM 1238 C  C4  . GLC B 2 .   ? 1.098   -10.396 -12.690 0.68 23.89 ? 2   GLC B C4  1 
HETATM 1239 C  C5  . GLC B 2 .   ? 2.287   -9.970  -11.812 0.68 23.62 ? 2   GLC B C5  1 
HETATM 1240 C  C6  . GLC B 2 .   ? 2.994   -8.685  -12.166 0.68 23.35 ? 2   GLC B C6  1 
HETATM 1241 O  O1  . GLC B 2 .   ? 1.699   -11.555 -9.393  0.68 21.56 ? 2   GLC B O1  1 
HETATM 1242 O  O2  . GLC B 2 .   ? -1.102  -11.872 -10.050 0.68 22.15 ? 2   GLC B O2  1 
HETATM 1243 O  O3  . GLC B 2 .   ? -0.801  -11.761 -12.941 0.68 24.83 ? 2   GLC B O3  1 
HETATM 1244 O  O4  . GLC B 2 .   ? 1.648   -10.883 -13.874 0.68 23.37 ? 2   GLC B O4  1 
HETATM 1245 O  O5  . GLC B 2 .   ? 1.719   -9.429  -10.545 0.68 23.12 ? 2   GLC B O5  1 
HETATM 1246 O  O6  . GLC B 2 .   ? 4.146   -8.390  -11.428 0.68 23.08 ? 2   GLC B O6  1 
HETATM 1247 S  S   . SO4 C 3 .   ? 23.009  -9.680  1.317   1.00 24.90 ? 347 SO4 A S   1 
HETATM 1248 O  O1  . SO4 C 3 .   ? 23.911  -9.419  0.218   1.00 25.95 ? 347 SO4 A O1  1 
HETATM 1249 O  O2  . SO4 C 3 .   ? 23.073  -11.094 1.602   1.00 21.68 ? 347 SO4 A O2  1 
HETATM 1250 O  O3  . SO4 C 3 .   ? 21.706  -9.348  0.924   1.00 22.90 ? 347 SO4 A O3  1 
HETATM 1251 O  O4  . SO4 C 3 .   ? 23.365  -8.841  2.469   1.00 21.53 ? 347 SO4 A O4  1 
HETATM 1252 S  S   . SO4 D 3 .   ? 18.387  2.522   -12.724 1.00 57.39 ? 348 SO4 A S   1 
HETATM 1253 O  O1  . SO4 D 3 .   ? 19.545  2.176   -13.504 1.00 58.25 ? 348 SO4 A O1  1 
HETATM 1254 O  O2  . SO4 D 3 .   ? 17.853  1.331   -12.167 1.00 56.22 ? 348 SO4 A O2  1 
HETATM 1255 O  O3  . SO4 D 3 .   ? 17.397  3.149   -13.543 1.00 57.85 ? 348 SO4 A O3  1 
HETATM 1256 O  O4  . SO4 D 3 .   ? 18.749  3.444   -11.688 1.00 57.93 ? 348 SO4 A O4  1 
HETATM 1257 C  CHA . HEM E 4 .   ? -8.272  -0.169  7.205   1.00 5.43  ? 154 HEM A CHA 1 
HETATM 1258 C  CHB . HEM E 4 .   ? -3.643  -0.862  6.077   1.00 6.63  ? 154 HEM A CHB 1 
HETATM 1259 C  CHC . HEM E 4 .   ? -4.908  -2.259  1.654   1.00 5.80  ? 154 HEM A CHC 1 
HETATM 1260 C  CHD . HEM E 4 .   ? -9.550  -1.609  2.801   1.00 5.84  ? 154 HEM A CHD 1 
HETATM 1261 C  C1A . HEM E 4 .   ? -6.890  -0.248  7.290   1.00 6.02  ? 154 HEM A C1A 1 
HETATM 1262 C  C2A . HEM E 4 .   ? -6.109  0.065   8.473   1.00 5.70  ? 154 HEM A C2A 1 
HETATM 1263 C  C3A . HEM E 4 .   ? -4.804  -0.114  8.142   1.00 5.69  ? 154 HEM A C3A 1 
HETATM 1264 C  C4A . HEM E 4 .   ? -4.794  -0.544  6.763   1.00 5.98  ? 154 HEM A C4A 1 
HETATM 1265 C  CMA . HEM E 4 .   ? -3.604  0.031   9.059   1.00 4.75  ? 154 HEM A CMA 1 
HETATM 1266 C  CAA . HEM E 4 .   ? -6.663  0.400   9.857   1.00 7.31  ? 154 HEM A CAA 1 
HETATM 1267 C  CBA . HEM E 4 .   ? -6.624  -0.768  10.845  1.00 8.86  ? 154 HEM A CBA 1 
HETATM 1268 C  CGA . HEM E 4 .   ? -7.293  -2.027  10.301  1.00 10.07 ? 154 HEM A CGA 1 
HETATM 1269 O  O1A . HEM E 4 .   ? -8.531  -2.028  10.111  1.00 9.99  ? 154 HEM A O1A 1 
HETATM 1270 O  O2A . HEM E 4 .   ? -6.572  -3.014  10.059  1.00 10.12 ? 154 HEM A O2A 1 
HETATM 1271 C  C1B . HEM E 4 .   ? -3.576  -1.362  4.796   1.00 6.70  ? 154 HEM A C1B 1 
HETATM 1272 C  C2B . HEM E 4 .   ? -2.319  -1.652  4.105   1.00 6.46  ? 154 HEM A C2B 1 
HETATM 1273 C  C3B . HEM E 4 .   ? -2.676  -2.072  2.846   1.00 7.12  ? 154 HEM A C3B 1 
HETATM 1274 C  C4B . HEM E 4 .   ? -4.150  -2.016  2.798   1.00 6.22  ? 154 HEM A C4B 1 
HETATM 1275 C  CMB . HEM E 4 .   ? -0.910  -1.551  4.716   1.00 4.63  ? 154 HEM A CMB 1 
HETATM 1276 C  CAB . HEM E 4 .   ? -1.864  -2.467  1.772   1.00 6.44  ? 154 HEM A CAB 1 
HETATM 1277 C  CBB . HEM E 4 .   ? -0.672  -1.788  1.322   1.00 7.21  ? 154 HEM A CBB 1 
HETATM 1278 C  C1C . HEM E 4 .   ? -6.296  -2.143  1.565   1.00 6.53  ? 154 HEM A C1C 1 
HETATM 1279 C  C2C . HEM E 4 .   ? -7.046  -2.227  0.309   1.00 6.28  ? 154 HEM A C2C 1 
HETATM 1280 C  C3C . HEM E 4 .   ? -8.371  -2.013  0.634   1.00 6.83  ? 154 HEM A C3C 1 
HETATM 1281 C  C4C . HEM E 4 .   ? -8.401  -1.840  2.079   1.00 6.37  ? 154 HEM A C4C 1 
HETATM 1282 C  CMC . HEM E 4 .   ? -6.416  -2.459  -1.064  1.00 6.43  ? 154 HEM A CMC 1 
HETATM 1283 C  CAC . HEM E 4 .   ? -9.525  -1.874  -0.162  1.00 8.24  ? 154 HEM A CAC 1 
HETATM 1284 C  CBC . HEM E 4 .   ? -9.696  -2.158  -1.571  1.00 9.47  ? 154 HEM A CBC 1 
HETATM 1285 C  C1D . HEM E 4 .   ? -9.606  -1.224  4.120   1.00 6.05  ? 154 HEM A C1D 1 
HETATM 1286 C  C2D . HEM E 4 .   ? -10.824 -0.801  4.777   1.00 5.79  ? 154 HEM A C2D 1 
HETATM 1287 C  C3D . HEM E 4 .   ? -10.448 -0.300  5.973   1.00 6.60  ? 154 HEM A C3D 1 
HETATM 1288 C  C4D . HEM E 4 .   ? -9.018  -0.496  6.089   1.00 4.94  ? 154 HEM A C4D 1 
HETATM 1289 C  CMD . HEM E 4 .   ? -12.244 -0.887  4.220   1.00 7.92  ? 154 HEM A CMD 1 
HETATM 1290 C  CAD . HEM E 4 .   ? -11.329 0.471   6.948   1.00 8.96  ? 154 HEM A CAD 1 
HETATM 1291 C  CBD . HEM E 4 .   ? -11.302 1.969   6.669   1.00 10.84 ? 154 HEM A CBD 1 
HETATM 1292 C  CGD . HEM E 4 .   ? -12.124 2.765   7.666   1.00 15.40 ? 154 HEM A CGD 1 
HETATM 1293 O  O1D . HEM E 4 .   ? -13.303 3.048   7.382   1.00 17.39 ? 154 HEM A O1D 1 
HETATM 1294 O  O2D . HEM E 4 .   ? -11.593 3.108   8.740   1.00 16.96 ? 154 HEM A O2D 1 
HETATM 1295 N  NA  . HEM E 4 .   ? -6.080  -0.644  6.240   1.00 6.60  ? 154 HEM A NA  1 
HETATM 1296 N  NB  . HEM E 4 .   ? -4.689  -1.596  4.006   1.00 6.65  ? 154 HEM A NB  1 
HETATM 1297 N  NC  . HEM E 4 .   ? -7.121  -1.859  2.635   1.00 5.95  ? 154 HEM A NC  1 
HETATM 1298 N  ND  . HEM E 4 .   ? -8.509  -1.018  4.919   1.00 5.87  ? 154 HEM A ND  1 
HETATM 1299 FE FE  . HEM E 4 .   ? -6.631  -1.288  4.442   1.00 7.05  ? 154 HEM A FE  1 
HETATM 1300 C  C   . CMO F 5 .   ? -6.657  0.398   3.681   1.00 9.46  ? 155 CMO A C   1 
HETATM 1301 O  O   . CMO F 5 .   ? -6.912  1.442   3.347   1.00 10.46 ? 155 CMO A O   1 
HETATM 1302 O  O   . HOH G 6 .   ? -2.802  10.472  -8.222  1.00 11.09 ? 156 HOH A O   1 
HETATM 1303 O  O   . HOH G 6 .   ? -3.817  0.832   -9.083  1.00 12.29 ? 157 HOH A O   1 
HETATM 1304 O  O   . HOH G 6 .   ? -14.899 -2.600  6.561   1.00 17.78 ? 158 HOH A O   1 
HETATM 1305 O  O   . HOH G 6 .   ? 9.116   -12.490 4.940   1.00 9.71  ? 159 HOH A O   1 
HETATM 1306 O  O   . HOH G 6 .   ? -9.602  -7.453  13.534  1.00 14.60 ? 160 HOH A O   1 
HETATM 1307 O  O   . HOH G 6 .   ? 3.615   -4.928  -6.753  1.00 6.41  ? 161 HOH A O   1 
HETATM 1308 O  O   . HOH G 6 .   ? 3.804   -7.711  -8.655  1.00 11.38 ? 162 HOH A O   1 
HETATM 1309 O  O   . HOH G 6 .   ? 11.645  -12.821 3.631   1.00 10.24 ? 163 HOH A O   1 
HETATM 1310 O  O   . HOH G 6 .   ? 13.142  -10.625 2.463   1.00 7.34  ? 164 HOH A O   1 
HETATM 1311 O  O   . HOH G 6 .   ? 15.716  -10.151 3.360   1.00 7.94  ? 165 HOH A O   1 
HETATM 1312 O  O   . HOH G 6 .   ? 16.262  -8.553  5.615   1.00 6.65  ? 166 HOH A O   1 
HETATM 1313 O  O   . HOH G 6 .   ? 13.199  12.656  -7.547  1.00 7.74  ? 167 HOH A O   1 
HETATM 1314 O  O   . HOH G 6 .   ? 13.229  11.169  -5.157  1.00 6.21  ? 168 HOH A O   1 
HETATM 1315 O  O   . HOH G 6 .   ? 11.044  14.087  -5.889  1.00 7.79  ? 169 HOH A O   1 
HETATM 1316 O  O   . HOH G 6 .   ? 14.933  13.924  -9.221  1.00 8.53  ? 170 HOH A O   1 
HETATM 1317 O  O   . HOH G 6 .   ? 16.199  -3.237  -13.482 1.00 17.85 ? 171 HOH A O   1 
HETATM 1318 O  O   . HOH G 6 .   ? 15.628  4.196   -4.023  1.00 7.24  ? 172 HOH A O   1 
HETATM 1319 O  O   . HOH G 6 .   ? 18.904  -7.458  5.225   1.00 10.66 ? 173 HOH A O   1 
HETATM 1320 O  O   . HOH G 6 .   ? 8.960   -6.368  5.130   1.00 5.45  ? 174 HOH A O   1 
HETATM 1321 O  O   . HOH G 6 .   ? 17.198  2.546   -9.506  1.00 9.37  ? 175 HOH A O   1 
HETATM 1322 O  O   . HOH G 6 .   ? -19.853 6.757   2.472   1.00 15.07 ? 176 HOH A O   1 
HETATM 1323 O  O   . HOH G 6 .   ? 2.179   13.717  6.814   1.00 6.62  ? 177 HOH A O   1 
HETATM 1324 O  O   . HOH G 6 .   ? 16.722  2.937   -16.122 1.00 30.43 ? 178 HOH A O   1 
HETATM 1325 O  O   . HOH G 6 .   ? 2.654   16.184  5.571   1.00 6.66  ? 179 HOH A O   1 
HETATM 1326 O  O   . HOH G 6 .   ? -3.163  10.453  2.809   1.00 7.01  ? 180 HOH A O   1 
HETATM 1327 O  O   . HOH G 6 .   ? -13.530 14.425  5.983   1.00 15.50 ? 181 HOH A O   1 
HETATM 1328 O  O   . HOH G 6 .   ? -0.751  2.963   11.036  1.00 12.73 ? 182 HOH A O   1 
HETATM 1329 O  O   . HOH G 6 .   ? 6.073   3.744   9.137   1.00 6.84  ? 183 HOH A O   1 
HETATM 1330 O  O   . HOH G 6 .   ? 6.983   14.739  -10.341 1.00 8.68  ? 184 HOH A O   1 
HETATM 1331 O  O   . HOH G 6 .   ? 6.370   5.492   7.028   1.00 7.03  ? 185 HOH A O   1 
HETATM 1332 O  O   . HOH G 6 .   ? 9.023   -1.341  11.812  1.00 9.14  ? 186 HOH A O   1 
HETATM 1333 O  O   . HOH G 6 .   ? 2.564   -2.310  10.385  1.00 7.41  ? 187 HOH A O   1 
HETATM 1334 O  O   . HOH G 6 .   ? 7.587   -8.933  13.256  1.00 13.84 ? 188 HOH A O   1 
HETATM 1335 O  O   . HOH G 6 .   ? 0.404   -3.925  11.173  1.00 12.54 ? 189 HOH A O   1 
HETATM 1336 O  O   . HOH G 6 .   ? -7.656  -12.043 -5.377  1.00 12.46 ? 190 HOH A O   1 
HETATM 1337 O  O   . HOH G 6 .   ? 18.272  4.855   -6.136  1.00 29.08 ? 191 HOH A O   1 
HETATM 1338 O  O   . HOH G 6 .   ? -0.831  -20.491 5.040   1.00 19.03 ? 192 HOH A O   1 
HETATM 1339 O  O   . HOH G 6 .   ? 16.401  -4.168  -8.027  1.00 15.98 ? 193 HOH A O   1 
HETATM 1340 O  O   . HOH G 6 .   ? 12.285  1.357   -4.206  1.00 13.18 ? 194 HOH A O   1 
HETATM 1341 O  O   . HOH G 6 .   ? -14.645 15.795  0.413   1.00 20.94 ? 195 HOH A O   1 
HETATM 1342 O  O   . HOH G 6 .   ? 5.341   16.754  6.362   1.00 6.65  ? 196 HOH A O   1 
HETATM 1343 O  O   . HOH G 6 .   ? -7.754  13.398  0.974   1.00 9.56  ? 197 HOH A O   1 
HETATM 1344 O  O   . HOH G 6 .   ? -13.595 6.338   -8.758  1.00 20.62 ? 198 HOH A O   1 
HETATM 1345 O  O   . HOH G 6 .   ? -10.363 19.264  -3.782  1.00 12.92 ? 199 HOH A O   1 
HETATM 1346 O  O   . HOH G 6 .   ? 1.352   -17.141 -0.112  1.00 11.85 ? 200 HOH A O   1 
HETATM 1347 O  O   . HOH G 6 .   ? -9.979  -3.090  -12.390 1.00 20.59 ? 201 HOH A O   1 
HETATM 1348 O  O   . HOH G 6 .   ? 22.904  -6.855  -0.940  1.00 12.57 ? 202 HOH A O   1 
HETATM 1349 O  O   . HOH G 6 .   ? 14.950  -0.885  8.743   1.00 16.67 ? 203 HOH A O   1 
HETATM 1350 O  O   . HOH G 6 .   ? 2.199   -15.384 6.371   1.00 16.74 ? 204 HOH A O   1 
HETATM 1351 O  O   . HOH G 6 .   ? -14.625 2.524   5.130   1.00 14.58 ? 205 HOH A O   1 
HETATM 1352 O  O   . HOH G 6 .   ? -6.834  -6.754  13.546  1.00 12.10 ? 206 HOH A O   1 
HETATM 1353 O  O   . HOH G 6 .   ? 7.977   3.636   11.083  1.00 8.53  ? 207 HOH A O   1 
HETATM 1354 O  O   . HOH G 6 .   ? 14.136  -6.509  10.718  1.00 11.15 ? 208 HOH A O   1 
HETATM 1355 O  O   . HOH G 6 .   ? 16.774  5.045   -8.720  1.00 12.24 ? 209 HOH A O   1 
HETATM 1356 O  O   . HOH G 6 .   ? -4.236  -3.587  11.293  1.00 11.97 ? 210 HOH A O   1 
HETATM 1357 O  O   . HOH G 6 .   ? -15.176 -3.651  3.294   1.00 12.29 ? 211 HOH A O   1 
HETATM 1358 O  O   . HOH G 6 .   ? 4.817   16.585  -0.994  1.00 14.01 ? 212 HOH A O   1 
HETATM 1359 O  O   . HOH G 6 .   ? 7.427   -7.095  2.507   1.00 12.98 ? 213 HOH A O   1 
HETATM 1360 O  O   . HOH G 6 .   ? 8.634   1.284   12.300  1.00 14.69 ? 214 HOH A O   1 
HETATM 1361 O  O   . HOH G 6 .   ? -2.670  -19.046 12.038  1.00 14.69 ? 215 HOH A O   1 
HETATM 1362 O  O   . HOH G 6 .   ? 2.625   0.705   -11.218 1.00 12.67 ? 216 HOH A O   1 
HETATM 1363 O  O   . HOH G 6 .   ? -10.241 0.020   10.839  1.00 14.87 ? 217 HOH A O   1 
HETATM 1364 O  O   . HOH G 6 .   ? 14.905  -6.459  -7.237  1.00 14.36 ? 218 HOH A O   1 
HETATM 1365 O  O   . HOH G 6 .   ? 21.013  -0.410  -2.713  1.00 15.71 ? 219 HOH A O   1 
HETATM 1366 O  O   . HOH G 6 .   ? 2.603   -0.725  12.718  1.00 24.52 ? 220 HOH A O   1 
HETATM 1367 O  O   . HOH G 6 .   ? -21.861 9.145   -4.351  1.00 14.31 ? 221 HOH A O   1 
HETATM 1368 O  O   . HOH G 6 .   ? -9.320  2.421   9.938   1.00 25.11 ? 222 HOH A O   1 
HETATM 1369 O  O   . HOH G 6 .   ? -2.418  2.560   -10.696 1.00 25.16 ? 223 HOH A O   1 
HETATM 1370 O  O   . HOH G 6 .   ? 1.260   15.166  -6.779  1.00 25.95 ? 224 HOH A O   1 
HETATM 1371 O  O   . HOH G 6 .   ? -1.628  0.102   12.144  1.00 17.94 ? 225 HOH A O   1 
HETATM 1372 O  O   . HOH G 6 .   ? -0.952  -18.883 0.324   1.00 22.09 ? 226 HOH A O   1 
HETATM 1373 O  O   . HOH G 6 .   ? 1.864   2.228   11.993  1.00 17.48 ? 227 HOH A O   1 
HETATM 1374 O  O   . HOH G 6 .   ? 0.777   -9.069  16.126  1.00 19.69 ? 228 HOH A O   1 
HETATM 1375 O  O   . HOH G 6 .   ? -15.560 -4.052  -4.507  1.00 17.50 ? 229 HOH A O   1 
HETATM 1376 O  O   . HOH G 6 .   ? -11.212 -5.636  12.330  1.00 13.38 ? 230 HOH A O   1 
HETATM 1377 O  O   . HOH G 6 .   ? 11.690  -1.610  12.520  1.00 19.67 ? 231 HOH A O   1 
HETATM 1378 O  O   . HOH G 6 .   ? 21.915  -6.913  -4.378  1.00 27.14 ? 232 HOH A O   1 
HETATM 1379 O  O   . HOH G 6 .   ? -7.577  -22.174 4.051   1.00 26.17 ? 233 HOH A O   1 
HETATM 1380 O  O   . HOH G 6 .   ? -10.164 -3.047  12.040  1.00 16.08 ? 234 HOH A O   1 
HETATM 1381 O  O   . HOH G 6 .   ? -1.851  -2.395  10.695  1.00 15.43 ? 235 HOH A O   1 
HETATM 1382 O  O   . HOH G 6 .   ? -11.548 -6.434  -10.037 1.00 16.30 ? 236 HOH A O   1 
HETATM 1383 O  O   . HOH G 6 .   ? 13.749  -7.770  13.190  1.00 23.44 ? 237 HOH A O   1 
HETATM 1384 O  O   . HOH G 6 .   ? 7.010   -2.384  13.584  1.00 16.98 ? 238 HOH A O   1 
HETATM 1385 O  O   . HOH G 6 .   ? 3.082   13.083  -9.387  1.00 22.30 ? 239 HOH A O   1 
HETATM 1386 O  O   . HOH G 6 .   ? -4.087  9.566   -10.661 1.00 19.79 ? 240 HOH A O   1 
HETATM 1387 O  O   . HOH G 6 .   ? -1.150  1.904   -13.032 1.00 18.49 ? 241 HOH A O   1 
HETATM 1388 O  O   . HOH G 6 .   ? -13.802 -11.348 -1.020  1.00 18.97 ? 242 HOH A O   1 
HETATM 1389 O  O   . HOH G 6 .   ? -13.984 -13.296 5.078   1.00 14.70 ? 243 HOH A O   1 
HETATM 1390 O  O   . HOH G 6 .   ? 17.387  7.442   -10.408 1.00 33.00 ? 244 HOH A O   1 
HETATM 1391 O  O   . HOH G 6 .   ? -5.199  -22.290 10.116  1.00 21.71 ? 245 HOH A O   1 
HETATM 1392 O  O   . HOH G 6 .   ? 16.602  12.177  3.912   0.50 13.70 ? 246 HOH A O   1 
HETATM 1393 O  O   . HOH G 6 .   ? 4.029   7.183   -13.077 1.00 13.79 ? 247 HOH A O   1 
HETATM 1394 O  O   . HOH G 6 .   ? -7.225  5.917   9.749   1.00 13.36 ? 248 HOH A O   1 
HETATM 1395 O  O   . HOH G 6 .   ? -5.883  -8.829  15.268  1.00 16.90 ? 249 HOH A O   1 
HETATM 1396 O  O   . HOH G 6 .   ? -3.868  9.113   10.612  1.00 14.96 ? 250 HOH A O   1 
HETATM 1397 O  O   . HOH G 6 .   ? 7.414   15.465  -0.316  1.00 24.08 ? 251 HOH A O   1 
HETATM 1398 O  O   . HOH G 6 .   ? 7.989   18.071  0.956   0.50 10.59 ? 252 HOH A O   1 
HETATM 1399 O  O   . HOH G 6 .   ? -9.429  -9.589  16.853  1.00 16.46 ? 253 HOH A O   1 
HETATM 1400 O  O   . HOH G 6 .   ? -13.326 -17.072 1.576   1.00 16.73 ? 254 HOH A O   1 
HETATM 1401 O  O   . HOH G 6 .   ? -16.488 2.959   -7.135  1.00 17.69 ? 255 HOH A O   1 
HETATM 1402 O  O   . HOH G 6 .   ? -12.709 -16.970 7.672   1.00 19.52 ? 256 HOH A O   1 
HETATM 1403 O  O   . HOH G 6 .   ? -17.664 -7.902  7.535   1.00 18.23 ? 257 HOH A O   1 
HETATM 1404 O  O   . HOH G 6 .   ? 8.032   -15.581 3.154   1.00 24.40 ? 258 HOH A O   1 
HETATM 1405 O  O   . HOH G 6 .   ? 1.137   18.517  5.861   1.00 19.34 ? 259 HOH A O   1 
HETATM 1406 O  O   . HOH G 6 .   ? 10.366  -13.760 7.895   1.00 22.98 ? 260 HOH A O   1 
HETATM 1407 O  O   . HOH G 6 .   ? 15.387  -10.208 13.278  1.00 25.23 ? 261 HOH A O   1 
HETATM 1408 O  O   . HOH G 6 .   ? 5.957   16.100  -12.803 1.00 21.64 ? 262 HOH A O   1 
HETATM 1409 O  O   . HOH G 6 .   ? 23.124  -1.635  4.038   1.00 30.96 ? 263 HOH A O   1 
HETATM 1410 O  O   . HOH G 6 .   ? -17.240 -6.291  1.291   1.00 21.76 ? 264 HOH A O   1 
HETATM 1411 O  O   . HOH G 6 .   ? -18.999 17.592  -2.679  1.00 21.74 ? 265 HOH A O   1 
HETATM 1412 O  O   . HOH G 6 .   ? 6.250   -13.519 7.339   1.00 17.73 ? 266 HOH A O   1 
HETATM 1413 O  O   . HOH G 6 .   ? -3.183  -13.097 -7.496  1.00 25.45 ? 267 HOH A O   1 
HETATM 1414 O  O   . HOH G 6 .   ? 8.896   9.469   -13.785 1.00 19.57 ? 268 HOH A O   1 
HETATM 1415 O  O   . HOH G 6 .   ? -0.148  10.616  -9.262  1.00 16.33 ? 269 HOH A O   1 
HETATM 1416 O  O   . HOH G 6 .   ? -1.054  15.250  -2.590  1.00 20.79 ? 270 HOH A O   1 
HETATM 1417 O  O   . HOH G 6 .   ? 1.531   1.562   -13.719 1.00 25.58 ? 271 HOH A O   1 
HETATM 1418 O  O   . HOH G 6 .   ? 1.928   11.327  -7.685  1.00 25.13 ? 272 HOH A O   1 
HETATM 1419 O  O   . HOH G 6 .   ? 6.413   1.351   14.334  1.00 23.07 ? 273 HOH A O   1 
HETATM 1420 O  O   . HOH G 6 .   ? 14.515  -3.794  11.062  1.00 24.09 ? 274 HOH A O   1 
HETATM 1421 O  O   . HOH G 6 .   ? 2.554   -3.624  -9.280  1.00 25.13 ? 275 HOH A O   1 
HETATM 1422 O  O   . HOH G 6 .   ? -8.149  4.007   11.865  1.00 28.33 ? 276 HOH A O   1 
HETATM 1423 O  O   . HOH G 6 .   ? -14.900 11.928  3.772   1.00 21.79 ? 277 HOH A O   1 
HETATM 1424 O  O   . HOH G 6 .   ? 13.179  4.843   5.257   1.00 29.70 ? 278 HOH A O   1 
HETATM 1425 O  O   . HOH G 6 .   ? 0.615   -3.346  14.103  1.00 21.15 ? 279 HOH A O   1 
HETATM 1426 O  O   . HOH G 6 .   ? 11.567  -13.505 11.183  1.00 31.31 ? 280 HOH A O   1 
HETATM 1427 O  O   . HOH G 6 .   ? 1.508   9.026   -10.746 1.00 25.69 ? 281 HOH A O   1 
HETATM 1428 O  O   . HOH G 6 .   ? 22.994  -0.589  -0.384  1.00 29.44 ? 282 HOH A O   1 
HETATM 1429 O  O   . HOH G 6 .   ? 4.372   -16.864 4.678   1.00 28.72 ? 283 HOH A O   1 
HETATM 1430 O  O   . HOH G 6 .   ? -3.141  11.700  10.529  1.00 15.92 ? 284 HOH A O   1 
HETATM 1431 O  O   . HOH G 6 .   ? 8.282   12.056  -12.981 1.00 17.86 ? 285 HOH A O   1 
HETATM 1432 O  O   . HOH G 6 .   ? -10.070 8.687   8.676   1.00 17.99 ? 286 HOH A O   1 
HETATM 1433 O  O   . HOH G 6 .   ? 9.215   -11.186 -3.293  1.00 19.83 ? 287 HOH A O   1 
HETATM 1434 O  O   . HOH G 6 .   ? -15.616 -0.256  5.043   1.00 19.89 ? 288 HOH A O   1 
HETATM 1435 O  O   . HOH G 6 .   ? -0.281  6.599   11.637  1.00 19.20 ? 289 HOH A O   1 
HETATM 1436 O  O   . HOH G 6 .   ? 20.897  -11.596 -0.182  1.00 21.17 ? 290 HOH A O   1 
HETATM 1437 O  O   . HOH G 6 .   ? 4.573   3.001   12.766  1.00 28.38 ? 291 HOH A O   1 
HETATM 1438 O  O   . HOH G 6 .   ? 25.260  -6.605  2.626   1.00 26.66 ? 292 HOH A O   1 
HETATM 1439 O  O   . HOH G 6 .   ? -16.616 13.741  2.308   1.00 24.47 ? 293 HOH A O   1 
HETATM 1440 O  O   . HOH G 6 .   ? -8.933  20.306  -1.605  1.00 24.92 ? 294 HOH A O   1 
HETATM 1441 O  O   . HOH G 6 .   ? -19.926 -7.639  5.021   1.00 24.19 ? 295 HOH A O   1 
HETATM 1442 O  O   . HOH G 6 .   ? 3.552   -13.284 7.873   1.00 20.30 ? 296 HOH A O   1 
HETATM 1443 O  O   . HOH G 6 .   ? 12.792  12.806  3.130   1.00 28.30 ? 297 HOH A O   1 
HETATM 1444 O  O   . HOH G 6 .   ? -12.585 -1.343  -13.022 1.00 26.27 ? 298 HOH A O   1 
HETATM 1445 O  O   . HOH G 6 .   ? 8.014   -7.871  16.608  1.00 45.62 ? 299 HOH A O   1 
HETATM 1446 O  O   . HOH G 6 .   ? -16.920 -6.241  4.123   1.00 25.81 ? 300 HOH A O   1 
HETATM 1447 O  O   . HOH G 6 .   ? 17.704  -0.859  7.758   1.00 39.82 ? 301 HOH A O   1 
HETATM 1448 O  O   . HOH G 6 .   ? 24.278  -4.777  0.367   1.00 28.22 ? 302 HOH A O   1 
HETATM 1449 O  O   . HOH G 6 .   ? 3.618   -12.627 -4.221  1.00 25.09 ? 303 HOH A O   1 
HETATM 1450 O  O   . HOH G 6 .   ? -10.292 -12.105 -6.575  1.00 31.02 ? 304 HOH A O   1 
HETATM 1451 O  O   . HOH G 6 .   ? -0.134  -21.188 2.304   1.00 25.83 ? 305 HOH A O   1 
HETATM 1452 O  O   . HOH G 6 .   ? 3.005   -15.108 11.560  1.00 24.01 ? 306 HOH A O   1 
HETATM 1453 O  O   . HOH G 6 .   ? 11.004  -8.318  14.095  1.00 30.54 ? 307 HOH A O   1 
HETATM 1454 O  O   . HOH G 6 .   ? -14.855 -9.175  -2.754  1.00 31.02 ? 308 HOH A O   1 
HETATM 1455 O  O   . HOH G 6 .   ? 0.236   17.220  2.134   1.00 28.21 ? 309 HOH A O   1 
HETATM 1456 O  O   . HOH G 6 .   ? 4.268   -12.306 15.726  1.00 34.17 ? 310 HOH A O   1 
HETATM 1457 O  O   . HOH G 6 .   ? -6.935  0.548   -14.965 1.00 35.47 ? 311 HOH A O   1 
HETATM 1458 O  O   . HOH G 6 .   ? -3.311  13.389  -7.807  1.00 37.76 ? 312 HOH A O   1 
HETATM 1459 O  O   . HOH G 6 .   ? -12.267 6.016   -13.012 1.00 30.04 ? 313 HOH A O   1 
HETATM 1460 O  O   . HOH G 6 .   ? 21.172  -2.240  7.396   1.00 33.26 ? 314 HOH A O   1 
HETATM 1461 O  O   . HOH G 6 .   ? -0.088  -14.672 -10.261 1.00 43.16 ? 315 HOH A O   1 
HETATM 1462 O  O   . HOH G 6 .   ? 1.587   -16.429 -3.061  1.00 43.56 ? 316 HOH A O   1 
HETATM 1463 O  O   . HOH G 6 .   ? 1.881   -12.884 10.174  1.00 38.40 ? 317 HOH A O   1 
HETATM 1464 O  O   . HOH G 6 .   ? -4.918  -7.364  -9.675  1.00 22.97 ? 318 HOH A O   1 
HETATM 1465 O  O   . HOH G 6 .   ? -4.446  -17.182 0.165   1.00 22.28 ? 319 HOH A O   1 
HETATM 1466 O  O   . HOH G 6 .   ? -6.778  -18.699 1.014   1.00 26.80 ? 320 HOH A O   1 
HETATM 1467 O  O   . HOH G 6 .   ? 7.371   9.701   -16.426 1.00 26.89 ? 321 HOH A O   1 
HETATM 1468 O  O   . HOH G 6 .   ? 12.032  -16.324 10.386  1.00 31.31 ? 322 HOH A O   1 
HETATM 1469 O  O   . HOH G 6 .   ? -5.250  18.347  0.914   1.00 30.78 ? 323 HOH A O   1 
HETATM 1470 O  O   . HOH G 6 .   ? 19.121  -4.179  -7.179  1.00 28.32 ? 324 HOH A O   1 
HETATM 1471 O  O   . HOH G 6 .   ? -6.019  2.449   12.892  1.00 44.68 ? 325 HOH A O   1 
HETATM 1472 O  O   . HOH G 6 .   ? 0.145   -5.175  -9.722  1.00 39.98 ? 326 HOH A O   1 
HETATM 1473 O  O   . HOH G 6 .   ? -3.912  5.981   12.809  1.00 37.63 ? 327 HOH A O   1 
HETATM 1474 O  O   . HOH G 6 .   ? 20.886  0.065   -8.325  1.00 35.42 ? 328 HOH A O   1 
HETATM 1475 O  O   . HOH G 6 .   ? -22.337 5.676   -1.751  1.00 28.60 ? 329 HOH A O   1 
HETATM 1476 O  O   . HOH G 6 .   ? 13.415  0.845   11.868  1.00 33.13 ? 330 HOH A O   1 
HETATM 1477 O  O   . HOH G 6 .   ? 20.410  -4.057  -4.737  1.00 32.54 ? 331 HOH A O   1 
HETATM 1478 O  O   . HOH G 6 .   ? -18.244 8.614   -9.241  1.00 34.28 ? 332 HOH A O   1 
HETATM 1479 O  O   . HOH G 6 .   ? -22.447 5.973   1.400   1.00 42.90 ? 333 HOH A O   1 
HETATM 1480 O  O   . HOH G 6 .   ? 1.719   16.157  -1.929  1.00 33.82 ? 334 HOH A O   1 
HETATM 1481 O  O   . HOH G 6 .   ? 3.648   -18.419 0.803   1.00 31.88 ? 335 HOH A O   1 
HETATM 1482 O  O   . HOH G 6 .   ? -7.372  -18.857 -2.175  1.00 39.75 ? 336 HOH A O   1 
HETATM 1483 O  O   . HOH G 6 .   ? -14.037 9.370   -8.809  1.00 38.10 ? 337 HOH A O   1 
HETATM 1484 O  O   . HOH G 6 .   ? -2.671  -4.473  -10.743 1.00 33.76 ? 338 HOH A O   1 
HETATM 1485 O  O   . HOH G 6 .   ? -2.422  -3.582  15.875  1.00 34.00 ? 339 HOH A O   1 
HETATM 1486 O  O   . HOH G 6 .   ? 11.178  2.556   12.901  1.00 43.50 ? 340 HOH A O   1 
HETATM 1487 O  O   . HOH G 6 .   ? 14.629  1.964   8.603   1.00 25.54 ? 341 HOH A O   1 
HETATM 1488 O  O   . HOH G 6 .   ? 4.483   15.314  -9.061  1.00 23.92 ? 342 HOH A O   1 
HETATM 1489 O  O   . HOH G 6 .   ? -4.928  -3.441  13.980  1.00 43.46 ? 343 HOH A O   1 
HETATM 1490 O  O   . HOH G 6 .   ? 15.004  7.609   -13.000 1.00 37.70 ? 344 HOH A O   1 
HETATM 1491 O  O   . HOH G 6 .   ? -13.114 4.120   10.914  1.00 44.69 ? 345 HOH A O   1 
HETATM 1492 O  O   . HOH G 6 .   ? -15.786 -12.883 0.650   1.00 48.15 ? 346 HOH A O   1 
# 
